data_2UX8
#
_entry.id   2UX8
#
_cell.length_a   105.600
_cell.length_b   85.700
_cell.length_c   151.800
_cell.angle_alpha   90.00
_cell.angle_beta   105.20
_cell.angle_gamma   90.00
#
_symmetry.space_group_name_H-M   'P 1 21 1'
#
loop_
_entity.id
_entity.type
_entity.pdbx_description
1 polymer 'GLUCOSE-1-PHOSPHATE URIDYLYLTRANSFERASE'
2 non-polymer 1-O-phosphono-alpha-D-glucopyranose
3 water water
#
_entity_poly.entity_id   1
_entity_poly.type   'polypeptide(L)'
_entity_poly.pdbx_seq_one_letter_code
;HHHHHHGSMTIKPLRKAVFPVAGLGTRFLPATKAMPKEMLPVVDRPLIQYAVDEAVEAGIEQMIFVTGRGKSALEDHFDI
AYELEATMAARGKSLDVLDGTRLKPGNIAYVRQQEPMGLGHAVWCARDIVGDEPFAVLLPDDFMFGQPGCLKQMVDAYNK
VGGNLICAEEVPDDQTHRYGIITPGTQDGVLTEVKGLVEKPAPGTAPSNLSVIGRYILQPEVMRILENQGKGAGGEIQLT
DAMQRMIGDQPFHGVTFQGTRYDCGDKAGFIQANLAVALSRPDLEPAVRAFAVKALG
;
_entity_poly.pdbx_strand_id   A,B,C,D,E,F,G,H
#
loop_
_chem_comp.id
_chem_comp.type
_chem_comp.name
_chem_comp.formula
G1P D-saccharide 1-O-phosphono-alpha-D-glucopyranose 'C6 H13 O9 P'
#
# COMPACT_ATOMS: atom_id res chain seq x y z
N THR A 10 2.05 39.51 36.43
CA THR A 10 1.29 38.56 35.58
C THR A 10 1.71 38.66 34.11
N ILE A 11 0.96 37.96 33.24
CA ILE A 11 1.21 37.97 31.80
C ILE A 11 -0.11 38.12 31.05
N LYS A 12 -0.23 39.20 30.27
CA LYS A 12 -1.45 39.41 29.48
C LYS A 12 -1.59 38.19 28.57
N PRO A 13 -2.65 37.38 28.78
CA PRO A 13 -2.97 36.17 28.05
C PRO A 13 -2.35 36.03 26.65
N LEU A 14 -3.14 36.34 25.64
CA LEU A 14 -2.73 36.27 24.23
C LEU A 14 -3.92 35.82 23.42
N ARG A 15 -4.60 36.77 22.80
CA ARG A 15 -5.77 36.45 21.99
C ARG A 15 -5.77 37.16 20.64
N LYS A 16 -4.60 37.55 20.16
CA LYS A 16 -4.50 38.24 18.87
C LYS A 16 -3.31 37.76 18.04
N ALA A 17 -3.54 37.57 16.73
CA ALA A 17 -2.47 37.13 15.84
C ALA A 17 -2.50 37.97 14.57
N VAL A 18 -1.30 38.32 14.10
CA VAL A 18 -1.15 39.11 12.89
C VAL A 18 -0.62 38.23 11.76
N PHE A 19 -1.27 38.27 10.60
CA PHE A 19 -0.86 37.48 9.44
C PHE A 19 -0.46 38.34 8.24
N PRO A 20 0.85 38.49 7.99
CA PRO A 20 1.27 39.30 6.84
C PRO A 20 1.00 38.50 5.56
N VAL A 21 0.00 38.93 4.81
CA VAL A 21 -0.39 38.25 3.59
C VAL A 21 -0.48 39.21 2.41
N ALA A 22 0.52 40.05 2.24
CA ALA A 22 0.50 41.01 1.13
C ALA A 22 1.67 40.84 0.15
N GLY A 23 2.30 39.67 0.16
CA GLY A 23 3.42 39.45 -0.75
C GLY A 23 3.00 39.11 -2.16
N LEU A 24 3.86 39.42 -3.13
CA LEU A 24 3.59 39.14 -4.53
C LEU A 24 4.14 37.77 -4.94
N GLY A 25 4.62 37.01 -3.97
CA GLY A 25 5.16 35.67 -4.23
C GLY A 25 5.87 35.42 -5.55
N THR A 26 6.60 36.42 -6.06
CA THR A 26 7.32 36.32 -7.33
C THR A 26 8.07 35.00 -7.54
N ARG A 27 8.47 34.36 -6.46
CA ARG A 27 9.21 33.10 -6.55
C ARG A 27 8.40 31.93 -7.09
N PHE A 28 7.08 32.01 -7.04
CA PHE A 28 6.23 30.92 -7.55
C PHE A 28 5.56 31.19 -8.89
N LEU A 29 6.07 32.17 -9.64
CA LEU A 29 5.48 32.47 -10.93
C LEU A 29 5.67 31.27 -11.85
N PRO A 30 4.72 31.05 -12.78
CA PRO A 30 3.55 31.89 -12.99
C PRO A 30 2.31 31.55 -12.17
N ALA A 31 2.44 30.58 -11.27
CA ALA A 31 1.32 30.16 -10.44
C ALA A 31 0.72 31.29 -9.61
N THR A 32 1.58 32.16 -9.10
CA THR A 32 1.13 33.28 -8.28
C THR A 32 0.87 34.57 -9.06
N LYS A 33 0.69 34.47 -10.36
CA LYS A 33 0.47 35.67 -11.15
C LYS A 33 -0.83 36.37 -10.80
N ALA A 34 -1.87 35.58 -10.55
CA ALA A 34 -3.16 36.14 -10.21
C ALA A 34 -3.78 35.40 -9.05
N MET A 35 -2.98 34.61 -8.37
CA MET A 35 -3.46 33.84 -7.25
C MET A 35 -2.54 34.11 -6.06
N PRO A 36 -3.10 34.42 -4.89
CA PRO A 36 -2.27 34.70 -3.72
C PRO A 36 -1.43 33.49 -3.34
N LYS A 37 -0.14 33.71 -3.11
CA LYS A 37 0.71 32.59 -2.76
C LYS A 37 0.24 31.96 -1.46
N GLU A 38 -0.46 32.74 -0.65
CA GLU A 38 -0.96 32.22 0.62
C GLU A 38 -2.09 31.24 0.38
N MET A 39 -2.57 31.18 -0.85
CA MET A 39 -3.66 30.27 -1.18
C MET A 39 -3.15 28.96 -1.75
N LEU A 40 -1.84 28.85 -1.96
CA LEU A 40 -1.30 27.61 -2.52
C LEU A 40 -1.68 26.48 -1.58
N PRO A 41 -2.15 25.36 -2.14
CA PRO A 41 -2.55 24.22 -1.33
C PRO A 41 -1.47 23.23 -0.96
N VAL A 42 -1.57 22.72 0.25
CA VAL A 42 -0.67 21.67 0.70
C VAL A 42 -1.63 20.47 0.78
N VAL A 43 -1.91 19.92 -0.39
CA VAL A 43 -2.81 18.78 -0.59
C VAL A 43 -4.29 19.18 -0.62
N ASP A 44 -4.77 19.59 0.53
CA ASP A 44 -6.17 19.92 0.75
C ASP A 44 -6.57 21.33 1.10
N ARG A 45 -5.66 22.00 1.79
CA ARG A 45 -5.95 23.33 2.25
C ARG A 45 -4.86 24.31 1.92
N PRO A 46 -5.22 25.60 1.83
CA PRO A 46 -4.26 26.65 1.52
C PRO A 46 -3.38 26.94 2.73
N LEU A 47 -2.19 27.49 2.47
CA LEU A 47 -1.25 27.81 3.52
C LEU A 47 -1.84 28.60 4.69
N ILE A 48 -2.63 29.64 4.43
CA ILE A 48 -3.19 30.42 5.56
C ILE A 48 -4.13 29.60 6.41
N GLN A 49 -4.84 28.65 5.79
CA GLN A 49 -5.75 27.84 6.53
C GLN A 49 -4.97 27.15 7.64
N TYR A 50 -3.88 26.48 7.26
CA TYR A 50 -3.04 25.80 8.23
C TYR A 50 -2.60 26.78 9.32
N ALA A 51 -2.23 27.98 8.90
CA ALA A 51 -1.78 29.00 9.83
C ALA A 51 -2.86 29.45 10.81
N VAL A 52 -4.08 29.68 10.35
CA VAL A 52 -5.10 30.09 11.30
C VAL A 52 -5.52 28.94 12.18
N ASP A 53 -5.52 27.72 11.64
CA ASP A 53 -5.90 26.58 12.46
C ASP A 53 -4.92 26.53 13.62
N GLU A 54 -3.65 26.73 13.30
CA GLU A 54 -2.58 26.72 14.28
C GLU A 54 -2.89 27.74 15.38
N ALA A 55 -3.33 28.93 14.96
CA ALA A 55 -3.63 30.00 15.88
C ALA A 55 -4.79 29.65 16.79
N VAL A 56 -5.86 29.14 16.21
CA VAL A 56 -7.04 28.77 16.97
C VAL A 56 -6.68 27.74 18.04
N GLU A 57 -5.82 26.79 17.68
CA GLU A 57 -5.41 25.78 18.62
C GLU A 57 -4.62 26.40 19.77
N ALA A 58 -3.92 27.48 19.49
CA ALA A 58 -3.12 28.13 20.52
C ALA A 58 -3.95 29.09 21.37
N GLY A 59 -5.26 29.09 21.15
CA GLY A 59 -6.13 29.95 21.94
C GLY A 59 -6.27 31.37 21.46
N ILE A 60 -5.89 31.63 20.21
CA ILE A 60 -6.03 32.96 19.65
C ILE A 60 -7.49 33.15 19.22
N GLU A 61 -8.06 34.33 19.51
CA GLU A 61 -9.44 34.62 19.18
C GLU A 61 -9.64 35.76 18.19
N GLN A 62 -8.56 36.42 17.76
CA GLN A 62 -8.68 37.54 16.84
C GLN A 62 -7.58 37.48 15.78
N MET A 63 -7.96 37.13 14.55
CA MET A 63 -7.03 37.04 13.44
C MET A 63 -7.04 38.38 12.70
N ILE A 64 -5.87 38.95 12.47
CA ILE A 64 -5.80 40.21 11.72
C ILE A 64 -4.90 40.03 10.52
N PHE A 65 -5.52 40.10 9.34
CA PHE A 65 -4.82 39.94 8.08
C PHE A 65 -4.47 41.29 7.47
N VAL A 66 -3.19 41.50 7.20
CA VAL A 66 -2.79 42.72 6.52
C VAL A 66 -2.49 42.24 5.09
N THR A 67 -3.44 42.54 4.20
CA THR A 67 -3.37 42.11 2.80
C THR A 67 -2.88 43.12 1.80
N GLY A 68 -2.90 42.68 0.54
CA GLY A 68 -2.45 43.52 -0.55
C GLY A 68 -3.58 43.68 -1.55
N ARG A 69 -3.26 44.12 -2.75
CA ARG A 69 -4.29 44.33 -3.74
C ARG A 69 -5.01 43.14 -4.39
N GLY A 70 -4.35 42.24 -5.11
CA GLY A 70 -5.14 41.17 -5.70
C GLY A 70 -5.40 39.99 -4.78
N LYS A 71 -5.90 40.24 -3.58
CA LYS A 71 -6.10 39.13 -2.65
C LYS A 71 -7.49 38.86 -2.08
N SER A 72 -8.52 39.01 -2.90
CA SER A 72 -9.87 38.76 -2.44
C SER A 72 -10.13 37.30 -2.06
N ALA A 73 -9.40 36.38 -2.68
CA ALA A 73 -9.57 34.97 -2.38
C ALA A 73 -9.35 34.69 -0.89
N LEU A 74 -8.39 35.36 -0.27
CA LEU A 74 -8.14 35.13 1.15
C LEU A 74 -9.32 35.59 1.99
N GLU A 75 -10.05 36.57 1.49
CA GLU A 75 -11.19 37.10 2.21
C GLU A 75 -12.42 36.22 2.04
N ASP A 76 -12.65 35.78 0.81
CA ASP A 76 -13.78 34.93 0.51
C ASP A 76 -13.64 33.56 1.16
N HIS A 77 -12.41 33.07 1.24
CA HIS A 77 -12.18 31.77 1.82
C HIS A 77 -12.68 31.67 3.26
N PHE A 78 -12.55 32.76 4.00
CA PHE A 78 -12.98 32.74 5.40
C PHE A 78 -14.36 33.30 5.66
N ASP A 79 -15.20 33.25 4.64
CA ASP A 79 -16.56 33.73 4.74
C ASP A 79 -17.44 32.58 4.29
N ILE A 80 -18.76 32.77 4.31
CA ILE A 80 -19.64 31.71 3.87
C ILE A 80 -19.61 31.65 2.35
N ALA A 81 -19.43 30.45 1.81
CA ALA A 81 -19.42 30.25 0.37
C ALA A 81 -20.85 29.86 0.07
N TYR A 82 -21.70 30.87 -0.02
CA TYR A 82 -23.11 30.67 -0.24
C TYR A 82 -23.53 29.64 -1.27
N GLU A 83 -23.23 29.87 -2.54
CA GLU A 83 -23.64 28.96 -3.59
C GLU A 83 -23.11 27.54 -3.44
N LEU A 84 -21.87 27.43 -2.97
CA LEU A 84 -21.25 26.13 -2.77
C LEU A 84 -21.99 25.31 -1.73
N GLU A 85 -22.19 25.88 -0.54
CA GLU A 85 -22.86 25.19 0.54
C GLU A 85 -24.27 24.79 0.12
N ALA A 86 -24.85 25.58 -0.77
CA ALA A 86 -26.19 25.29 -1.27
C ALA A 86 -26.10 24.05 -2.17
N THR A 87 -25.12 24.05 -3.06
CA THR A 87 -24.92 22.94 -3.99
C THR A 87 -24.65 21.62 -3.27
N MET A 88 -23.82 21.69 -2.24
CA MET A 88 -23.48 20.50 -1.46
C MET A 88 -24.74 19.97 -0.80
N ALA A 89 -25.52 20.88 -0.22
CA ALA A 89 -26.75 20.50 0.45
C ALA A 89 -27.62 19.74 -0.54
N ALA A 90 -27.67 20.24 -1.78
CA ALA A 90 -28.48 19.65 -2.84
C ALA A 90 -27.94 18.31 -3.26
N ARG A 91 -26.83 17.91 -2.66
CA ARG A 91 -26.20 16.64 -3.00
C ARG A 91 -25.99 15.81 -1.74
N GLY A 92 -26.64 16.18 -0.66
CA GLY A 92 -26.48 15.41 0.56
C GLY A 92 -25.04 15.30 1.02
N LYS A 93 -24.17 16.17 0.52
CA LYS A 93 -22.76 16.17 0.94
C LYS A 93 -22.61 17.00 2.21
N SER A 94 -21.93 16.43 3.20
CA SER A 94 -21.71 17.09 4.49
C SER A 94 -20.79 18.30 4.39
N LEU A 95 -21.07 19.30 5.21
CA LEU A 95 -20.27 20.53 5.20
C LEU A 95 -19.14 20.46 6.21
N ASP A 96 -18.97 19.30 6.83
CA ASP A 96 -17.89 19.16 7.82
C ASP A 96 -16.53 19.40 7.19
N VAL A 97 -16.44 19.19 5.88
CA VAL A 97 -15.20 19.40 5.14
C VAL A 97 -14.75 20.85 5.28
N LEU A 98 -15.70 21.73 5.60
CA LEU A 98 -15.42 23.16 5.74
C LEU A 98 -15.26 23.62 7.17
N ASP A 99 -15.30 22.69 8.12
CA ASP A 99 -15.16 23.08 9.51
C ASP A 99 -13.81 23.74 9.77
N GLY A 100 -13.84 24.93 10.33
CA GLY A 100 -12.61 25.65 10.64
C GLY A 100 -12.33 26.68 9.57
N THR A 101 -13.15 26.67 8.53
CA THR A 101 -13.02 27.56 7.40
C THR A 101 -13.57 28.94 7.73
N ARG A 102 -14.50 29.01 8.67
CA ARG A 102 -15.02 30.30 9.01
C ARG A 102 -15.18 30.45 10.49
N LEU A 103 -14.77 31.60 10.98
CA LEU A 103 -14.84 31.89 12.39
C LEU A 103 -16.01 32.81 12.72
N LYS A 104 -16.13 33.14 14.00
CA LYS A 104 -17.20 34.01 14.47
C LYS A 104 -17.08 35.35 13.77
N PRO A 105 -18.20 35.94 13.33
CA PRO A 105 -18.08 37.23 12.66
C PRO A 105 -17.28 38.26 13.47
N GLY A 106 -16.36 38.94 12.81
CA GLY A 106 -15.54 39.91 13.49
C GLY A 106 -14.19 39.36 13.94
N ASN A 107 -14.07 38.04 14.09
CA ASN A 107 -12.82 37.47 14.53
C ASN A 107 -11.72 37.50 13.50
N ILE A 108 -12.06 37.93 12.28
CA ILE A 108 -11.05 38.06 11.24
C ILE A 108 -11.18 39.45 10.67
N ALA A 109 -10.14 40.26 10.86
CA ALA A 109 -10.15 41.63 10.38
C ALA A 109 -9.09 41.82 9.30
N TYR A 110 -9.41 42.64 8.30
CA TYR A 110 -8.51 42.91 7.20
C TYR A 110 -8.10 44.39 7.08
N VAL A 111 -6.82 44.63 6.86
CA VAL A 111 -6.31 45.99 6.65
C VAL A 111 -5.34 45.94 5.47
N ARG A 112 -5.49 46.88 4.55
CA ARG A 112 -4.64 46.92 3.37
C ARG A 112 -3.30 47.59 3.66
N GLN A 113 -2.22 46.92 3.27
CA GLN A 113 -0.87 47.43 3.49
C GLN A 113 -0.60 48.63 2.58
N GLN A 114 -1.29 48.66 1.44
CA GLN A 114 -1.15 49.73 0.48
C GLN A 114 0.18 49.76 -0.26
N GLU A 115 1.28 49.78 0.49
CA GLU A 115 2.61 49.82 -0.08
C GLU A 115 3.43 48.64 0.41
N PRO A 116 4.06 47.91 -0.51
CA PRO A 116 4.87 46.73 -0.18
C PRO A 116 6.21 47.13 0.44
N MET A 117 6.21 47.39 1.75
CA MET A 117 7.42 47.81 2.44
C MET A 117 8.05 46.84 3.44
N GLY A 118 7.73 45.55 3.33
CA GLY A 118 8.32 44.59 4.24
C GLY A 118 7.55 44.24 5.49
N LEU A 119 8.08 43.23 6.19
CA LEU A 119 7.50 42.69 7.42
C LEU A 119 7.20 43.69 8.54
N GLY A 120 8.19 44.49 8.90
CA GLY A 120 7.96 45.45 9.97
C GLY A 120 6.79 46.36 9.67
N HIS A 121 6.80 46.96 8.48
CA HIS A 121 5.73 47.88 8.08
C HIS A 121 4.39 47.15 8.09
N ALA A 122 4.40 45.88 7.68
CA ALA A 122 3.20 45.09 7.65
C ALA A 122 2.61 44.96 9.05
N VAL A 123 3.42 44.50 9.99
CA VAL A 123 2.99 44.35 11.38
C VAL A 123 2.52 45.69 11.93
N TRP A 124 3.24 46.76 11.55
CA TRP A 124 2.90 48.10 11.98
C TRP A 124 1.47 48.48 11.60
N CYS A 125 1.01 47.97 10.47
CA CYS A 125 -0.34 48.29 10.01
C CYS A 125 -1.45 47.80 10.92
N ALA A 126 -1.15 46.85 11.81
CA ALA A 126 -2.16 46.33 12.72
C ALA A 126 -2.12 47.01 14.08
N ARG A 127 -1.28 48.03 14.21
CA ARG A 127 -1.12 48.74 15.47
C ARG A 127 -2.38 49.11 16.24
N ASP A 128 -3.37 49.68 15.57
CA ASP A 128 -4.59 50.08 16.27
C ASP A 128 -5.55 48.94 16.56
N ILE A 129 -5.38 47.80 15.90
CA ILE A 129 -6.26 46.66 16.14
C ILE A 129 -5.72 45.88 17.32
N VAL A 130 -4.40 45.85 17.44
CA VAL A 130 -3.78 45.14 18.55
C VAL A 130 -3.87 46.02 19.80
N GLY A 131 -3.38 47.26 19.69
CA GLY A 131 -3.44 48.16 20.83
C GLY A 131 -2.42 47.82 21.89
N ASP A 132 -2.75 48.04 23.15
CA ASP A 132 -1.82 47.73 24.22
C ASP A 132 -2.04 46.27 24.64
N GLU A 133 -1.62 45.34 23.79
CA GLU A 133 -1.78 43.91 24.08
C GLU A 133 -0.71 43.09 23.37
N PRO A 134 -0.42 41.90 23.91
CA PRO A 134 0.59 41.05 23.29
C PRO A 134 -0.02 40.46 22.02
N PHE A 135 0.79 40.19 21.01
CA PHE A 135 0.27 39.62 19.78
C PHE A 135 1.21 38.62 19.14
N ALA A 136 0.65 37.72 18.33
CA ALA A 136 1.45 36.73 17.63
C ALA A 136 1.57 37.15 16.19
N VAL A 137 2.53 36.56 15.50
CA VAL A 137 2.74 36.84 14.09
C VAL A 137 3.07 35.51 13.41
N LEU A 138 2.34 35.20 12.34
CA LEU A 138 2.58 33.95 11.62
C LEU A 138 2.77 34.19 10.14
N LEU A 139 3.86 33.68 9.60
CA LEU A 139 4.16 33.78 8.18
C LEU A 139 3.77 32.42 7.61
N PRO A 140 2.63 32.37 6.90
CA PRO A 140 2.17 31.09 6.34
C PRO A 140 3.11 30.33 5.40
N ASP A 141 4.11 31.00 4.83
CA ASP A 141 5.04 30.28 3.96
C ASP A 141 5.81 29.26 4.77
N ASP A 142 5.96 29.52 6.07
CA ASP A 142 6.65 28.57 6.93
C ASP A 142 5.61 27.55 7.40
N PHE A 143 5.53 26.45 6.67
CA PHE A 143 4.60 25.37 6.97
C PHE A 143 5.17 24.58 8.15
N MET A 144 4.49 24.65 9.29
CA MET A 144 4.95 23.95 10.49
C MET A 144 4.18 22.66 10.70
N PHE A 145 4.79 21.56 10.32
CA PHE A 145 4.14 20.25 10.45
C PHE A 145 4.48 19.55 11.76
N GLY A 146 3.46 19.29 12.56
CA GLY A 146 3.67 18.62 13.83
C GLY A 146 2.51 18.84 14.77
N GLN A 147 2.50 18.08 15.84
CA GLN A 147 1.46 18.21 16.84
C GLN A 147 2.19 18.43 18.15
N PRO A 148 1.65 19.29 19.02
CA PRO A 148 0.41 20.04 18.82
C PRO A 148 0.45 21.28 17.92
N GLY A 149 1.53 21.51 17.20
CA GLY A 149 1.54 22.69 16.34
C GLY A 149 2.32 23.81 16.97
N CYS A 150 3.16 24.42 16.15
CA CYS A 150 4.05 25.49 16.58
C CYS A 150 3.55 26.55 17.55
N LEU A 151 2.55 27.32 17.16
CA LEU A 151 2.04 28.37 18.04
C LEU A 151 1.61 27.84 19.39
N LYS A 152 0.93 26.70 19.41
CA LYS A 152 0.48 26.10 20.66
C LYS A 152 1.67 25.82 21.57
N GLN A 153 2.68 25.14 21.02
CA GLN A 153 3.87 24.82 21.78
C GLN A 153 4.48 26.12 22.33
N MET A 154 4.53 27.15 21.48
CA MET A 154 5.07 28.44 21.87
C MET A 154 4.27 29.12 22.96
N VAL A 155 2.94 29.11 22.80
CA VAL A 155 2.05 29.72 23.78
C VAL A 155 2.19 29.01 25.13
N ASP A 156 2.45 27.71 25.09
CA ASP A 156 2.63 26.92 26.31
C ASP A 156 3.83 27.46 27.09
N ALA A 157 4.88 27.79 26.35
CA ALA A 157 6.10 28.33 26.96
C ALA A 157 5.86 29.78 27.38
N TYR A 158 4.97 30.46 26.68
CA TYR A 158 4.65 31.85 26.99
C TYR A 158 4.02 31.98 28.37
N ASN A 159 3.01 31.16 28.63
CA ASN A 159 2.30 31.19 29.90
C ASN A 159 3.22 30.93 31.08
N LYS A 160 4.45 30.51 30.80
CA LYS A 160 5.42 30.22 31.85
C LYS A 160 6.44 31.33 32.01
N VAL A 161 7.01 31.77 30.90
CA VAL A 161 8.04 32.78 30.96
C VAL A 161 7.62 34.18 30.50
N GLY A 162 6.54 34.26 29.75
CA GLY A 162 6.07 35.56 29.27
C GLY A 162 7.08 36.25 28.37
N GLY A 163 6.93 37.56 28.22
CA GLY A 163 7.86 38.31 27.38
C GLY A 163 7.68 38.04 25.90
N ASN A 164 8.78 37.95 25.17
CA ASN A 164 8.74 37.69 23.74
C ASN A 164 9.37 36.36 23.37
N LEU A 165 8.74 35.68 22.43
CA LEU A 165 9.22 34.39 21.97
C LEU A 165 9.23 34.33 20.45
N ILE A 166 10.15 33.53 19.92
CA ILE A 166 10.31 33.34 18.48
C ILE A 166 10.66 31.89 18.23
N CYS A 167 10.28 31.36 17.07
CA CYS A 167 10.59 29.98 16.73
C CYS A 167 12.04 29.95 16.22
N ALA A 168 12.83 29.05 16.74
CA ALA A 168 14.23 28.94 16.34
C ALA A 168 14.50 27.58 15.70
N GLU A 169 15.45 27.54 14.78
CA GLU A 169 15.77 26.30 14.08
C GLU A 169 17.23 26.26 13.64
N ILE A 181 19.27 33.75 11.94
CA ILE A 181 20.61 33.45 12.45
C ILE A 181 20.83 34.15 13.80
N ILE A 182 20.90 33.34 14.87
CA ILE A 182 21.04 33.86 16.24
C ILE A 182 22.11 33.23 17.15
N THR A 183 22.54 34.00 18.16
CA THR A 183 23.50 33.58 19.17
C THR A 183 22.74 33.40 20.48
N PRO A 184 22.90 32.24 21.13
CA PRO A 184 22.22 31.95 22.39
C PRO A 184 23.01 32.07 23.69
N GLY A 185 22.30 31.78 24.77
CA GLY A 185 22.85 31.80 26.10
C GLY A 185 22.50 30.48 26.74
N THR A 186 21.59 30.51 27.70
CA THR A 186 21.18 29.29 28.40
C THR A 186 20.08 28.51 27.69
N GLN A 187 20.24 27.19 27.66
CA GLN A 187 19.24 26.32 27.05
C GLN A 187 18.45 25.61 28.15
N ASP A 188 17.16 25.87 28.19
CA ASP A 188 16.26 25.31 29.19
C ASP A 188 15.37 24.22 28.57
N GLY A 189 15.96 23.39 27.73
CA GLY A 189 15.20 22.31 27.11
C GLY A 189 14.78 22.67 25.69
N VAL A 190 13.64 23.34 25.57
CA VAL A 190 13.14 23.76 24.26
C VAL A 190 13.45 25.24 24.10
N LEU A 191 13.52 25.94 25.24
CA LEU A 191 13.81 27.36 25.26
C LEU A 191 15.32 27.61 25.20
N THR A 192 15.67 28.81 24.77
CA THR A 192 17.07 29.20 24.69
C THR A 192 17.13 30.73 24.59
N GLU A 193 17.69 31.35 25.62
CA GLU A 193 17.81 32.80 25.70
C GLU A 193 18.50 33.42 24.49
N VAL A 194 17.96 34.54 24.02
CA VAL A 194 18.54 35.23 22.88
C VAL A 194 19.23 36.50 23.36
N ASN A 209 23.54 29.84 14.76
CA ASN A 209 22.54 29.16 13.96
C ASN A 209 21.15 29.66 14.35
N LEU A 210 20.34 28.72 14.83
CA LEU A 210 18.98 29.04 15.25
C LEU A 210 18.30 29.96 14.25
N SER A 211 18.13 29.45 13.04
CA SER A 211 17.47 30.19 11.98
C SER A 211 16.17 30.66 12.59
N VAL A 212 15.88 31.95 12.51
CA VAL A 212 14.64 32.47 13.06
C VAL A 212 13.53 32.05 12.12
N ILE A 213 12.42 31.61 12.68
CA ILE A 213 11.31 31.17 11.85
C ILE A 213 10.10 32.07 12.00
N GLY A 214 9.27 32.11 10.96
CA GLY A 214 8.10 32.94 10.95
C GLY A 214 6.99 32.72 11.98
N ARG A 215 7.37 32.59 13.24
CA ARG A 215 6.39 32.42 14.32
C ARG A 215 6.83 33.30 15.48
N TYR A 216 6.05 34.32 15.79
CA TYR A 216 6.41 35.22 16.88
C TYR A 216 5.29 35.48 17.87
N ILE A 217 5.68 35.80 19.10
CA ILE A 217 4.75 36.18 20.15
C ILE A 217 5.44 37.41 20.72
N LEU A 218 4.86 38.59 20.48
CA LEU A 218 5.50 39.82 20.92
C LEU A 218 4.69 40.67 21.88
N GLN A 219 5.40 41.48 22.65
CA GLN A 219 4.78 42.37 23.61
C GLN A 219 4.44 43.69 22.94
N PRO A 220 3.37 44.36 23.39
CA PRO A 220 2.91 45.64 22.85
C PRO A 220 3.98 46.72 22.71
N GLU A 221 5.04 46.62 23.50
CA GLU A 221 6.10 47.61 23.43
C GLU A 221 6.80 47.58 22.08
N VAL A 222 6.74 46.44 21.40
CA VAL A 222 7.36 46.29 20.09
C VAL A 222 6.58 47.06 19.03
N MET A 223 5.28 47.19 19.24
CA MET A 223 4.42 47.94 18.32
C MET A 223 4.86 49.39 18.43
N ARG A 224 4.93 49.86 19.66
CA ARG A 224 5.33 51.23 19.98
C ARG A 224 6.65 51.59 19.32
N ILE A 225 7.63 50.70 19.41
CA ILE A 225 8.93 50.96 18.82
C ILE A 225 8.83 51.04 17.30
N LEU A 226 7.90 50.28 16.71
CA LEU A 226 7.71 50.29 15.26
C LEU A 226 7.08 51.59 14.84
N GLU A 227 6.09 52.04 15.60
CA GLU A 227 5.40 53.29 15.31
C GLU A 227 6.41 54.43 15.34
N ASN A 228 7.25 54.44 16.37
CA ASN A 228 8.27 55.47 16.56
C ASN A 228 9.23 55.65 15.41
N GLN A 229 9.87 54.58 14.99
CA GLN A 229 10.82 54.67 13.89
C GLN A 229 10.09 54.95 12.59
N GLY A 230 8.77 54.97 12.65
CA GLY A 230 7.98 55.23 11.48
C GLY A 230 7.77 56.72 11.28
N LEU A 239 13.00 46.80 9.92
CA LEU A 239 12.28 47.04 11.15
C LEU A 239 12.43 45.91 12.23
N THR A 240 11.88 44.70 12.04
CA THR A 240 11.84 43.62 13.02
C THR A 240 13.07 43.46 13.82
N ASP A 241 14.18 43.60 13.15
CA ASP A 241 15.23 43.58 14.05
C ASP A 241 15.32 45.02 14.72
N ALA A 242 14.39 45.09 15.67
CA ALA A 242 14.18 46.20 16.50
C ALA A 242 13.53 45.53 17.72
N MET A 243 13.32 44.23 17.56
CA MET A 243 12.82 43.42 18.66
C MET A 243 14.05 43.50 19.58
N GLN A 244 15.23 43.67 18.99
CA GLN A 244 16.44 43.70 19.78
C GLN A 244 16.50 44.83 20.80
N ARG A 245 15.89 45.96 20.48
CA ARG A 245 15.84 47.06 21.42
C ARG A 245 15.04 46.58 22.65
N MET A 246 14.66 45.31 22.61
CA MET A 246 13.86 44.68 23.67
C MET A 246 14.57 43.53 24.37
N ILE A 247 15.89 43.52 24.38
CA ILE A 247 16.54 42.39 25.02
C ILE A 247 16.90 42.59 26.47
N GLY A 248 17.32 43.79 26.83
CA GLY A 248 17.67 44.01 28.22
C GLY A 248 16.50 44.29 29.12
N ASP A 249 15.29 44.38 28.60
CA ASP A 249 14.17 44.70 29.49
C ASP A 249 13.05 43.68 29.60
N GLN A 250 13.02 42.71 28.70
CA GLN A 250 11.98 41.69 28.75
C GLN A 250 12.51 40.31 28.43
N PRO A 251 11.92 39.27 29.06
CA PRO A 251 12.40 37.92 28.77
C PRO A 251 12.19 37.63 27.30
N PHE A 252 13.26 37.21 26.63
CA PHE A 252 13.20 36.93 25.21
C PHE A 252 13.84 35.58 24.93
N HIS A 253 13.02 34.61 24.52
CA HIS A 253 13.56 33.28 24.24
C HIS A 253 13.20 32.76 22.87
N GLY A 254 14.01 31.80 22.43
CA GLY A 254 13.78 31.15 21.16
C GLY A 254 13.21 29.79 21.47
N VAL A 255 12.18 29.38 20.74
CA VAL A 255 11.57 28.09 20.97
C VAL A 255 11.85 27.15 19.83
N THR A 256 12.22 25.92 20.15
CA THR A 256 12.48 24.93 19.12
C THR A 256 11.21 24.11 18.94
N PHE A 257 10.77 23.99 17.69
CA PHE A 257 9.56 23.29 17.32
C PHE A 257 9.66 21.77 17.34
N GLN A 258 8.69 21.14 18.01
CA GLN A 258 8.65 19.69 18.09
C GLN A 258 7.90 19.19 16.88
N GLY A 259 8.60 19.17 15.74
CA GLY A 259 8.00 18.73 14.50
C GLY A 259 8.95 19.24 13.43
N THR A 260 8.56 19.18 12.16
CA THR A 260 9.43 19.67 11.11
C THR A 260 8.78 20.81 10.33
N ARG A 261 9.61 21.74 9.89
CA ARG A 261 9.17 22.91 9.14
C ARG A 261 9.56 22.83 7.68
N TYR A 262 8.61 23.19 6.81
CA TYR A 262 8.85 23.18 5.37
C TYR A 262 8.77 24.59 4.83
N ASP A 263 9.83 25.03 4.18
CA ASP A 263 9.85 26.38 3.63
C ASP A 263 9.06 26.40 2.32
N CYS A 264 7.75 26.57 2.42
CA CYS A 264 6.95 26.64 1.20
C CYS A 264 7.22 27.95 0.49
N GLY A 265 8.30 28.62 0.88
CA GLY A 265 8.67 29.86 0.25
C GLY A 265 9.36 29.53 -1.07
N ASP A 266 9.99 28.35 -1.12
CA ASP A 266 10.66 27.90 -2.35
C ASP A 266 9.98 26.62 -2.83
N LYS A 267 9.90 26.47 -4.15
CA LYS A 267 9.26 25.32 -4.78
C LYS A 267 9.63 23.92 -4.26
N ALA A 268 10.90 23.66 -3.98
CA ALA A 268 11.27 22.35 -3.47
C ALA A 268 10.53 22.09 -2.17
N GLY A 269 10.52 23.08 -1.29
CA GLY A 269 9.87 22.93 0.00
C GLY A 269 8.37 22.68 -0.14
N PHE A 270 7.73 23.44 -1.02
CA PHE A 270 6.30 23.30 -1.28
C PHE A 270 6.00 21.85 -1.65
N ILE A 271 6.75 21.30 -2.59
CA ILE A 271 6.55 19.92 -3.01
C ILE A 271 6.79 18.93 -1.86
N GLN A 272 7.88 19.15 -1.11
CA GLN A 272 8.18 18.27 0.00
C GLN A 272 7.03 18.27 1.00
N ALA A 273 6.50 19.47 1.29
CA ALA A 273 5.40 19.59 2.25
C ALA A 273 4.20 18.79 1.79
N ASN A 274 3.87 18.91 0.51
CA ASN A 274 2.73 18.18 -0.04
C ASN A 274 2.91 16.67 0.05
N LEU A 275 4.13 16.21 -0.15
CA LEU A 275 4.44 14.78 -0.09
C LEU A 275 4.35 14.27 1.35
N ALA A 276 4.89 15.05 2.28
CA ALA A 276 4.88 14.68 3.69
C ALA A 276 3.44 14.53 4.22
N VAL A 277 2.62 15.53 3.95
CA VAL A 277 1.23 15.50 4.40
C VAL A 277 0.47 14.36 3.75
N ALA A 278 0.70 14.15 2.45
CA ALA A 278 0.02 13.09 1.73
C ALA A 278 0.32 11.73 2.32
N LEU A 279 1.57 11.52 2.73
CA LEU A 279 1.99 10.26 3.32
C LEU A 279 1.40 10.06 4.70
N SER A 280 0.92 11.15 5.29
CA SER A 280 0.33 11.07 6.63
C SER A 280 -1.17 10.82 6.56
N ARG A 281 -1.73 10.90 5.36
CA ARG A 281 -3.16 10.69 5.17
C ARG A 281 -3.46 9.24 4.80
N PRO A 282 -4.22 8.55 5.66
CA PRO A 282 -4.60 7.15 5.47
C PRO A 282 -5.19 6.84 4.10
N ASP A 283 -5.98 7.75 3.55
CA ASP A 283 -6.60 7.51 2.25
C ASP A 283 -5.72 7.81 1.06
N LEU A 284 -4.61 8.51 1.28
CA LEU A 284 -3.73 8.85 0.16
C LEU A 284 -2.38 8.13 0.18
N GLU A 285 -1.86 7.88 1.37
CA GLU A 285 -0.57 7.23 1.50
C GLU A 285 -0.34 5.99 0.66
N PRO A 286 -1.28 5.05 0.65
CA PRO A 286 -1.08 3.84 -0.16
C PRO A 286 -0.71 4.15 -1.60
N ALA A 287 -1.59 4.83 -2.31
CA ALA A 287 -1.33 5.17 -3.70
C ALA A 287 -0.13 6.10 -3.89
N VAL A 288 0.03 7.08 -2.99
CA VAL A 288 1.15 8.01 -3.09
C VAL A 288 2.49 7.31 -2.89
N ARG A 289 2.58 6.50 -1.84
CA ARG A 289 3.83 5.77 -1.57
C ARG A 289 4.17 4.85 -2.75
N ALA A 290 3.21 4.06 -3.20
CA ALA A 290 3.45 3.15 -4.32
C ALA A 290 3.99 3.89 -5.52
N PHE A 291 3.44 5.07 -5.80
CA PHE A 291 3.90 5.86 -6.94
C PHE A 291 5.30 6.40 -6.71
N ALA A 292 5.50 7.04 -5.56
CA ALA A 292 6.79 7.61 -5.23
C ALA A 292 7.91 6.60 -5.44
N VAL A 293 7.74 5.41 -4.89
CA VAL A 293 8.75 4.36 -5.03
C VAL A 293 9.11 4.08 -6.48
N LYS A 294 8.11 3.75 -7.28
CA LYS A 294 8.28 3.46 -8.68
C LYS A 294 8.95 4.61 -9.42
N ALA A 295 8.46 5.83 -9.19
CA ALA A 295 8.99 7.02 -9.85
C ALA A 295 10.43 7.35 -9.47
N LEU A 296 10.90 6.81 -8.36
CA LEU A 296 12.25 7.11 -7.92
C LEU A 296 13.36 6.23 -8.48
N GLY A 297 13.02 5.12 -9.11
CA GLY A 297 14.04 4.25 -9.63
C GLY A 297 14.43 3.24 -8.57
N THR B 10 -26.76 40.74 -51.91
CA THR B 10 -27.76 40.61 -50.82
C THR B 10 -27.25 41.28 -49.55
N ILE B 11 -28.13 41.46 -48.57
CA ILE B 11 -27.76 42.08 -47.31
C ILE B 11 -27.72 41.05 -46.17
N LYS B 12 -26.51 40.68 -45.76
CA LYS B 12 -26.34 39.72 -44.68
C LYS B 12 -26.98 40.31 -43.43
N PRO B 13 -27.71 39.50 -42.66
CA PRO B 13 -28.38 39.95 -41.44
C PRO B 13 -27.44 40.18 -40.24
N LEU B 14 -27.83 41.10 -39.36
CA LEU B 14 -27.03 41.41 -38.18
C LEU B 14 -26.97 40.27 -37.17
N ARG B 15 -27.21 40.56 -35.89
CA ARG B 15 -27.19 39.59 -34.80
C ARG B 15 -25.91 39.57 -33.97
N LYS B 16 -24.93 40.39 -34.34
CA LYS B 16 -23.69 40.49 -33.57
C LYS B 16 -23.40 41.95 -33.22
N ALA B 17 -23.12 42.20 -31.93
CA ALA B 17 -22.83 43.55 -31.45
C ALA B 17 -21.58 43.58 -30.58
N VAL B 18 -20.73 44.58 -30.83
CA VAL B 18 -19.48 44.75 -30.09
C VAL B 18 -19.62 45.92 -29.14
N PHE B 19 -19.26 45.73 -27.88
CA PHE B 19 -19.33 46.80 -26.88
C PHE B 19 -17.96 47.12 -26.30
N PRO B 20 -17.36 48.25 -26.68
CA PRO B 20 -16.05 48.61 -26.14
C PRO B 20 -16.27 49.11 -24.71
N VAL B 21 -15.84 48.33 -23.72
CA VAL B 21 -16.02 48.72 -22.34
C VAL B 21 -14.75 48.54 -21.52
N ALA B 22 -13.63 49.01 -22.06
CA ALA B 22 -12.36 48.88 -21.35
C ALA B 22 -11.74 50.24 -21.00
N GLY B 23 -12.55 51.28 -20.98
CA GLY B 23 -12.01 52.59 -20.66
C GLY B 23 -11.80 52.77 -19.17
N LEU B 24 -10.93 53.73 -18.81
CA LEU B 24 -10.67 54.02 -17.40
C LEU B 24 -11.53 55.18 -16.92
N GLY B 25 -12.43 55.66 -17.77
CA GLY B 25 -13.32 56.75 -17.43
C GLY B 25 -12.77 57.82 -16.49
N THR B 26 -11.50 58.18 -16.68
CA THR B 26 -10.84 59.19 -15.87
C THR B 26 -11.65 60.47 -15.67
N ARG B 27 -12.57 60.76 -16.59
CA ARG B 27 -13.38 61.97 -16.46
C ARG B 27 -14.35 61.97 -15.29
N PHE B 28 -14.74 60.79 -14.82
CA PHE B 28 -15.68 60.69 -13.71
C PHE B 28 -15.06 60.35 -12.37
N LEU B 29 -13.77 60.58 -12.23
CA LEU B 29 -13.08 60.30 -10.97
C LEU B 29 -13.62 61.26 -9.91
N PRO B 30 -13.67 60.82 -8.65
CA PRO B 30 -13.20 59.52 -8.18
C PRO B 30 -14.23 58.38 -8.26
N ALA B 31 -15.39 58.65 -8.82
CA ALA B 31 -16.44 57.64 -8.90
C ALA B 31 -16.00 56.40 -9.65
N THR B 32 -15.23 56.61 -10.70
CA THR B 32 -14.78 55.49 -11.50
C THR B 32 -13.39 54.97 -11.13
N LYS B 33 -12.92 55.30 -9.94
CA LYS B 33 -11.60 54.85 -9.51
C LYS B 33 -11.54 53.32 -9.37
N ALA B 34 -12.61 52.71 -8.89
CA ALA B 34 -12.61 51.27 -8.70
C ALA B 34 -13.89 50.66 -9.24
N MET B 35 -14.63 51.41 -10.04
CA MET B 35 -15.83 50.86 -10.61
C MET B 35 -15.94 51.30 -12.05
N PRO B 36 -16.29 50.35 -12.93
CA PRO B 36 -16.44 50.62 -14.37
C PRO B 36 -17.39 51.74 -14.68
N LYS B 37 -16.93 52.67 -15.51
CA LYS B 37 -17.74 53.81 -15.94
C LYS B 37 -19.03 53.30 -16.56
N GLU B 38 -18.95 52.17 -17.26
CA GLU B 38 -20.09 51.58 -17.91
C GLU B 38 -21.14 51.09 -16.91
N MET B 39 -20.76 51.05 -15.63
CA MET B 39 -21.68 50.59 -14.62
C MET B 39 -22.41 51.73 -13.90
N LEU B 40 -22.09 52.97 -14.24
CA LEU B 40 -22.77 54.09 -13.60
C LEU B 40 -24.23 54.00 -14.00
N PRO B 41 -25.13 54.18 -13.03
CA PRO B 41 -26.57 54.13 -13.24
C PRO B 41 -27.23 55.40 -13.72
N VAL B 42 -28.20 55.23 -14.63
CA VAL B 42 -29.06 56.32 -15.07
C VAL B 42 -30.38 55.91 -14.36
N VAL B 43 -30.49 56.34 -13.11
CA VAL B 43 -31.65 56.05 -12.25
C VAL B 43 -31.50 54.69 -11.57
N ASP B 44 -31.63 53.62 -12.34
CA ASP B 44 -31.53 52.31 -11.70
C ASP B 44 -31.06 51.17 -12.54
N ARG B 45 -30.47 51.52 -13.67
CA ARG B 45 -29.85 50.53 -14.52
C ARG B 45 -28.56 51.15 -15.04
N PRO B 46 -27.48 50.35 -15.12
CA PRO B 46 -26.19 50.82 -15.62
C PRO B 46 -26.19 51.08 -17.13
N LEU B 47 -25.35 52.00 -17.57
CA LEU B 47 -25.25 52.34 -18.97
C LEU B 47 -25.18 51.12 -19.92
N ILE B 48 -24.41 50.09 -19.59
CA ILE B 48 -24.35 48.92 -20.48
C ILE B 48 -25.70 48.25 -20.62
N GLN B 49 -26.41 48.14 -19.51
CA GLN B 49 -27.71 47.52 -19.50
C GLN B 49 -28.57 48.16 -20.59
N TYR B 50 -28.62 49.49 -20.60
CA TYR B 50 -29.40 50.19 -21.60
C TYR B 50 -28.93 49.79 -22.99
N ALA B 51 -27.62 49.84 -23.19
CA ALA B 51 -27.05 49.51 -24.49
C ALA B 51 -27.37 48.08 -24.93
N VAL B 52 -27.33 47.14 -24.00
CA VAL B 52 -27.64 45.75 -24.29
C VAL B 52 -29.10 45.62 -24.69
N ASP B 53 -29.98 46.23 -23.90
CA ASP B 53 -31.42 46.22 -24.15
C ASP B 53 -31.67 46.68 -25.58
N GLU B 54 -31.06 47.80 -25.93
CA GLU B 54 -31.18 48.38 -27.25
C GLU B 54 -30.79 47.35 -28.33
N ALA B 55 -29.70 46.63 -28.10
CA ALA B 55 -29.26 45.63 -29.05
C ALA B 55 -30.28 44.51 -29.19
N VAL B 56 -30.77 44.03 -28.06
CA VAL B 56 -31.76 42.96 -28.05
C VAL B 56 -32.97 43.34 -28.90
N GLU B 57 -33.46 44.55 -28.68
CA GLU B 57 -34.61 45.05 -29.41
C GLU B 57 -34.32 45.11 -30.90
N ALA B 58 -33.05 45.31 -31.26
CA ALA B 58 -32.65 45.40 -32.65
C ALA B 58 -32.45 44.04 -33.31
N GLY B 59 -32.75 42.98 -32.57
CA GLY B 59 -32.61 41.65 -33.12
C GLY B 59 -31.23 41.03 -33.03
N ILE B 60 -30.37 41.61 -32.22
CA ILE B 60 -29.03 41.10 -32.06
C ILE B 60 -29.04 39.96 -31.04
N GLU B 61 -28.34 38.87 -31.35
CA GLU B 61 -28.32 37.74 -30.43
C GLU B 61 -26.95 37.29 -29.95
N GLN B 62 -25.93 38.12 -30.16
CA GLN B 62 -24.60 37.78 -29.71
C GLN B 62 -23.89 39.05 -29.26
N MET B 63 -23.78 39.23 -27.94
CA MET B 63 -23.11 40.41 -27.38
C MET B 63 -21.63 40.07 -27.16
N ILE B 64 -20.76 40.94 -27.66
CA ILE B 64 -19.31 40.77 -27.51
C ILE B 64 -18.76 41.96 -26.72
N PHE B 65 -18.36 41.71 -25.48
CA PHE B 65 -17.78 42.75 -24.63
C PHE B 65 -16.26 42.71 -24.65
N VAL B 66 -15.66 43.82 -25.05
CA VAL B 66 -14.20 43.96 -25.07
C VAL B 66 -13.90 44.71 -23.78
N THR B 67 -13.47 44.00 -22.74
CA THR B 67 -13.20 44.63 -21.45
C THR B 67 -11.75 44.94 -21.06
N GLY B 68 -11.62 45.51 -19.87
CA GLY B 68 -10.33 45.87 -19.34
C GLY B 68 -10.06 45.08 -18.07
N ARG B 69 -9.11 45.54 -17.28
CA ARG B 69 -8.76 44.81 -16.08
C ARG B 69 -9.69 44.88 -14.87
N GLY B 70 -9.95 46.04 -14.29
CA GLY B 70 -10.83 46.02 -13.13
C GLY B 70 -12.32 46.02 -13.40
N LYS B 71 -12.79 45.24 -14.37
CA LYS B 71 -14.21 45.27 -14.67
C LYS B 71 -15.03 43.98 -14.54
N SER B 72 -14.87 43.26 -13.44
CA SER B 72 -15.62 42.03 -13.26
C SER B 72 -17.10 42.29 -12.97
N ALA B 73 -17.44 43.48 -12.51
CA ALA B 73 -18.84 43.83 -12.26
C ALA B 73 -19.65 43.70 -13.56
N LEU B 74 -19.09 44.11 -14.69
CA LEU B 74 -19.83 44.00 -15.94
C LEU B 74 -20.13 42.55 -16.25
N GLU B 75 -19.27 41.67 -15.79
CA GLU B 75 -19.43 40.25 -16.03
C GLU B 75 -20.48 39.67 -15.11
N ASP B 76 -20.39 39.99 -13.84
CA ASP B 76 -21.33 39.46 -12.86
C ASP B 76 -22.73 39.99 -13.08
N HIS B 77 -22.83 41.22 -13.57
CA HIS B 77 -24.13 41.81 -13.80
C HIS B 77 -24.97 41.00 -14.78
N PHE B 78 -24.32 40.33 -15.73
CA PHE B 78 -25.07 39.56 -16.71
C PHE B 78 -25.08 38.07 -16.49
N ASP B 79 -24.91 37.67 -15.24
CA ASP B 79 -24.94 36.25 -14.90
C ASP B 79 -25.96 36.14 -13.77
N ILE B 80 -26.21 34.94 -13.28
CA ILE B 80 -27.14 34.79 -12.20
C ILE B 80 -26.50 35.31 -10.92
N ALA B 81 -27.23 36.16 -10.21
CA ALA B 81 -26.76 36.70 -8.95
C ALA B 81 -27.32 35.72 -7.93
N TYR B 82 -26.67 34.57 -7.81
CA TYR B 82 -27.13 33.52 -6.92
C TYR B 82 -27.71 33.90 -5.55
N GLU B 83 -26.89 34.40 -4.64
CA GLU B 83 -27.38 34.74 -3.32
C GLU B 83 -28.51 35.77 -3.31
N LEU B 84 -28.41 36.76 -4.19
CA LEU B 84 -29.44 37.78 -4.27
C LEU B 84 -30.78 37.18 -4.61
N GLU B 85 -30.84 36.44 -5.71
CA GLU B 85 -32.08 35.84 -6.15
C GLU B 85 -32.66 34.92 -5.08
N ALA B 86 -31.79 34.31 -4.29
CA ALA B 86 -32.23 33.40 -3.23
C ALA B 86 -32.84 34.19 -2.08
N THR B 87 -32.21 35.31 -1.74
CA THR B 87 -32.71 36.13 -0.65
C THR B 87 -34.01 36.82 -1.03
N MET B 88 -34.17 37.16 -2.29
CA MET B 88 -35.40 37.80 -2.75
C MET B 88 -36.53 36.79 -2.70
N ALA B 89 -36.25 35.56 -3.12
CA ALA B 89 -37.27 34.51 -3.09
C ALA B 89 -37.70 34.25 -1.65
N ALA B 90 -36.75 34.33 -0.71
CA ALA B 90 -37.10 34.10 0.68
C ALA B 90 -37.86 35.29 1.28
N ARG B 91 -38.31 36.20 0.42
CA ARG B 91 -39.06 37.35 0.87
C ARG B 91 -40.17 37.65 -0.13
N GLY B 92 -40.51 36.63 -0.90
CA GLY B 92 -41.56 36.74 -1.88
C GLY B 92 -41.40 37.91 -2.83
N LYS B 93 -40.17 38.37 -3.02
CA LYS B 93 -39.89 39.48 -3.92
C LYS B 93 -39.76 38.96 -5.35
N SER B 94 -40.51 39.54 -6.27
CA SER B 94 -40.48 39.14 -7.66
C SER B 94 -39.12 39.43 -8.31
N LEU B 95 -38.62 38.50 -9.11
CA LEU B 95 -37.35 38.69 -9.78
C LEU B 95 -37.53 39.37 -11.12
N ASP B 96 -38.76 39.81 -11.41
CA ASP B 96 -39.05 40.45 -12.68
C ASP B 96 -38.21 41.71 -12.86
N VAL B 97 -37.77 42.26 -11.74
CA VAL B 97 -36.96 43.47 -11.73
C VAL B 97 -35.64 43.22 -12.46
N LEU B 98 -35.28 41.95 -12.55
CA LEU B 98 -34.03 41.57 -13.20
C LEU B 98 -34.20 41.04 -14.61
N ASP B 99 -35.41 41.06 -15.15
CA ASP B 99 -35.60 40.55 -16.49
C ASP B 99 -34.84 41.36 -17.53
N GLY B 100 -34.04 40.67 -18.34
CA GLY B 100 -33.25 41.32 -19.35
C GLY B 100 -31.81 41.47 -18.92
N THR B 101 -31.57 41.04 -17.68
CA THR B 101 -30.26 41.09 -17.05
C THR B 101 -29.42 39.89 -17.40
N ARG B 102 -30.10 38.80 -17.75
CA ARG B 102 -29.46 37.55 -18.06
C ARG B 102 -29.89 37.07 -19.44
N LEU B 103 -28.94 36.80 -20.32
CA LEU B 103 -29.28 36.30 -21.64
C LEU B 103 -28.99 34.81 -21.66
N LYS B 104 -29.25 34.17 -22.79
CA LYS B 104 -28.98 32.75 -22.93
C LYS B 104 -27.49 32.49 -22.80
N PRO B 105 -27.12 31.35 -22.19
CA PRO B 105 -25.71 31.03 -22.02
C PRO B 105 -24.98 31.11 -23.36
N GLY B 106 -23.84 31.79 -23.39
CA GLY B 106 -23.08 31.93 -24.62
C GLY B 106 -23.38 33.18 -25.42
N ASN B 107 -24.54 33.79 -25.18
CA ASN B 107 -24.89 34.99 -25.91
C ASN B 107 -24.09 36.24 -25.55
N ILE B 108 -23.32 36.16 -24.48
CA ILE B 108 -22.45 37.28 -24.09
C ILE B 108 -21.04 36.74 -23.92
N ALA B 109 -20.13 37.20 -24.78
CA ALA B 109 -18.74 36.76 -24.75
C ALA B 109 -17.83 37.90 -24.35
N TYR B 110 -16.77 37.59 -23.60
CA TYR B 110 -15.83 38.60 -23.15
C TYR B 110 -14.41 38.35 -23.65
N VAL B 111 -13.72 39.41 -24.04
CA VAL B 111 -12.34 39.31 -24.51
C VAL B 111 -11.62 40.49 -23.87
N ARG B 112 -10.41 40.26 -23.36
CA ARG B 112 -9.65 41.33 -22.72
C ARG B 112 -8.85 42.13 -23.75
N GLN B 113 -8.94 43.45 -23.66
CA GLN B 113 -8.24 44.33 -24.60
C GLN B 113 -6.75 44.38 -24.29
N GLN B 114 -6.41 44.05 -23.04
CA GLN B 114 -5.04 44.03 -22.58
C GLN B 114 -4.39 45.40 -22.48
N GLU B 115 -4.37 46.14 -23.58
CA GLU B 115 -3.78 47.48 -23.58
C GLU B 115 -4.77 48.50 -24.11
N PRO B 116 -4.95 49.61 -23.40
CA PRO B 116 -5.89 50.63 -23.86
C PRO B 116 -5.36 51.44 -25.05
N MET B 117 -5.64 50.95 -26.26
CA MET B 117 -5.16 51.63 -27.44
C MET B 117 -6.24 52.21 -28.35
N GLY B 118 -7.40 52.53 -27.77
CA GLY B 118 -8.46 53.12 -28.53
C GLY B 118 -9.55 52.24 -29.12
N LEU B 119 -10.52 52.91 -29.72
CA LEU B 119 -11.69 52.28 -30.34
C LEU B 119 -11.40 51.26 -31.43
N GLY B 120 -10.59 51.65 -32.42
CA GLY B 120 -10.28 50.73 -33.50
C GLY B 120 -9.66 49.43 -32.99
N HIS B 121 -8.69 49.59 -32.09
CA HIS B 121 -8.01 48.45 -31.50
C HIS B 121 -9.03 47.56 -30.76
N ALA B 122 -9.94 48.22 -30.04
CA ALA B 122 -10.94 47.50 -29.26
C ALA B 122 -11.83 46.68 -30.15
N VAL B 123 -12.34 47.29 -31.21
CA VAL B 123 -13.21 46.58 -32.15
C VAL B 123 -12.42 45.43 -32.78
N TRP B 124 -11.17 45.72 -33.12
CA TRP B 124 -10.27 44.73 -33.70
C TRP B 124 -10.18 43.48 -32.84
N CYS B 125 -10.25 43.64 -31.52
CA CYS B 125 -10.16 42.52 -30.56
C CYS B 125 -11.27 41.47 -30.74
N ALA B 126 -12.36 41.85 -31.39
CA ALA B 126 -13.49 40.94 -31.60
C ALA B 126 -13.47 40.22 -32.96
N ARG B 127 -12.44 40.49 -33.76
CA ARG B 127 -12.30 39.92 -35.08
C ARG B 127 -12.67 38.44 -35.23
N ASP B 128 -12.11 37.57 -34.41
CA ASP B 128 -12.41 36.15 -34.53
C ASP B 128 -13.81 35.76 -34.09
N ILE B 129 -14.45 36.60 -33.28
CA ILE B 129 -15.80 36.27 -32.81
C ILE B 129 -16.83 36.70 -33.85
N VAL B 130 -16.53 37.80 -34.54
CA VAL B 130 -17.41 38.33 -35.59
C VAL B 130 -17.31 37.42 -36.81
N GLY B 131 -16.12 37.35 -37.41
CA GLY B 131 -15.88 36.46 -38.54
C GLY B 131 -16.15 37.24 -39.80
N ASP B 132 -16.75 36.58 -40.79
CA ASP B 132 -17.26 37.28 -41.96
C ASP B 132 -18.65 37.48 -41.39
N GLU B 133 -19.22 38.67 -41.44
CA GLU B 133 -20.55 38.86 -40.85
C GLU B 133 -20.57 40.31 -40.49
N PRO B 134 -21.69 40.98 -40.73
CA PRO B 134 -21.75 42.38 -40.36
C PRO B 134 -21.87 42.42 -38.84
N PHE B 135 -21.47 43.54 -38.24
CA PHE B 135 -21.55 43.67 -36.80
C PHE B 135 -21.93 45.09 -36.39
N ALA B 136 -22.46 45.21 -35.19
CA ALA B 136 -22.84 46.51 -34.67
C ALA B 136 -21.82 46.91 -33.61
N VAL B 137 -21.73 48.20 -33.34
CA VAL B 137 -20.82 48.73 -32.33
C VAL B 137 -21.59 49.74 -31.48
N LEU B 138 -21.61 49.54 -30.16
CA LEU B 138 -22.31 50.48 -29.28
C LEU B 138 -21.42 51.01 -28.17
N LEU B 139 -21.35 52.33 -28.07
CA LEU B 139 -20.58 53.00 -27.03
C LEU B 139 -21.62 53.41 -25.98
N PRO B 140 -21.68 52.70 -24.85
CA PRO B 140 -22.64 53.02 -23.79
C PRO B 140 -22.64 54.44 -23.23
N ASP B 141 -21.56 55.19 -23.42
CA ASP B 141 -21.54 56.55 -22.90
C ASP B 141 -22.55 57.40 -23.63
N ASP B 142 -22.84 57.02 -24.86
CA ASP B 142 -23.83 57.75 -25.63
C ASP B 142 -25.20 57.17 -25.30
N PHE B 143 -25.84 57.76 -24.29
CA PHE B 143 -27.15 57.33 -23.85
C PHE B 143 -28.18 57.77 -24.87
N MET B 144 -28.81 56.82 -25.55
CA MET B 144 -29.80 57.14 -26.56
C MET B 144 -31.21 56.92 -26.05
N PHE B 145 -31.88 58.02 -25.70
CA PHE B 145 -33.24 57.98 -25.16
C PHE B 145 -34.29 58.16 -26.24
N GLY B 146 -35.14 57.15 -26.40
CA GLY B 146 -36.19 57.20 -27.40
C GLY B 146 -36.72 55.83 -27.75
N GLN B 147 -37.76 55.80 -28.59
CA GLN B 147 -38.38 54.55 -29.01
C GLN B 147 -38.85 54.65 -30.46
N PRO B 148 -38.52 53.65 -31.27
CA PRO B 148 -37.75 52.47 -30.86
C PRO B 148 -36.34 52.94 -30.53
N GLY B 149 -35.53 52.04 -29.99
CA GLY B 149 -34.16 52.40 -29.65
C GLY B 149 -33.37 52.75 -30.90
N CYS B 150 -32.26 53.44 -30.69
CA CYS B 150 -31.42 53.85 -31.81
C CYS B 150 -31.00 52.69 -32.71
N LEU B 151 -30.49 51.62 -32.13
CA LEU B 151 -30.04 50.49 -32.94
C LEU B 151 -31.19 49.92 -33.76
N LYS B 152 -32.38 49.81 -33.17
CA LYS B 152 -33.54 49.29 -33.90
C LYS B 152 -33.83 50.17 -35.10
N GLN B 153 -33.91 51.47 -34.86
CA GLN B 153 -34.18 52.39 -35.95
C GLN B 153 -33.13 52.18 -37.03
N MET B 154 -31.87 52.04 -36.63
CA MET B 154 -30.80 51.85 -37.59
C MET B 154 -30.90 50.54 -38.34
N VAL B 155 -31.20 49.45 -37.64
CA VAL B 155 -31.30 48.17 -38.30
C VAL B 155 -32.46 48.16 -39.30
N ASP B 156 -33.51 48.94 -39.02
CA ASP B 156 -34.64 49.00 -39.93
C ASP B 156 -34.17 49.61 -41.24
N ALA B 157 -33.29 50.60 -41.15
CA ALA B 157 -32.77 51.25 -42.34
C ALA B 157 -31.74 50.34 -43.01
N TYR B 158 -31.11 49.48 -42.22
CA TYR B 158 -30.11 48.55 -42.74
C TYR B 158 -30.75 47.49 -43.63
N ASN B 159 -31.85 46.92 -43.16
CA ASN B 159 -32.55 45.88 -43.92
C ASN B 159 -33.10 46.40 -45.24
N LYS B 160 -32.93 47.69 -45.47
CA LYS B 160 -33.43 48.34 -46.66
C LYS B 160 -32.29 48.74 -47.59
N VAL B 161 -31.26 49.36 -47.02
CA VAL B 161 -30.14 49.81 -47.83
C VAL B 161 -28.87 48.97 -47.68
N GLY B 162 -28.75 48.26 -46.57
CA GLY B 162 -27.57 47.45 -46.34
C GLY B 162 -26.31 48.28 -46.15
N GLY B 163 -25.14 47.68 -46.37
CA GLY B 163 -23.89 48.41 -46.24
C GLY B 163 -23.53 48.85 -44.82
N ASN B 164 -22.94 50.03 -44.69
CA ASN B 164 -22.54 50.57 -43.40
C ASN B 164 -23.38 51.75 -42.98
N LEU B 165 -23.72 51.82 -41.70
CA LEU B 165 -24.49 52.93 -41.18
C LEU B 165 -23.92 53.38 -39.85
N ILE B 166 -24.12 54.66 -39.55
CA ILE B 166 -23.65 55.24 -38.31
C ILE B 166 -24.68 56.28 -37.87
N CYS B 167 -24.80 56.50 -36.57
CA CYS B 167 -25.74 57.48 -36.13
C CYS B 167 -25.15 58.86 -36.36
N ALA B 168 -25.95 59.78 -36.87
CA ALA B 168 -25.49 61.14 -37.15
C ALA B 168 -26.28 62.16 -36.36
N GLU B 169 -25.65 63.30 -36.08
CA GLU B 169 -26.29 64.34 -35.29
C GLU B 169 -25.63 65.68 -35.54
N GLU B 170 -26.45 66.68 -35.87
CA GLU B 170 -25.94 68.03 -36.13
C GLU B 170 -25.45 68.59 -34.80
N VAL B 171 -24.24 69.14 -34.84
CA VAL B 171 -23.59 69.68 -33.65
C VAL B 171 -23.18 71.14 -33.85
N PRO B 172 -23.14 71.94 -32.77
CA PRO B 172 -22.75 73.34 -32.91
C PRO B 172 -21.33 73.53 -33.47
N ASP B 173 -21.12 74.67 -34.10
CA ASP B 173 -19.82 75.00 -34.71
C ASP B 173 -18.60 74.80 -33.84
N ASP B 174 -18.66 75.32 -32.63
CA ASP B 174 -17.53 75.23 -31.71
C ASP B 174 -17.36 73.84 -31.10
N GLN B 175 -18.17 72.90 -31.55
CA GLN B 175 -18.13 71.55 -31.01
C GLN B 175 -17.61 70.53 -32.02
N THR B 176 -17.55 70.95 -33.28
CA THR B 176 -17.11 70.08 -34.36
C THR B 176 -15.72 69.44 -34.24
N HIS B 177 -14.78 70.13 -33.60
CA HIS B 177 -13.42 69.60 -33.46
C HIS B 177 -13.31 68.42 -32.50
N ARG B 178 -14.44 68.01 -31.91
CA ARG B 178 -14.43 66.92 -30.95
C ARG B 178 -15.00 65.62 -31.50
N TYR B 179 -15.58 65.69 -32.70
CA TYR B 179 -16.15 64.50 -33.31
C TYR B 179 -15.57 64.23 -34.68
N GLY B 180 -15.98 63.11 -35.26
CA GLY B 180 -15.59 62.79 -36.61
C GLY B 180 -16.68 63.50 -37.38
N ILE B 181 -16.34 64.21 -38.44
CA ILE B 181 -17.35 64.93 -39.20
C ILE B 181 -17.63 64.31 -40.55
N ILE B 182 -18.90 64.33 -40.95
CA ILE B 182 -19.32 63.76 -42.22
C ILE B 182 -19.48 64.79 -43.32
N THR B 183 -19.09 64.42 -44.54
CA THR B 183 -19.28 65.28 -45.70
C THR B 183 -20.53 64.65 -46.32
N PRO B 184 -21.70 65.27 -46.09
CA PRO B 184 -23.00 64.81 -46.57
C PRO B 184 -23.30 64.86 -48.06
N GLY B 185 -24.10 63.88 -48.48
CA GLY B 185 -24.52 63.80 -49.86
C GLY B 185 -26.03 63.89 -49.88
N THR B 186 -26.66 63.02 -50.65
CA THR B 186 -28.11 62.99 -50.77
C THR B 186 -28.81 62.59 -49.48
N GLN B 187 -29.91 63.26 -49.17
CA GLN B 187 -30.68 62.96 -47.98
C GLN B 187 -31.98 62.29 -48.43
N ASP B 188 -32.31 61.17 -47.80
CA ASP B 188 -33.52 60.43 -48.12
C ASP B 188 -34.28 60.16 -46.83
N GLY B 189 -34.87 61.22 -46.30
CA GLY B 189 -35.64 61.11 -45.08
C GLY B 189 -34.76 61.11 -43.85
N VAL B 190 -34.52 59.92 -43.30
CA VAL B 190 -33.70 59.78 -42.11
C VAL B 190 -32.23 59.52 -42.45
N LEU B 191 -32.00 59.00 -43.64
CA LEU B 191 -30.65 58.71 -44.10
C LEU B 191 -30.03 59.87 -44.84
N THR B 192 -28.70 59.85 -44.89
CA THR B 192 -27.94 60.88 -45.58
C THR B 192 -26.61 60.26 -45.95
N GLU B 193 -26.30 60.26 -47.25
CA GLU B 193 -25.06 59.66 -47.72
C GLU B 193 -23.82 60.32 -47.14
N VAL B 194 -22.85 59.50 -46.77
CA VAL B 194 -21.59 60.00 -46.25
C VAL B 194 -20.61 59.92 -47.42
N LYS B 195 -20.15 61.08 -47.86
CA LYS B 195 -19.22 61.18 -48.97
C LYS B 195 -17.78 61.24 -48.48
N GLY B 196 -17.62 61.45 -47.17
CA GLY B 196 -16.29 61.53 -46.61
C GLY B 196 -16.41 61.81 -45.14
N LEU B 197 -15.30 61.67 -44.43
CA LEU B 197 -15.30 61.93 -43.01
C LEU B 197 -13.88 62.15 -42.52
N VAL B 198 -13.74 63.11 -41.61
CA VAL B 198 -12.47 63.45 -41.02
C VAL B 198 -12.64 63.39 -39.52
N GLU B 199 -11.71 62.73 -38.84
CA GLU B 199 -11.77 62.61 -37.38
C GLU B 199 -11.36 63.96 -36.81
N LYS B 200 -12.07 64.47 -35.82
CA LYS B 200 -11.72 65.75 -35.19
C LYS B 200 -11.03 66.84 -36.04
N PRO B 201 -11.72 67.40 -37.04
CA PRO B 201 -11.05 68.45 -37.83
C PRO B 201 -10.70 69.67 -36.98
N ALA B 202 -9.82 70.52 -37.49
CA ALA B 202 -9.41 71.72 -36.75
C ALA B 202 -10.55 72.73 -36.87
N PRO B 203 -10.69 73.61 -35.88
CA PRO B 203 -11.77 74.60 -35.96
C PRO B 203 -11.64 75.63 -37.07
N GLY B 204 -12.41 75.46 -38.14
CA GLY B 204 -12.35 76.39 -39.26
C GLY B 204 -12.16 75.54 -40.49
N THR B 205 -11.98 74.25 -40.22
CA THR B 205 -11.75 73.28 -41.26
C THR B 205 -12.85 72.23 -41.40
N ALA B 206 -13.92 72.36 -40.62
CA ALA B 206 -15.00 71.38 -40.68
C ALA B 206 -15.84 71.42 -41.95
N PRO B 207 -15.91 70.28 -42.67
CA PRO B 207 -16.67 70.13 -43.92
C PRO B 207 -18.17 70.36 -43.72
N SER B 208 -18.63 70.21 -42.48
CA SER B 208 -20.03 70.40 -42.15
C SER B 208 -20.24 70.34 -40.65
N ASN B 209 -21.47 70.05 -40.24
CA ASN B 209 -21.78 69.98 -38.82
C ASN B 209 -22.28 68.62 -38.35
N LEU B 210 -22.64 67.72 -39.27
CA LEU B 210 -23.13 66.44 -38.79
C LEU B 210 -21.98 65.53 -38.43
N SER B 211 -21.91 65.22 -37.14
CA SER B 211 -20.86 64.39 -36.57
C SER B 211 -21.26 62.93 -36.45
N VAL B 212 -20.30 62.09 -36.07
CA VAL B 212 -20.54 60.66 -35.89
C VAL B 212 -20.85 60.38 -34.42
N ILE B 213 -21.85 59.55 -34.17
CA ILE B 213 -22.23 59.19 -32.82
C ILE B 213 -21.93 57.69 -32.58
N GLY B 214 -21.73 57.31 -31.32
CA GLY B 214 -21.39 55.93 -30.97
C GLY B 214 -22.33 54.77 -31.26
N ARG B 215 -22.91 54.76 -32.46
CA ARG B 215 -23.80 53.69 -32.88
C ARG B 215 -23.40 53.33 -34.31
N TYR B 216 -22.90 52.11 -34.49
CA TYR B 216 -22.46 51.67 -35.82
C TYR B 216 -22.94 50.28 -36.23
N ILE B 217 -23.09 50.12 -37.54
CA ILE B 217 -23.47 48.84 -38.16
C ILE B 217 -22.45 48.77 -39.29
N LEU B 218 -21.50 47.85 -39.17
CA LEU B 218 -20.45 47.75 -40.17
C LEU B 218 -20.33 46.38 -40.86
N GLN B 219 -19.79 46.41 -42.07
CA GLN B 219 -19.59 45.20 -42.87
C GLN B 219 -18.26 44.54 -42.48
N PRO B 220 -18.19 43.21 -42.58
CA PRO B 220 -16.98 42.47 -42.25
C PRO B 220 -15.69 42.98 -42.92
N GLU B 221 -15.81 43.65 -44.06
CA GLU B 221 -14.61 44.14 -44.74
C GLU B 221 -13.90 45.19 -43.88
N VAL B 222 -14.62 45.77 -42.93
CA VAL B 222 -14.06 46.77 -42.03
C VAL B 222 -13.11 46.11 -41.02
N MET B 223 -13.46 44.91 -40.57
CA MET B 223 -12.58 44.23 -39.65
C MET B 223 -11.30 43.90 -40.41
N ARG B 224 -11.45 43.40 -41.63
CA ARG B 224 -10.32 43.04 -42.47
C ARG B 224 -9.36 44.20 -42.61
N ILE B 225 -9.91 45.39 -42.84
CA ILE B 225 -9.10 46.58 -43.01
C ILE B 225 -8.40 46.93 -41.71
N LEU B 226 -9.01 46.55 -40.59
CA LEU B 226 -8.43 46.84 -39.28
C LEU B 226 -7.28 45.88 -38.97
N GLU B 227 -7.49 44.61 -39.29
CA GLU B 227 -6.46 43.61 -39.05
C GLU B 227 -5.23 43.99 -39.85
N ASN B 228 -5.46 44.48 -41.06
CA ASN B 228 -4.41 44.88 -41.96
C ASN B 228 -3.57 46.06 -41.46
N GLN B 229 -4.21 47.08 -40.93
CA GLN B 229 -3.47 48.24 -40.45
C GLN B 229 -2.83 47.94 -39.10
N GLY B 230 -3.14 46.77 -38.56
CA GLY B 230 -2.58 46.38 -37.28
C GLY B 230 -1.20 45.78 -37.43
N LEU B 239 -9.18 53.15 -38.11
CA LEU B 239 -10.00 53.16 -36.88
C LEU B 239 -11.36 53.84 -37.20
N THR B 240 -11.28 55.07 -37.71
CA THR B 240 -12.38 55.88 -38.24
C THR B 240 -11.89 55.87 -39.69
N ASP B 241 -10.58 55.86 -39.78
CA ASP B 241 -9.92 55.84 -41.05
C ASP B 241 -10.13 54.54 -41.74
N ALA B 242 -10.81 53.61 -41.10
CA ALA B 242 -11.01 52.34 -41.74
C ALA B 242 -12.35 52.37 -42.43
N MET B 243 -13.33 52.97 -41.76
CA MET B 243 -14.68 53.03 -42.29
C MET B 243 -14.66 53.70 -43.64
N GLN B 244 -13.66 54.53 -43.82
CA GLN B 244 -13.63 55.32 -44.99
C GLN B 244 -13.05 54.73 -46.25
N ARG B 245 -12.07 53.84 -46.14
CA ARG B 245 -11.54 53.15 -47.32
C ARG B 245 -12.71 52.32 -47.83
N MET B 246 -13.90 52.70 -47.38
CA MET B 246 -15.09 51.95 -47.63
C MET B 246 -16.22 52.78 -48.19
N ILE B 247 -15.95 53.96 -48.71
CA ILE B 247 -17.03 54.78 -49.23
C ILE B 247 -17.36 54.56 -50.71
N GLY B 248 -16.36 54.32 -51.52
CA GLY B 248 -16.65 54.11 -52.93
C GLY B 248 -17.08 52.69 -53.22
N ASP B 249 -17.12 51.81 -52.22
CA ASP B 249 -17.45 50.42 -52.46
C ASP B 249 -18.77 49.93 -51.94
N GLN B 250 -19.22 50.53 -50.86
CA GLN B 250 -20.45 50.09 -50.26
C GLN B 250 -21.34 51.22 -49.80
N PRO B 251 -22.65 50.98 -49.78
CA PRO B 251 -23.59 52.01 -49.34
C PRO B 251 -23.22 52.41 -47.92
N PHE B 252 -23.00 53.71 -47.72
CA PHE B 252 -22.62 54.24 -46.41
C PHE B 252 -23.52 55.43 -46.08
N HIS B 253 -24.36 55.27 -45.07
CA HIS B 253 -25.29 56.33 -44.70
C HIS B 253 -25.25 56.69 -43.22
N GLY B 254 -25.66 57.92 -42.95
CA GLY B 254 -25.73 58.40 -41.59
C GLY B 254 -27.20 58.35 -41.23
N VAL B 255 -27.50 57.93 -40.02
CA VAL B 255 -28.89 57.83 -39.58
C VAL B 255 -29.15 58.83 -38.47
N THR B 256 -30.23 59.58 -38.58
CA THR B 256 -30.57 60.53 -37.53
C THR B 256 -31.55 59.83 -36.60
N PHE B 257 -31.26 59.93 -35.30
CA PHE B 257 -32.06 59.28 -34.26
C PHE B 257 -33.35 60.01 -33.91
N GLN B 258 -34.45 59.26 -33.86
CA GLN B 258 -35.73 59.83 -33.48
C GLN B 258 -35.82 59.71 -31.96
N GLY B 259 -35.15 60.63 -31.28
CA GLY B 259 -35.13 60.65 -29.84
C GLY B 259 -33.99 61.55 -29.48
N THR B 260 -33.65 61.64 -28.20
CA THR B 260 -32.57 62.50 -27.78
C THR B 260 -31.42 61.70 -27.20
N ARG B 261 -30.20 62.17 -27.44
CA ARG B 261 -29.00 61.52 -26.97
C ARG B 261 -28.37 62.34 -25.87
N TYR B 262 -27.95 61.68 -24.81
CA TYR B 262 -27.29 62.36 -23.71
C TYR B 262 -25.86 61.85 -23.62
N ASP B 263 -24.92 62.78 -23.63
CA ASP B 263 -23.50 62.46 -23.54
C ASP B 263 -23.11 62.18 -22.08
N CYS B 264 -23.30 60.94 -21.64
CA CYS B 264 -22.94 60.59 -20.28
C CYS B 264 -21.45 60.45 -20.13
N GLY B 265 -20.72 60.92 -21.14
CA GLY B 265 -19.26 60.89 -21.09
C GLY B 265 -18.84 62.11 -20.31
N ASP B 266 -19.75 63.07 -20.24
CA ASP B 266 -19.53 64.33 -19.55
C ASP B 266 -20.47 64.44 -18.33
N LYS B 267 -19.93 64.88 -17.21
CA LYS B 267 -20.70 65.02 -15.97
C LYS B 267 -22.10 65.63 -16.12
N ALA B 268 -22.18 66.76 -16.82
CA ALA B 268 -23.46 67.42 -17.01
C ALA B 268 -24.45 66.52 -17.76
N GLY B 269 -23.97 65.81 -18.78
CA GLY B 269 -24.83 64.93 -19.55
C GLY B 269 -25.41 63.81 -18.71
N PHE B 270 -24.55 63.22 -17.88
CA PHE B 270 -24.95 62.14 -16.99
C PHE B 270 -26.11 62.57 -16.09
N ILE B 271 -26.00 63.77 -15.53
CA ILE B 271 -27.04 64.28 -14.65
C ILE B 271 -28.30 64.61 -15.41
N GLN B 272 -28.14 65.23 -16.58
CA GLN B 272 -29.28 65.54 -17.42
C GLN B 272 -30.03 64.26 -17.76
N ALA B 273 -29.29 63.21 -18.11
CA ALA B 273 -29.90 61.95 -18.47
C ALA B 273 -30.73 61.37 -17.33
N ASN B 274 -30.17 61.42 -16.13
CA ASN B 274 -30.83 60.90 -14.95
C ASN B 274 -32.12 61.65 -14.68
N LEU B 275 -32.10 62.94 -14.93
CA LEU B 275 -33.27 63.77 -14.72
C LEU B 275 -34.37 63.44 -15.73
N ALA B 276 -33.99 63.35 -17.00
CA ALA B 276 -34.93 63.05 -18.07
C ALA B 276 -35.65 61.73 -17.85
N VAL B 277 -34.89 60.69 -17.56
CA VAL B 277 -35.46 59.38 -17.34
C VAL B 277 -36.37 59.43 -16.13
N ALA B 278 -35.91 60.10 -15.07
CA ALA B 278 -36.69 60.20 -13.85
C ALA B 278 -38.05 60.83 -14.13
N LEU B 279 -38.06 61.88 -14.94
CA LEU B 279 -39.32 62.55 -15.23
C LEU B 279 -40.24 61.72 -16.11
N SER B 280 -39.71 60.66 -16.72
CA SER B 280 -40.54 59.82 -17.57
C SER B 280 -41.08 58.64 -16.79
N ARG B 281 -40.66 58.56 -15.53
CA ARG B 281 -41.05 57.47 -14.64
C ARG B 281 -42.27 57.88 -13.79
N PRO B 282 -43.42 57.27 -14.04
CA PRO B 282 -44.65 57.55 -13.31
C PRO B 282 -44.50 57.64 -11.79
N ASP B 283 -43.74 56.72 -11.22
CA ASP B 283 -43.54 56.67 -9.78
C ASP B 283 -42.53 57.66 -9.25
N LEU B 284 -41.75 58.27 -10.14
CA LEU B 284 -40.73 59.22 -9.69
C LEU B 284 -41.02 60.66 -10.07
N GLU B 285 -41.61 60.85 -11.25
CA GLU B 285 -41.92 62.18 -11.77
C GLU B 285 -42.49 63.16 -10.74
N PRO B 286 -43.59 62.77 -10.05
CA PRO B 286 -44.19 63.67 -9.07
C PRO B 286 -43.16 64.29 -8.12
N ALA B 287 -42.51 63.44 -7.32
CA ALA B 287 -41.51 63.89 -6.36
C ALA B 287 -40.33 64.63 -6.99
N VAL B 288 -39.83 64.11 -8.10
CA VAL B 288 -38.69 64.73 -8.78
C VAL B 288 -39.04 66.11 -9.34
N ARG B 289 -40.15 66.21 -10.07
CA ARG B 289 -40.57 67.49 -10.62
C ARG B 289 -40.73 68.50 -9.48
N ALA B 290 -41.44 68.10 -8.43
CA ALA B 290 -41.68 68.95 -7.26
C ALA B 290 -40.38 69.55 -6.74
N PHE B 291 -39.38 68.70 -6.56
CA PHE B 291 -38.09 69.16 -6.05
C PHE B 291 -37.37 70.03 -7.06
N ALA B 292 -37.31 69.56 -8.30
CA ALA B 292 -36.63 70.29 -9.36
C ALA B 292 -37.06 71.76 -9.36
N VAL B 293 -38.38 71.98 -9.37
CA VAL B 293 -38.94 73.32 -9.38
C VAL B 293 -38.42 74.17 -8.22
N LYS B 294 -38.62 73.68 -6.99
CA LYS B 294 -38.16 74.38 -5.79
C LYS B 294 -36.69 74.75 -5.91
N ALA B 295 -35.88 73.72 -6.06
CA ALA B 295 -34.43 73.85 -6.16
C ALA B 295 -33.92 74.82 -7.22
N LEU B 296 -34.75 75.13 -8.21
CA LEU B 296 -34.33 76.03 -9.28
C LEU B 296 -34.56 77.52 -9.05
N GLY B 297 -35.33 77.88 -8.03
CA GLY B 297 -35.59 79.30 -7.81
C GLY B 297 -36.83 79.72 -8.56
N MET C 9 -17.89 25.44 -49.35
CA MET C 9 -18.12 24.04 -48.85
C MET C 9 -16.80 23.36 -48.47
N THR C 10 -15.74 24.15 -48.37
CA THR C 10 -14.44 23.67 -47.96
C THR C 10 -14.61 23.22 -46.51
N ILE C 11 -13.52 22.94 -45.82
CA ILE C 11 -13.55 22.57 -44.43
C ILE C 11 -12.52 23.50 -43.83
N LYS C 12 -12.87 24.12 -42.72
CA LYS C 12 -11.98 25.07 -42.08
C LYS C 12 -10.97 24.40 -41.17
N PRO C 13 -9.92 25.15 -40.85
CA PRO C 13 -8.86 24.66 -39.98
C PRO C 13 -9.34 24.76 -38.54
N LEU C 14 -8.64 24.12 -37.60
CA LEU C 14 -9.07 24.28 -36.23
C LEU C 14 -8.11 25.20 -35.53
N ARG C 15 -8.58 26.42 -35.39
CA ARG C 15 -7.85 27.47 -34.73
C ARG C 15 -8.59 27.64 -33.42
N LYS C 16 -9.38 26.63 -33.02
CA LYS C 16 -10.14 26.77 -31.80
C LYS C 16 -10.23 25.60 -30.84
N ALA C 17 -10.18 25.95 -29.56
CA ALA C 17 -10.25 25.00 -28.47
C ALA C 17 -11.20 25.51 -27.40
N VAL C 18 -11.99 24.60 -26.83
CA VAL C 18 -12.95 24.95 -25.78
C VAL C 18 -12.51 24.35 -24.47
N PHE C 19 -12.46 25.17 -23.43
CA PHE C 19 -12.03 24.70 -22.11
C PHE C 19 -13.14 24.80 -21.08
N PRO C 20 -13.72 23.66 -20.67
CA PRO C 20 -14.79 23.69 -19.67
C PRO C 20 -14.16 23.98 -18.33
N VAL C 21 -14.35 25.19 -17.81
CA VAL C 21 -13.76 25.58 -16.53
C VAL C 21 -14.79 26.15 -15.57
N ALA C 22 -15.97 25.53 -15.48
CA ALA C 22 -16.99 26.05 -14.60
C ALA C 22 -17.40 25.10 -13.49
N GLY C 23 -16.53 24.15 -13.16
CA GLY C 23 -16.85 23.20 -12.12
C GLY C 23 -16.60 23.76 -10.73
N LEU C 24 -17.26 23.21 -9.72
CA LEU C 24 -17.08 23.66 -8.34
C LEU C 24 -16.06 22.81 -7.60
N GLY C 25 -15.37 21.95 -8.35
CA GLY C 25 -14.36 21.07 -7.79
C GLY C 25 -14.53 20.61 -6.34
N THR C 26 -15.77 20.33 -5.94
CA THR C 26 -16.08 19.90 -4.57
C THR C 26 -15.17 18.82 -3.99
N ARG C 27 -14.51 18.06 -4.84
CA ARG C 27 -13.63 17.00 -4.34
C ARG C 27 -12.40 17.51 -3.64
N PHE C 28 -12.00 18.74 -3.96
CA PHE C 28 -10.80 19.30 -3.34
C PHE C 28 -11.01 20.30 -2.21
N LEU C 29 -12.22 20.34 -1.65
CA LEU C 29 -12.49 21.24 -0.52
C LEU C 29 -11.59 20.81 0.62
N PRO C 30 -11.18 21.76 1.47
CA PRO C 30 -11.54 23.18 1.40
C PRO C 30 -10.76 24.06 0.44
N ALA C 31 -9.66 23.54 -0.11
CA ALA C 31 -8.84 24.32 -0.99
C ALA C 31 -9.60 25.02 -2.11
N THR C 32 -10.63 24.36 -2.63
CA THR C 32 -11.39 24.95 -3.74
C THR C 32 -12.65 25.68 -3.37
N LYS C 33 -12.80 26.06 -2.11
CA LYS C 33 -14.05 26.72 -1.79
C LYS C 33 -14.10 28.16 -2.21
N ALA C 34 -12.96 28.71 -2.60
CA ALA C 34 -12.94 30.09 -3.07
C ALA C 34 -11.89 30.24 -4.17
N MET C 35 -11.25 29.13 -4.52
CA MET C 35 -10.23 29.08 -5.56
C MET C 35 -10.67 28.15 -6.66
N PRO C 36 -10.58 28.60 -7.92
CA PRO C 36 -11.00 27.70 -8.99
C PRO C 36 -10.10 26.47 -8.99
N LYS C 37 -10.71 25.30 -9.13
CA LYS C 37 -10.00 24.03 -9.17
C LYS C 37 -8.96 24.07 -10.28
N GLU C 38 -9.33 24.71 -11.38
CA GLU C 38 -8.47 24.81 -12.55
C GLU C 38 -7.21 25.63 -12.28
N MET C 39 -7.18 26.30 -11.13
CA MET C 39 -6.03 27.12 -10.78
C MET C 39 -5.07 26.42 -9.85
N LEU C 40 -5.40 25.22 -9.40
CA LEU C 40 -4.49 24.49 -8.52
C LEU C 40 -3.22 24.29 -9.31
N PRO C 41 -2.08 24.48 -8.66
CA PRO C 41 -0.77 24.32 -9.32
C PRO C 41 -0.15 22.94 -9.36
N VAL C 42 0.45 22.61 -10.49
CA VAL C 42 1.15 21.36 -10.52
C VAL C 42 2.57 21.61 -10.05
N VAL C 43 3.20 22.75 -10.15
CA VAL C 43 4.50 22.82 -9.49
C VAL C 43 4.56 24.31 -9.34
N ASP C 44 4.44 24.95 -10.47
CA ASP C 44 4.45 26.39 -10.48
C ASP C 44 3.53 26.96 -11.53
N ARG C 45 2.73 26.10 -12.15
CA ARG C 45 1.75 26.55 -13.13
C ARG C 45 0.41 25.93 -12.81
N PRO C 46 -0.68 26.67 -13.04
CA PRO C 46 -2.01 26.15 -12.78
C PRO C 46 -2.45 25.20 -13.89
N LEU C 47 -3.30 24.23 -13.55
CA LEU C 47 -3.81 23.27 -14.51
C LEU C 47 -4.21 23.85 -15.88
N ILE C 48 -4.96 24.95 -15.93
CA ILE C 48 -5.34 25.52 -17.23
C ILE C 48 -4.14 26.00 -18.02
N GLN C 49 -3.12 26.49 -17.32
CA GLN C 49 -1.93 26.96 -18.00
C GLN C 49 -1.37 25.81 -18.83
N TYR C 50 -1.19 24.64 -18.21
CA TYR C 50 -0.68 23.48 -18.94
C TYR C 50 -1.55 23.18 -20.14
N ALA C 51 -2.86 23.22 -19.91
CA ALA C 51 -3.83 22.94 -20.95
C ALA C 51 -3.76 23.90 -22.13
N VAL C 52 -3.61 25.19 -21.88
CA VAL C 52 -3.55 26.13 -23.00
C VAL C 52 -2.18 26.05 -23.69
N ASP C 53 -1.14 25.70 -22.93
CA ASP C 53 0.18 25.57 -23.53
C ASP C 53 0.10 24.47 -24.54
N GLU C 54 -0.55 23.39 -24.12
CA GLU C 54 -0.76 22.23 -24.92
C GLU C 54 -1.45 22.64 -26.23
N ALA C 55 -2.51 23.42 -26.10
CA ALA C 55 -3.25 23.87 -27.28
C ALA C 55 -2.42 24.73 -28.23
N VAL C 56 -1.63 25.63 -27.66
CA VAL C 56 -0.81 26.50 -28.47
C VAL C 56 0.17 25.66 -29.29
N GLU C 57 0.76 24.66 -28.64
CA GLU C 57 1.72 23.79 -29.31
C GLU C 57 1.03 23.04 -30.45
N ALA C 58 -0.25 22.77 -30.29
CA ALA C 58 -1.01 22.05 -31.31
C ALA C 58 -1.48 22.97 -32.45
N GLY C 59 -1.07 24.23 -32.40
CA GLY C 59 -1.44 25.16 -33.45
C GLY C 59 -2.77 25.87 -33.31
N ILE C 60 -3.39 25.74 -32.15
CA ILE C 60 -4.67 26.40 -31.91
C ILE C 60 -4.44 27.88 -31.61
N GLU C 61 -5.27 28.75 -32.18
CA GLU C 61 -5.10 30.17 -31.93
C GLU C 61 -6.26 30.92 -31.30
N GLN C 62 -7.27 30.19 -30.84
CA GLN C 62 -8.42 30.84 -30.22
C GLN C 62 -8.92 29.96 -29.06
N MET C 63 -8.59 30.38 -27.84
CA MET C 63 -9.03 29.67 -26.64
C MET C 63 -10.36 30.24 -26.21
N ILE C 64 -11.35 29.38 -26.00
CA ILE C 64 -12.63 29.90 -25.54
C ILE C 64 -12.98 29.17 -24.24
N PHE C 65 -12.94 29.94 -23.15
CA PHE C 65 -13.23 29.45 -21.80
C PHE C 65 -14.70 29.58 -21.48
N VAL C 66 -15.32 28.49 -21.05
CA VAL C 66 -16.72 28.55 -20.64
C VAL C 66 -16.63 28.44 -19.12
N THR C 67 -16.75 29.59 -18.45
CA THR C 67 -16.63 29.70 -16.99
C THR C 67 -17.85 29.71 -16.11
N GLY C 68 -17.56 29.77 -14.82
CA GLY C 68 -18.57 29.81 -13.80
C GLY C 68 -18.57 31.13 -13.07
N ARG C 69 -19.18 31.13 -11.89
CA ARG C 69 -19.31 32.33 -11.12
C ARG C 69 -18.12 32.86 -10.34
N GLY C 70 -17.50 32.10 -9.45
CA GLY C 70 -16.36 32.68 -8.75
C GLY C 70 -14.99 32.42 -9.39
N LYS C 71 -14.85 32.66 -10.69
CA LYS C 71 -13.58 32.36 -11.34
C LYS C 71 -12.85 33.49 -12.06
N SER C 72 -12.72 34.63 -11.39
CA SER C 72 -12.03 35.78 -11.99
C SER C 72 -10.54 35.49 -12.17
N ALA C 73 -9.99 34.71 -11.25
CA ALA C 73 -8.58 34.37 -11.29
C ALA C 73 -8.18 33.80 -12.65
N LEU C 74 -9.05 32.97 -13.21
CA LEU C 74 -8.76 32.37 -14.50
C LEU C 74 -8.63 33.45 -15.54
N GLU C 75 -9.41 34.50 -15.38
CA GLU C 75 -9.41 35.60 -16.34
C GLU C 75 -8.19 36.50 -16.17
N ASP C 76 -7.86 36.81 -14.92
CA ASP C 76 -6.73 37.66 -14.63
C ASP C 76 -5.42 36.99 -14.97
N HIS C 77 -5.36 35.69 -14.78
CA HIS C 77 -4.14 34.94 -15.06
C HIS C 77 -3.67 35.11 -16.50
N PHE C 78 -4.59 35.26 -17.44
CA PHE C 78 -4.21 35.39 -18.83
C PHE C 78 -4.26 36.81 -19.37
N ASP C 79 -4.08 37.78 -18.48
CA ASP C 79 -4.09 39.17 -18.88
C ASP C 79 -2.80 39.77 -18.32
N ILE C 80 -2.53 41.03 -18.61
CA ILE C 80 -1.33 41.65 -18.08
C ILE C 80 -1.50 41.90 -16.58
N ALA C 81 -0.52 41.45 -15.79
CA ALA C 81 -0.55 41.64 -14.35
C ALA C 81 0.23 42.93 -14.15
N TYR C 82 -0.44 44.04 -14.41
CA TYR C 82 0.16 45.35 -14.33
C TYR C 82 1.12 45.66 -13.17
N GLU C 83 0.64 45.63 -11.93
CA GLU C 83 1.50 45.95 -10.81
C GLU C 83 2.64 44.96 -10.64
N LEU C 84 2.36 43.68 -10.90
CA LEU C 84 3.37 42.64 -10.79
C LEU C 84 4.54 42.90 -11.72
N GLU C 85 4.25 43.10 -12.99
CA GLU C 85 5.28 43.36 -13.99
C GLU C 85 6.08 44.60 -13.63
N ALA C 86 5.42 45.57 -13.00
CA ALA C 86 6.09 46.81 -12.61
C ALA C 86 7.03 46.50 -11.46
N THR C 87 6.54 45.74 -10.49
CA THR C 87 7.32 45.36 -9.33
C THR C 87 8.59 44.61 -9.74
N MET C 88 8.42 43.66 -10.65
CA MET C 88 9.56 42.87 -11.11
C MET C 88 10.58 43.71 -11.83
N ALA C 89 10.10 44.61 -12.68
CA ALA C 89 10.98 45.50 -13.42
C ALA C 89 11.78 46.33 -12.43
N ALA C 90 11.13 46.75 -11.34
CA ALA C 90 11.77 47.56 -10.31
C ALA C 90 12.79 46.72 -9.53
N ARG C 91 12.94 45.47 -9.93
CA ARG C 91 13.86 44.56 -9.27
C ARG C 91 14.74 43.85 -10.27
N GLY C 92 14.75 44.37 -11.49
CA GLY C 92 15.55 43.76 -12.54
C GLY C 92 15.24 42.29 -12.78
N LYS C 93 14.08 41.84 -12.32
CA LYS C 93 13.69 40.44 -12.52
C LYS C 93 13.06 40.29 -13.91
N SER C 94 13.52 39.29 -14.66
CA SER C 94 13.02 39.03 -16.00
C SER C 94 11.57 38.53 -16.03
N LEU C 95 10.84 38.99 -17.05
CA LEU C 95 9.44 38.61 -17.22
C LEU C 95 9.31 37.31 -18.00
N ASP C 96 10.43 36.67 -18.30
CA ASP C 96 10.42 35.42 -19.06
C ASP C 96 9.59 34.35 -18.35
N VAL C 97 9.57 34.42 -17.03
CA VAL C 97 8.84 33.46 -16.23
C VAL C 97 7.34 33.49 -16.51
N LEU C 98 6.89 34.55 -17.18
CA LEU C 98 5.48 34.74 -17.52
C LEU C 98 5.20 34.42 -18.98
N ASP C 99 6.23 34.00 -19.70
CA ASP C 99 6.10 33.68 -21.12
C ASP C 99 5.03 32.64 -21.36
N GLY C 100 4.03 32.98 -22.16
CA GLY C 100 2.98 32.03 -22.44
C GLY C 100 1.74 32.21 -21.58
N THR C 101 1.80 33.14 -20.64
CA THR C 101 0.65 33.39 -19.78
C THR C 101 -0.25 34.41 -20.42
N ARG C 102 0.22 35.03 -21.49
CA ARG C 102 -0.61 36.02 -22.13
C ARG C 102 -0.59 35.83 -23.63
N LEU C 103 -1.77 35.74 -24.23
CA LEU C 103 -1.88 35.57 -25.67
C LEU C 103 -2.22 36.90 -26.31
N LYS C 104 -2.34 36.91 -27.63
CA LYS C 104 -2.70 38.12 -28.35
C LYS C 104 -4.12 38.52 -27.94
N PRO C 105 -4.41 39.83 -27.88
CA PRO C 105 -5.75 40.26 -27.49
C PRO C 105 -6.81 39.63 -28.40
N GLY C 106 -7.86 39.10 -27.77
CA GLY C 106 -8.92 38.46 -28.53
C GLY C 106 -8.77 36.95 -28.67
N ASN C 107 -7.55 36.43 -28.48
CA ASN C 107 -7.32 34.99 -28.61
C ASN C 107 -7.88 34.17 -27.47
N ILE C 108 -8.39 34.84 -26.45
CA ILE C 108 -8.99 34.15 -25.32
C ILE C 108 -10.33 34.80 -25.05
N ALA C 109 -11.40 34.04 -25.23
CA ALA C 109 -12.74 34.56 -25.02
C ALA C 109 -13.42 33.80 -23.89
N TYR C 110 -14.25 34.50 -23.13
CA TYR C 110 -14.96 33.89 -22.00
C TYR C 110 -16.47 33.99 -22.18
N VAL C 111 -17.17 32.95 -21.74
CA VAL C 111 -18.62 32.93 -21.78
C VAL C 111 -19.08 32.23 -20.52
N ARG C 112 -20.05 32.82 -19.83
CA ARG C 112 -20.56 32.25 -18.59
C ARG C 112 -21.53 31.11 -18.86
N GLN C 113 -21.34 30.01 -18.16
CA GLN C 113 -22.18 28.83 -18.31
C GLN C 113 -23.52 29.05 -17.66
N GLN C 114 -23.53 29.94 -16.66
CA GLN C 114 -24.72 30.30 -15.91
C GLN C 114 -25.26 29.22 -15.01
N GLU C 115 -25.52 28.04 -15.58
CA GLU C 115 -26.06 26.92 -14.80
C GLU C 115 -25.16 25.70 -14.98
N PRO C 116 -24.76 25.06 -13.87
CA PRO C 116 -23.89 23.88 -13.96
C PRO C 116 -24.63 22.64 -14.46
N MET C 117 -24.73 22.49 -15.78
CA MET C 117 -25.43 21.35 -16.37
C MET C 117 -24.58 20.30 -17.07
N GLY C 118 -23.30 20.23 -16.74
CA GLY C 118 -22.47 19.22 -17.36
C GLY C 118 -21.68 19.60 -18.61
N LEU C 119 -20.84 18.66 -19.04
CA LEU C 119 -19.96 18.83 -20.19
C LEU C 119 -20.59 19.19 -21.50
N GLY C 120 -21.66 18.48 -21.87
CA GLY C 120 -22.31 18.76 -23.13
C GLY C 120 -22.83 20.18 -23.16
N HIS C 121 -23.54 20.57 -22.12
CA HIS C 121 -24.11 21.90 -22.02
C HIS C 121 -23.00 22.94 -22.12
N ALA C 122 -21.88 22.66 -21.46
CA ALA C 122 -20.74 23.56 -21.44
C ALA C 122 -20.21 23.79 -22.85
N VAL C 123 -19.95 22.70 -23.57
CA VAL C 123 -19.47 22.82 -24.93
C VAL C 123 -20.49 23.58 -25.76
N TRP C 124 -21.76 23.26 -25.55
CA TRP C 124 -22.84 23.92 -26.28
C TRP C 124 -22.78 25.44 -26.13
N CYS C 125 -22.28 25.90 -24.98
CA CYS C 125 -22.18 27.32 -24.70
C CYS C 125 -21.29 28.06 -25.70
N ALA C 126 -20.34 27.35 -26.30
CA ALA C 126 -19.41 27.97 -27.24
C ALA C 126 -19.88 27.92 -28.70
N ARG C 127 -21.06 27.36 -28.92
CA ARG C 127 -21.61 27.22 -30.26
C ARG C 127 -21.40 28.38 -31.22
N ASP C 128 -21.76 29.58 -30.79
CA ASP C 128 -21.64 30.73 -31.67
C ASP C 128 -20.23 31.25 -31.89
N ILE C 129 -19.30 30.91 -31.00
CA ILE C 129 -17.93 31.38 -31.16
C ILE C 129 -17.17 30.43 -32.09
N VAL C 130 -17.59 29.18 -32.13
CA VAL C 130 -16.94 28.18 -32.95
C VAL C 130 -17.46 28.26 -34.39
N GLY C 131 -18.78 28.22 -34.55
CA GLY C 131 -19.36 28.36 -35.88
C GLY C 131 -19.36 27.11 -36.72
N ASP C 132 -18.93 27.22 -37.97
CA ASP C 132 -18.86 26.03 -38.81
C ASP C 132 -17.38 25.70 -38.90
N GLU C 133 -16.79 25.32 -37.77
CA GLU C 133 -15.37 24.99 -37.73
C GLU C 133 -15.17 23.82 -36.83
N PRO C 134 -14.12 23.03 -37.08
CA PRO C 134 -13.86 21.89 -36.21
C PRO C 134 -13.28 22.51 -34.93
N PHE C 135 -13.43 21.85 -33.79
CA PHE C 135 -12.91 22.44 -32.56
C PHE C 135 -12.34 21.39 -31.62
N ALA C 136 -11.49 21.83 -30.70
CA ALA C 136 -10.89 20.95 -29.71
C ALA C 136 -11.56 21.19 -28.35
N VAL C 137 -11.42 20.24 -27.44
CA VAL C 137 -11.98 20.37 -26.11
C VAL C 137 -10.97 19.77 -25.15
N LEU C 138 -10.58 20.53 -24.13
CA LEU C 138 -9.61 20.05 -23.17
C LEU C 138 -10.09 20.20 -21.74
N LEU C 139 -10.06 19.11 -21.00
CA LEU C 139 -10.46 19.12 -19.62
C LEU C 139 -9.17 19.18 -18.81
N PRO C 140 -8.83 20.36 -18.26
CA PRO C 140 -7.60 20.53 -17.48
C PRO C 140 -7.31 19.56 -16.33
N ASP C 141 -8.34 18.97 -15.74
CA ASP C 141 -8.12 18.00 -14.65
C ASP C 141 -7.29 16.82 -15.14
N ASP C 142 -7.37 16.54 -16.44
CA ASP C 142 -6.58 15.46 -17.03
C ASP C 142 -5.23 16.04 -17.42
N PHE C 143 -4.28 15.94 -16.49
CA PHE C 143 -2.94 16.43 -16.68
C PHE C 143 -2.20 15.44 -17.58
N MET C 144 -1.87 15.89 -18.79
CA MET C 144 -1.20 15.04 -19.75
C MET C 144 0.29 15.37 -19.83
N PHE C 145 1.09 14.49 -19.23
CA PHE C 145 2.53 14.67 -19.19
C PHE C 145 3.28 13.93 -20.30
N GLY C 146 3.97 14.67 -21.15
CA GLY C 146 4.71 14.04 -22.23
C GLY C 146 5.02 15.00 -23.36
N GLN C 147 5.93 14.61 -24.26
CA GLN C 147 6.27 15.46 -25.39
C GLN C 147 6.14 14.61 -26.65
N PRO C 148 5.42 15.10 -27.66
CA PRO C 148 4.72 16.39 -27.65
C PRO C 148 3.54 16.31 -26.71
N GLY C 149 2.82 17.42 -26.57
CA GLY C 149 1.66 17.42 -25.71
C GLY C 149 0.57 16.60 -26.37
N CYS C 150 -0.33 16.07 -25.56
CA CYS C 150 -1.42 15.27 -26.07
C CYS C 150 -2.15 15.87 -27.27
N LEU C 151 -2.51 17.14 -27.20
CA LEU C 151 -3.24 17.75 -28.31
C LEU C 151 -2.43 17.78 -29.60
N LYS C 152 -1.12 18.01 -29.49
CA LYS C 152 -0.28 18.04 -30.67
C LYS C 152 -0.24 16.65 -31.31
N GLN C 153 -0.05 15.61 -30.50
CA GLN C 153 -0.03 14.26 -31.01
C GLN C 153 -1.35 13.98 -31.73
N MET C 154 -2.43 14.46 -31.14
CA MET C 154 -3.76 14.26 -31.71
C MET C 154 -3.98 14.99 -33.00
N VAL C 155 -3.51 16.24 -33.06
CA VAL C 155 -3.67 17.04 -34.28
C VAL C 155 -2.84 16.39 -35.40
N ASP C 156 -1.71 15.80 -35.04
CA ASP C 156 -0.84 15.13 -36.00
C ASP C 156 -1.63 14.03 -36.70
N ALA C 157 -2.40 13.28 -35.93
CA ALA C 157 -3.23 12.21 -36.48
C ALA C 157 -4.43 12.79 -37.19
N TYR C 158 -4.87 13.97 -36.78
CA TYR C 158 -6.02 14.60 -37.39
C TYR C 158 -5.65 14.96 -38.83
N ASN C 159 -4.49 15.58 -39.00
CA ASN C 159 -3.98 15.99 -40.30
C ASN C 159 -4.00 14.88 -41.33
N LYS C 160 -4.04 13.64 -40.88
CA LYS C 160 -4.03 12.53 -41.82
C LYS C 160 -5.35 11.81 -41.98
N VAL C 161 -6.11 11.64 -40.91
CA VAL C 161 -7.40 10.96 -41.02
C VAL C 161 -8.64 11.86 -40.90
N GLY C 162 -8.48 13.06 -40.34
CA GLY C 162 -9.61 13.98 -40.21
C GLY C 162 -10.72 13.46 -39.33
N GLY C 163 -11.93 14.00 -39.49
CA GLY C 163 -13.05 13.54 -38.68
C GLY C 163 -12.95 13.89 -37.20
N ASN C 164 -13.39 12.97 -36.34
CA ASN C 164 -13.38 13.19 -34.90
C ASN C 164 -12.37 12.30 -34.19
N LEU C 165 -11.68 12.84 -33.19
CA LEU C 165 -10.70 12.09 -32.44
C LEU C 165 -10.85 12.36 -30.95
N ILE C 166 -10.46 11.37 -30.15
CA ILE C 166 -10.52 11.47 -28.70
C ILE C 166 -9.35 10.70 -28.14
N CYS C 167 -8.87 11.10 -26.98
CA CYS C 167 -7.77 10.40 -26.34
C CYS C 167 -8.33 9.16 -25.68
N ALA C 168 -7.68 8.02 -25.92
CA ALA C 168 -8.13 6.75 -25.35
C ALA C 168 -7.07 6.16 -24.45
N GLU C 169 -7.52 5.45 -23.43
CA GLU C 169 -6.63 4.85 -22.45
C GLU C 169 -7.27 3.63 -21.79
N GLU C 170 -6.51 2.53 -21.76
CA GLU C 170 -6.96 1.29 -21.15
C GLU C 170 -7.11 1.52 -19.65
N VAL C 171 -8.27 1.17 -19.11
CA VAL C 171 -8.51 1.35 -17.69
C VAL C 171 -8.95 0.04 -17.04
N PRO C 172 -8.63 -0.13 -15.74
CA PRO C 172 -9.01 -1.34 -15.02
C PRO C 172 -10.51 -1.62 -15.07
N ASP C 173 -10.87 -2.89 -14.91
CA ASP C 173 -12.28 -3.31 -14.96
C ASP C 173 -13.19 -2.61 -13.94
N ASP C 174 -12.72 -2.45 -12.71
CA ASP C 174 -13.54 -1.81 -11.68
C ASP C 174 -13.57 -0.30 -11.84
N GLN C 175 -12.97 0.19 -12.92
CA GLN C 175 -12.89 1.62 -13.20
C GLN C 175 -13.78 2.06 -14.35
N THR C 176 -14.15 1.11 -15.19
CA THR C 176 -14.96 1.38 -16.37
C THR C 176 -16.27 2.13 -16.20
N HIS C 177 -16.93 1.97 -15.06
CA HIS C 177 -18.20 2.64 -14.83
C HIS C 177 -18.07 4.15 -14.61
N ARG C 178 -16.84 4.65 -14.61
CA ARG C 178 -16.58 6.08 -14.38
C ARG C 178 -16.30 6.86 -15.66
N TYR C 179 -16.10 6.17 -16.77
CA TYR C 179 -15.78 6.85 -18.00
C TYR C 179 -16.73 6.49 -19.12
N GLY C 180 -16.54 7.13 -20.26
CA GLY C 180 -17.33 6.81 -21.42
C GLY C 180 -16.50 5.69 -22.01
N ILE C 181 -17.14 4.61 -22.43
CA ILE C 181 -16.37 3.49 -22.97
C ILE C 181 -16.50 3.32 -24.47
N ILE C 182 -15.38 2.98 -25.11
CA ILE C 182 -15.33 2.80 -26.54
C ILE C 182 -15.44 1.34 -26.97
N THR C 183 -16.14 1.12 -28.08
CA THR C 183 -16.29 -0.20 -28.68
C THR C 183 -15.27 -0.11 -29.82
N PRO C 184 -14.08 -0.70 -29.63
CA PRO C 184 -12.99 -0.68 -30.62
C PRO C 184 -13.16 -1.45 -31.91
N GLY C 185 -12.53 -0.92 -32.95
CA GLY C 185 -12.55 -1.52 -34.26
C GLY C 185 -11.10 -1.78 -34.64
N THR C 186 -10.73 -1.46 -35.88
CA THR C 186 -9.38 -1.66 -36.37
C THR C 186 -8.33 -0.77 -35.68
N GLN C 187 -7.17 -1.34 -35.36
CA GLN C 187 -6.09 -0.57 -34.74
C GLN C 187 -5.04 -0.35 -35.81
N ASP C 188 -4.55 0.87 -35.92
CA ASP C 188 -3.54 1.20 -36.91
C ASP C 188 -2.45 1.99 -36.20
N GLY C 189 -1.71 1.28 -35.35
CA GLY C 189 -0.64 1.91 -34.60
C GLY C 189 -1.16 2.58 -33.34
N VAL C 190 -1.24 3.90 -33.38
CA VAL C 190 -1.72 4.70 -32.25
C VAL C 190 -3.21 4.94 -32.32
N LEU C 191 -3.77 4.82 -33.52
CA LEU C 191 -5.19 5.02 -33.73
C LEU C 191 -5.94 3.73 -33.54
N THR C 192 -7.23 3.86 -33.27
CA THR C 192 -8.08 2.73 -33.07
C THR C 192 -9.52 3.18 -33.32
N GLU C 193 -10.16 2.57 -34.31
CA GLU C 193 -11.54 2.91 -34.68
C GLU C 193 -12.55 2.78 -33.56
N VAL C 194 -13.41 3.78 -33.42
CA VAL C 194 -14.45 3.75 -32.40
C VAL C 194 -15.73 3.35 -33.12
N LYS C 195 -16.25 2.17 -32.80
CA LYS C 195 -17.46 1.68 -33.43
C LYS C 195 -18.68 1.99 -32.57
N GLY C 196 -18.43 2.38 -31.32
CA GLY C 196 -19.53 2.70 -30.43
C GLY C 196 -19.00 3.25 -29.12
N LEU C 197 -19.88 3.86 -28.35
CA LEU C 197 -19.48 4.42 -27.08
C LEU C 197 -20.67 4.65 -26.17
N VAL C 198 -20.50 4.28 -24.91
CA VAL C 198 -21.55 4.46 -23.92
C VAL C 198 -20.97 5.23 -22.74
N GLU C 199 -21.71 6.21 -22.25
CA GLU C 199 -21.29 7.05 -21.11
C GLU C 199 -21.37 6.17 -19.87
N LYS C 200 -20.38 6.18 -18.99
CA LYS C 200 -20.43 5.35 -17.77
C LYS C 200 -21.35 4.10 -17.73
N PRO C 201 -20.94 3.01 -18.40
CA PRO C 201 -21.75 1.79 -18.41
C PRO C 201 -21.85 1.17 -17.01
N ALA C 202 -22.82 0.26 -16.83
CA ALA C 202 -23.00 -0.42 -15.54
C ALA C 202 -21.86 -1.40 -15.38
N PRO C 203 -21.50 -1.74 -14.13
CA PRO C 203 -20.40 -2.68 -13.89
C PRO C 203 -20.60 -4.13 -14.30
N GLY C 204 -20.82 -4.40 -15.58
CA GLY C 204 -20.99 -5.77 -16.01
C GLY C 204 -21.34 -5.68 -17.46
N THR C 205 -21.60 -4.44 -17.88
CA THR C 205 -21.95 -4.18 -19.26
C THR C 205 -20.93 -3.33 -19.99
N ALA C 206 -19.66 -3.46 -19.62
CA ALA C 206 -18.60 -2.71 -20.29
C ALA C 206 -18.20 -3.37 -21.62
N PRO C 207 -18.49 -2.72 -22.74
CA PRO C 207 -18.14 -3.28 -24.06
C PRO C 207 -16.65 -3.57 -24.18
N SER C 208 -15.83 -2.85 -23.40
CA SER C 208 -14.38 -3.03 -23.41
C SER C 208 -13.75 -2.28 -22.26
N ASN C 209 -12.47 -1.96 -22.41
CA ASN C 209 -11.74 -1.25 -21.37
C ASN C 209 -11.22 0.12 -21.78
N LEU C 210 -11.13 0.43 -23.08
CA LEU C 210 -10.60 1.73 -23.45
C LEU C 210 -11.63 2.85 -23.29
N SER C 211 -11.36 3.72 -22.34
CA SER C 211 -12.21 4.83 -21.99
C SER C 211 -11.85 6.11 -22.72
N VAL C 212 -12.72 7.11 -22.58
CA VAL C 212 -12.52 8.41 -23.21
C VAL C 212 -11.81 9.31 -22.21
N ILE C 213 -10.76 9.99 -22.65
CA ILE C 213 -10.03 10.91 -21.78
C ILE C 213 -10.35 12.33 -22.23
N GLY C 214 -10.20 13.28 -21.32
CA GLY C 214 -10.52 14.67 -21.61
C GLY C 214 -9.78 15.46 -22.68
N ARG C 215 -9.63 14.86 -23.86
CA ARG C 215 -8.97 15.51 -24.99
C ARG C 215 -9.79 15.16 -26.23
N TYR C 216 -10.38 16.16 -26.88
CA TYR C 216 -11.21 15.93 -28.06
C TYR C 216 -10.92 16.88 -29.23
N ILE C 217 -11.24 16.39 -30.42
CA ILE C 217 -11.14 17.17 -31.65
C ILE C 217 -12.43 16.79 -32.34
N LEU C 218 -13.38 17.72 -32.41
CA LEU C 218 -14.67 17.42 -33.00
C LEU C 218 -15.05 18.25 -34.21
N GLN C 219 -15.93 17.69 -35.03
CA GLN C 219 -16.40 18.39 -36.22
C GLN C 219 -17.64 19.18 -35.85
N PRO C 220 -17.85 20.31 -36.53
CA PRO C 220 -18.98 21.20 -36.29
C PRO C 220 -20.36 20.53 -36.25
N GLU C 221 -20.49 19.36 -36.87
CA GLU C 221 -21.78 18.68 -36.86
C GLU C 221 -22.14 18.27 -35.43
N VAL C 222 -21.14 18.13 -34.58
CA VAL C 222 -21.39 17.76 -33.20
C VAL C 222 -22.06 18.89 -32.44
N MET C 223 -21.69 20.13 -32.76
CA MET C 223 -22.30 21.29 -32.13
C MET C 223 -23.77 21.30 -32.51
N ARG C 224 -24.03 21.18 -33.81
CA ARG C 224 -25.37 21.15 -34.36
C ARG C 224 -26.24 20.14 -33.62
N ILE C 225 -25.70 18.96 -33.40
CA ILE C 225 -26.43 17.91 -32.72
C ILE C 225 -26.74 18.27 -31.29
N LEU C 226 -25.84 19.05 -30.67
CA LEU C 226 -26.02 19.48 -29.29
C LEU C 226 -27.10 20.56 -29.22
N GLU C 227 -27.06 21.50 -30.16
CA GLU C 227 -28.04 22.57 -30.22
C GLU C 227 -29.43 21.94 -30.35
N ASN C 228 -29.53 20.98 -31.25
CA ASN C 228 -30.78 20.27 -31.51
C ASN C 228 -31.37 19.63 -30.27
N GLN C 229 -30.57 18.87 -29.54
CA GLN C 229 -31.06 18.26 -28.33
C GLN C 229 -31.21 19.36 -27.29
N GLY C 230 -31.11 20.59 -27.76
CA GLY C 230 -31.24 21.75 -26.89
C GLY C 230 -32.51 22.52 -27.20
N GLN C 238 -26.72 16.07 -24.06
CA GLN C 238 -25.37 15.68 -23.69
C GLN C 238 -24.51 15.09 -24.82
N LEU C 239 -23.20 15.22 -24.60
CA LEU C 239 -22.09 14.95 -25.53
C LEU C 239 -21.72 13.59 -26.04
N THR C 240 -21.57 12.66 -25.11
CA THR C 240 -21.24 11.34 -25.55
C THR C 240 -22.29 10.99 -26.56
N ASP C 241 -23.53 11.00 -26.11
CA ASP C 241 -24.61 10.65 -27.02
C ASP C 241 -24.57 11.43 -28.28
N ALA C 242 -23.83 12.53 -28.33
CA ALA C 242 -23.85 13.30 -29.56
C ALA C 242 -22.78 12.82 -30.48
N MET C 243 -21.64 12.45 -29.92
CA MET C 243 -20.55 11.92 -30.73
C MET C 243 -21.03 10.62 -31.37
N GLN C 244 -21.79 9.86 -30.58
CA GLN C 244 -22.40 8.59 -30.96
C GLN C 244 -23.05 8.73 -32.32
N ARG C 245 -23.98 9.67 -32.41
CA ARG C 245 -24.72 9.91 -33.63
C ARG C 245 -23.86 10.21 -34.82
N MET C 246 -22.55 10.17 -34.62
CA MET C 246 -21.65 10.44 -35.73
C MET C 246 -20.60 9.39 -35.93
N ILE C 247 -21.00 8.14 -35.71
CA ILE C 247 -20.10 7.03 -35.94
C ILE C 247 -20.20 6.58 -37.39
N GLY C 248 -21.43 6.48 -37.89
CA GLY C 248 -21.63 5.99 -39.24
C GLY C 248 -21.25 6.88 -40.39
N ASP C 249 -20.98 8.15 -40.19
CA ASP C 249 -20.65 8.90 -41.38
C ASP C 249 -19.43 9.79 -41.37
N GLN C 250 -18.62 9.68 -40.32
CA GLN C 250 -17.39 10.43 -40.25
C GLN C 250 -16.32 9.63 -39.53
N PRO C 251 -15.06 9.77 -39.98
CA PRO C 251 -13.90 9.08 -39.40
C PRO C 251 -13.84 9.36 -37.90
N PHE C 252 -13.92 8.33 -37.08
CA PHE C 252 -13.85 8.53 -35.65
C PHE C 252 -12.84 7.59 -35.05
N HIS C 253 -11.76 8.16 -34.50
CA HIS C 253 -10.69 7.35 -33.93
C HIS C 253 -10.30 7.73 -32.52
N GLY C 254 -9.75 6.74 -31.82
CA GLY C 254 -9.27 6.95 -30.47
C GLY C 254 -7.78 7.06 -30.60
N VAL C 255 -7.17 8.00 -29.88
CA VAL C 255 -5.74 8.19 -29.93
C VAL C 255 -5.11 7.85 -28.58
N THR C 256 -4.06 7.04 -28.60
CA THR C 256 -3.39 6.71 -27.36
C THR C 256 -2.21 7.66 -27.21
N PHE C 257 -2.12 8.25 -26.04
CA PHE C 257 -1.09 9.23 -25.72
C PHE C 257 0.29 8.67 -25.42
N GLN C 258 1.30 9.26 -26.05
CA GLN C 258 2.69 8.87 -25.86
C GLN C 258 3.18 9.66 -24.65
N GLY C 259 2.79 9.22 -23.47
CA GLY C 259 3.17 9.88 -22.25
C GLY C 259 2.27 9.35 -21.16
N THR C 260 2.31 9.94 -19.98
CA THR C 260 1.44 9.47 -18.92
C THR C 260 0.45 10.56 -18.49
N ARG C 261 -0.73 10.10 -18.15
CA ARG C 261 -1.78 11.00 -17.74
C ARG C 261 -2.04 10.89 -16.25
N TYR C 262 -2.17 12.03 -15.59
CA TYR C 262 -2.45 12.03 -14.17
C TYR C 262 -3.82 12.64 -13.93
N ASP C 263 -4.64 11.91 -13.21
CA ASP C 263 -5.98 12.38 -12.92
C ASP C 263 -5.96 13.34 -11.74
N CYS C 264 -5.75 14.62 -12.01
CA CYS C 264 -5.74 15.62 -10.96
C CYS C 264 -7.16 15.88 -10.49
N GLY C 265 -8.06 15.01 -10.89
CA GLY C 265 -9.45 15.12 -10.49
C GLY C 265 -9.58 14.59 -9.07
N ASP C 266 -8.65 13.72 -8.68
CA ASP C 266 -8.65 13.18 -7.34
C ASP C 266 -7.31 13.50 -6.65
N LYS C 267 -7.35 13.76 -5.35
CA LYS C 267 -6.18 14.13 -4.59
C LYS C 267 -4.90 13.33 -4.82
N ALA C 268 -4.99 12.00 -4.88
CA ALA C 268 -3.81 11.18 -5.10
C ALA C 268 -3.13 11.50 -6.43
N GLY C 269 -3.93 11.67 -7.48
CA GLY C 269 -3.35 11.98 -8.76
C GLY C 269 -2.67 13.34 -8.74
N PHE C 270 -3.34 14.31 -8.13
CA PHE C 270 -2.83 15.65 -8.01
C PHE C 270 -1.42 15.62 -7.43
N ILE C 271 -1.28 14.90 -6.32
CA ILE C 271 0.01 14.79 -5.66
C ILE C 271 1.06 14.07 -6.52
N GLN C 272 0.63 12.99 -7.16
CA GLN C 272 1.53 12.23 -8.01
C GLN C 272 2.02 13.09 -9.17
N ALA C 273 1.13 13.88 -9.74
CA ALA C 273 1.54 14.75 -10.84
C ALA C 273 2.63 15.73 -10.39
N ASN C 274 2.40 16.35 -9.23
CA ASN C 274 3.35 17.31 -8.66
C ASN C 274 4.73 16.68 -8.49
N LEU C 275 4.73 15.46 -7.99
CA LEU C 275 5.97 14.75 -7.76
C LEU C 275 6.70 14.45 -9.08
N ALA C 276 5.94 13.95 -10.04
CA ALA C 276 6.47 13.60 -11.34
C ALA C 276 7.14 14.79 -12.01
N VAL C 277 6.44 15.91 -12.06
CA VAL C 277 6.98 17.10 -12.68
C VAL C 277 8.18 17.64 -11.92
N ALA C 278 8.13 17.61 -10.60
CA ALA C 278 9.25 18.09 -9.80
C ALA C 278 10.48 17.22 -10.05
N LEU C 279 10.30 15.92 -10.24
CA LEU C 279 11.46 15.05 -10.49
C LEU C 279 12.07 15.32 -11.85
N SER C 280 11.31 15.94 -12.74
CA SER C 280 11.79 16.24 -14.07
C SER C 280 12.44 17.62 -14.14
N ARG C 281 12.43 18.34 -13.03
CA ARG C 281 13.01 19.68 -12.98
C ARG C 281 14.42 19.68 -12.40
N PRO C 282 15.41 20.09 -13.21
CA PRO C 282 16.83 20.16 -12.86
C PRO C 282 17.10 20.75 -11.48
N ASP C 283 16.44 21.87 -11.22
CA ASP C 283 16.57 22.61 -9.98
C ASP C 283 15.79 22.09 -8.78
N LEU C 284 14.90 21.13 -9.00
CA LEU C 284 14.12 20.60 -7.91
C LEU C 284 14.33 19.12 -7.59
N GLU C 285 14.60 18.32 -8.61
CA GLU C 285 14.73 16.89 -8.35
C GLU C 285 15.77 16.47 -7.30
N PRO C 286 16.96 17.09 -7.26
CA PRO C 286 17.91 16.67 -6.25
C PRO C 286 17.29 16.69 -4.86
N ALA C 287 16.78 17.85 -4.46
CA ALA C 287 16.18 18.04 -3.15
C ALA C 287 14.94 17.18 -2.93
N VAL C 288 14.05 17.18 -3.90
CA VAL C 288 12.82 16.39 -3.81
C VAL C 288 13.11 14.89 -3.74
N ARG C 289 14.03 14.42 -4.58
CA ARG C 289 14.40 13.00 -4.59
C ARG C 289 14.89 12.62 -3.19
N ALA C 290 15.90 13.35 -2.72
CA ALA C 290 16.50 13.12 -1.40
C ALA C 290 15.44 13.00 -0.32
N PHE C 291 14.49 13.93 -0.35
CA PHE C 291 13.41 13.95 0.63
C PHE C 291 12.47 12.77 0.49
N ALA C 292 12.00 12.53 -0.73
CA ALA C 292 11.12 11.40 -1.00
C ALA C 292 11.72 10.13 -0.41
N VAL C 293 13.01 9.93 -0.71
CA VAL C 293 13.78 8.77 -0.27
C VAL C 293 13.59 8.49 1.22
N LYS C 294 14.06 9.43 2.04
CA LYS C 294 13.93 9.30 3.48
C LYS C 294 12.50 9.08 3.91
N ALA C 295 11.67 10.04 3.56
CA ALA C 295 10.27 10.04 3.92
C ALA C 295 9.54 8.74 3.64
N LEU C 296 10.12 7.90 2.78
CA LEU C 296 9.48 6.65 2.42
C LEU C 296 9.84 5.43 3.26
N GLY C 297 10.84 5.54 4.11
CA GLY C 297 11.23 4.39 4.90
C GLY C 297 12.18 3.53 4.11
N THR D 10 -15.39 63.29 32.64
CA THR D 10 -14.38 63.21 31.55
C THR D 10 -14.96 62.56 30.30
N ILE D 11 -15.15 63.37 29.25
CA ILE D 11 -15.69 62.94 27.97
C ILE D 11 -14.67 62.19 27.09
N LYS D 12 -14.94 60.91 26.83
CA LYS D 12 -14.07 60.08 25.98
C LYS D 12 -13.97 60.68 24.58
N PRO D 13 -12.74 60.98 24.11
CA PRO D 13 -12.58 61.56 22.78
C PRO D 13 -13.05 60.59 21.69
N LEU D 14 -13.55 61.13 20.60
CA LEU D 14 -14.07 60.33 19.49
C LEU D 14 -13.06 60.07 18.38
N ARG D 15 -12.72 58.81 18.14
CA ARG D 15 -11.73 58.48 17.12
C ARG D 15 -12.04 57.30 16.20
N LYS D 16 -13.23 56.72 16.31
CA LYS D 16 -13.57 55.58 15.47
C LYS D 16 -14.97 55.72 14.87
N ALA D 17 -15.13 55.19 13.67
CA ALA D 17 -16.41 55.22 12.97
C ALA D 17 -16.71 53.86 12.36
N VAL D 18 -17.96 53.45 12.46
CA VAL D 18 -18.42 52.17 11.91
C VAL D 18 -19.33 52.42 10.72
N PHE D 19 -19.05 51.74 9.61
CA PHE D 19 -19.85 51.91 8.41
C PHE D 19 -20.52 50.62 7.99
N PRO D 20 -21.83 50.50 8.22
CA PRO D 20 -22.50 49.27 7.82
C PRO D 20 -22.68 49.31 6.30
N VAL D 21 -21.93 48.46 5.60
CA VAL D 21 -22.02 48.45 4.16
C VAL D 21 -22.20 47.06 3.60
N ALA D 22 -23.11 46.30 4.20
CA ALA D 22 -23.35 44.94 3.76
C ALA D 22 -24.74 44.71 3.18
N GLY D 23 -25.44 45.78 2.83
CA GLY D 23 -26.78 45.61 2.29
C GLY D 23 -26.81 45.18 0.84
N LEU D 24 -27.89 44.50 0.45
CA LEU D 24 -28.07 44.04 -0.92
C LEU D 24 -28.84 45.07 -1.76
N GLY D 25 -29.03 46.26 -1.19
CA GLY D 25 -29.73 47.34 -1.89
C GLY D 25 -30.81 46.97 -2.88
N THR D 26 -31.56 45.92 -2.58
CA THR D 26 -32.65 45.43 -3.43
C THR D 26 -33.52 46.52 -4.06
N ARG D 27 -33.61 47.67 -3.38
CA ARG D 27 -34.44 48.77 -3.88
C ARG D 27 -33.95 49.40 -5.17
N PHE D 28 -32.64 49.31 -5.42
CA PHE D 28 -32.06 49.88 -6.63
C PHE D 28 -31.79 48.93 -7.78
N LEU D 29 -32.37 47.73 -7.74
CA LEU D 29 -32.20 46.77 -8.82
C LEU D 29 -32.75 47.36 -10.11
N PRO D 30 -32.15 47.00 -11.26
CA PRO D 30 -31.02 46.09 -11.42
C PRO D 30 -29.63 46.71 -11.23
N ALA D 31 -29.57 48.02 -11.03
CA ALA D 31 -28.30 48.71 -10.86
C ALA D 31 -27.42 48.11 -9.78
N THR D 32 -28.05 47.63 -8.72
CA THR D 32 -27.31 47.07 -7.60
C THR D 32 -27.22 45.55 -7.65
N LYS D 33 -27.47 44.98 -8.82
CA LYS D 33 -27.40 43.54 -8.92
C LYS D 33 -25.99 42.99 -8.67
N ALA D 34 -24.98 43.68 -9.17
CA ALA D 34 -23.60 43.23 -8.98
C ALA D 34 -22.68 44.36 -8.56
N MET D 35 -23.28 45.48 -8.16
CA MET D 35 -22.52 46.65 -7.71
C MET D 35 -23.04 47.09 -6.35
N PRO D 36 -22.13 47.35 -5.39
CA PRO D 36 -22.51 47.79 -4.05
C PRO D 36 -23.32 49.08 -4.14
N LYS D 37 -24.45 49.13 -3.46
CA LYS D 37 -25.28 50.34 -3.51
C LYS D 37 -24.49 51.52 -2.93
N GLU D 38 -23.57 51.22 -2.02
CA GLU D 38 -22.74 52.26 -1.41
C GLU D 38 -21.77 52.85 -2.44
N MET D 39 -21.70 52.24 -3.62
CA MET D 39 -20.81 52.75 -4.64
C MET D 39 -21.56 53.61 -5.63
N LEU D 40 -22.87 53.73 -5.45
CA LEU D 40 -23.66 54.56 -6.36
C LEU D 40 -23.09 55.96 -6.19
N PRO D 41 -22.88 56.67 -7.33
CA PRO D 41 -22.35 58.03 -7.30
C PRO D 41 -23.37 59.23 -7.31
N VAL D 42 -23.05 60.23 -6.55
CA VAL D 42 -23.82 61.43 -6.65
C VAL D 42 -22.82 62.41 -7.23
N VAL D 43 -22.94 62.39 -8.55
CA VAL D 43 -22.30 63.12 -9.63
C VAL D 43 -20.90 62.56 -9.86
N ASP D 44 -20.17 62.60 -8.76
CA ASP D 44 -18.72 62.17 -8.81
C ASP D 44 -17.98 61.15 -7.97
N ARG D 45 -18.60 61.03 -6.84
CA ARG D 45 -18.11 60.28 -5.79
C ARG D 45 -19.17 59.37 -5.30
N PRO D 46 -18.72 58.20 -4.91
CA PRO D 46 -19.61 57.17 -4.38
C PRO D 46 -20.11 57.60 -3.00
N LEU D 47 -21.32 57.16 -2.66
CA LEU D 47 -21.92 57.51 -1.38
C LEU D 47 -20.98 57.31 -0.19
N ILE D 48 -20.25 56.21 -0.18
CA ILE D 48 -19.37 55.93 0.93
C ILE D 48 -18.19 56.90 1.02
N GLN D 49 -17.77 57.45 -0.12
CA GLN D 49 -16.69 58.43 -0.15
C GLN D 49 -17.16 59.68 0.64
N TYR D 50 -18.37 60.15 0.35
CA TYR D 50 -18.92 61.30 1.05
C TYR D 50 -18.94 61.02 2.55
N ALA D 51 -19.36 59.81 2.90
CA ALA D 51 -19.44 59.40 4.29
C ALA D 51 -18.09 59.43 5.00
N VAL D 52 -17.06 58.91 4.35
CA VAL D 52 -15.75 58.91 5.00
C VAL D 52 -15.18 60.32 5.06
N ASP D 53 -15.44 61.13 4.03
CA ASP D 53 -14.97 62.50 4.01
C ASP D 53 -15.47 63.16 5.27
N GLU D 54 -16.77 62.97 5.48
CA GLU D 54 -17.48 63.51 6.63
C GLU D 54 -16.79 63.11 7.92
N ALA D 55 -16.45 61.84 8.03
CA ALA D 55 -15.81 61.35 9.25
C ALA D 55 -14.43 61.96 9.44
N VAL D 56 -13.67 62.09 8.35
CA VAL D 56 -12.34 62.66 8.43
C VAL D 56 -12.42 64.09 8.95
N GLU D 57 -13.38 64.85 8.42
CA GLU D 57 -13.56 66.22 8.86
C GLU D 57 -13.92 66.28 10.35
N ALA D 58 -14.62 65.28 10.85
CA ALA D 58 -15.01 65.24 12.25
C ALA D 58 -13.90 64.78 13.18
N GLY D 59 -12.71 64.57 12.63
CA GLY D 59 -11.59 64.15 13.47
C GLY D 59 -11.46 62.67 13.74
N ILE D 60 -12.18 61.87 12.96
CA ILE D 60 -12.11 60.43 13.14
C ILE D 60 -10.92 59.87 12.38
N GLU D 61 -10.18 58.95 13.01
CA GLU D 61 -9.00 58.40 12.38
C GLU D 61 -8.97 56.88 12.20
N GLN D 62 -10.10 56.23 12.38
CA GLN D 62 -10.16 54.79 12.23
C GLN D 62 -11.51 54.41 11.65
N MET D 63 -11.54 54.12 10.34
CA MET D 63 -12.77 53.72 9.66
C MET D 63 -12.90 52.22 9.74
N ILE D 64 -14.06 51.73 10.17
CA ILE D 64 -14.25 50.28 10.22
C ILE D 64 -15.49 49.88 9.45
N PHE D 65 -15.24 49.24 8.31
CA PHE D 65 -16.26 48.77 7.39
C PHE D 65 -16.71 47.35 7.68
N VAL D 66 -18.01 47.15 7.87
CA VAL D 66 -18.50 45.80 8.06
C VAL D 66 -19.21 45.54 6.72
N THR D 67 -18.57 44.74 5.88
CA THR D 67 -19.09 44.43 4.55
C THR D 67 -19.74 43.09 4.36
N GLY D 68 -20.20 42.89 3.12
CA GLY D 68 -20.86 41.66 2.73
C GLY D 68 -20.03 40.92 1.72
N ARG D 69 -20.67 40.02 0.97
CA ARG D 69 -19.95 39.24 0.00
C ARG D 69 -19.55 39.85 -1.33
N GLY D 70 -20.45 40.40 -2.12
CA GLY D 70 -19.97 40.94 -3.39
C GLY D 70 -19.52 42.39 -3.35
N LYS D 71 -18.74 42.77 -2.34
CA LYS D 71 -18.32 44.16 -2.25
C LYS D 71 -16.84 44.49 -2.26
N SER D 72 -16.09 43.91 -3.18
CA SER D 72 -14.67 44.18 -3.28
C SER D 72 -14.37 45.61 -3.76
N ALA D 73 -15.28 46.21 -4.52
CA ALA D 73 -15.08 47.57 -5.02
C ALA D 73 -14.91 48.55 -3.86
N LEU D 74 -15.65 48.33 -2.78
CA LEU D 74 -15.54 49.22 -1.63
C LEU D 74 -14.14 49.16 -1.05
N GLU D 75 -13.50 48.00 -1.18
CA GLU D 75 -12.16 47.84 -0.65
C GLU D 75 -11.11 48.40 -1.59
N ASP D 76 -11.31 48.22 -2.90
CA ASP D 76 -10.36 48.73 -3.87
C ASP D 76 -10.43 50.26 -3.96
N HIS D 77 -11.63 50.80 -3.80
CA HIS D 77 -11.77 52.24 -3.89
C HIS D 77 -10.86 52.97 -2.91
N PHE D 78 -10.62 52.37 -1.74
CA PHE D 78 -9.78 53.02 -0.75
C PHE D 78 -8.35 52.53 -0.66
N ASP D 79 -7.84 52.03 -1.78
CA ASP D 79 -6.46 51.58 -1.82
C ASP D 79 -5.87 52.26 -3.04
N ILE D 80 -4.60 52.00 -3.30
CA ILE D 80 -3.93 52.58 -4.46
C ILE D 80 -4.45 51.88 -5.69
N ALA D 81 -4.87 52.67 -6.67
CA ALA D 81 -5.36 52.12 -7.94
C ALA D 81 -4.12 52.14 -8.86
N TYR D 82 -3.23 51.17 -8.64
CA TYR D 82 -1.98 51.09 -9.37
C TYR D 82 -1.99 51.46 -10.85
N GLU D 83 -2.60 50.62 -11.67
CA GLU D 83 -2.60 50.87 -13.10
C GLU D 83 -3.15 52.22 -13.51
N LEU D 84 -4.23 52.64 -12.86
CA LEU D 84 -4.84 53.91 -13.17
C LEU D 84 -3.89 55.08 -12.94
N GLU D 85 -3.34 55.16 -11.72
CA GLU D 85 -2.44 56.23 -11.36
C GLU D 85 -1.20 56.27 -12.25
N ALA D 86 -0.81 55.11 -12.75
CA ALA D 86 0.34 55.01 -13.63
C ALA D 86 -0.02 55.58 -15.01
N THR D 87 -1.23 55.26 -15.47
CA THR D 87 -1.69 55.72 -16.76
C THR D 87 -1.93 57.22 -16.77
N MET D 88 -2.39 57.76 -15.65
CA MET D 88 -2.63 59.18 -15.59
C MET D 88 -1.30 59.91 -15.60
N ALA D 89 -0.33 59.36 -14.87
CA ALA D 89 0.99 59.96 -14.82
C ALA D 89 1.55 59.99 -16.24
N ALA D 90 1.28 58.94 -16.99
CA ALA D 90 1.76 58.83 -18.37
C ALA D 90 1.03 59.81 -19.27
N ARG D 91 0.21 60.67 -18.70
CA ARG D 91 -0.54 61.61 -19.51
C ARG D 91 -0.56 62.97 -18.83
N GLY D 92 0.38 63.16 -17.92
CA GLY D 92 0.49 64.40 -17.19
C GLY D 92 -0.78 64.82 -16.48
N LYS D 93 -1.65 63.85 -16.19
CA LYS D 93 -2.89 64.14 -15.48
C LYS D 93 -2.64 64.13 -13.98
N SER D 94 -3.08 65.19 -13.31
CA SER D 94 -2.94 65.34 -11.87
C SER D 94 -3.72 64.28 -11.12
N LEU D 95 -3.16 63.77 -10.03
CA LEU D 95 -3.85 62.77 -9.24
C LEU D 95 -4.62 63.43 -8.09
N ASP D 96 -4.68 64.76 -8.12
CA ASP D 96 -5.39 65.51 -7.08
C ASP D 96 -6.83 65.06 -6.98
N VAL D 97 -7.41 64.66 -8.11
CA VAL D 97 -8.79 64.21 -8.16
C VAL D 97 -9.03 63.06 -7.24
N LEU D 98 -7.96 62.39 -6.84
CA LEU D 98 -8.08 61.23 -5.98
C LEU D 98 -7.73 61.52 -4.54
N ASP D 99 -7.47 62.78 -4.22
CA ASP D 99 -7.12 63.11 -2.85
C ASP D 99 -8.27 62.82 -1.91
N GLY D 100 -7.98 62.07 -0.86
CA GLY D 100 -9.00 61.70 0.11
C GLY D 100 -9.54 60.30 -0.16
N THR D 101 -9.14 59.71 -1.28
CA THR D 101 -9.61 58.38 -1.59
C THR D 101 -8.76 57.30 -0.93
N ARG D 102 -7.62 57.72 -0.40
CA ARG D 102 -6.73 56.79 0.27
C ARG D 102 -6.29 57.34 1.62
N LEU D 103 -6.49 56.56 2.67
CA LEU D 103 -6.07 56.99 3.99
C LEU D 103 -4.80 56.28 4.37
N LYS D 104 -4.30 56.58 5.56
CA LYS D 104 -3.08 55.96 6.05
C LYS D 104 -3.29 54.47 6.23
N PRO D 105 -2.28 53.66 5.91
CA PRO D 105 -2.37 52.21 6.06
C PRO D 105 -2.89 51.83 7.43
N GLY D 106 -3.92 50.99 7.47
CA GLY D 106 -4.47 50.56 8.74
C GLY D 106 -5.66 51.37 9.22
N ASN D 107 -5.81 52.59 8.70
CA ASN D 107 -6.90 53.45 9.10
C ASN D 107 -8.26 52.98 8.62
N ILE D 108 -8.27 51.96 7.76
CA ILE D 108 -9.54 51.41 7.30
C ILE D 108 -9.49 49.91 7.44
N ALA D 109 -10.37 49.39 8.29
CA ALA D 109 -10.43 47.96 8.55
C ALA D 109 -11.75 47.39 8.05
N TYR D 110 -11.68 46.16 7.57
CA TYR D 110 -12.87 45.50 7.05
C TYR D 110 -13.14 44.20 7.81
N VAL D 111 -14.41 43.94 8.07
CA VAL D 111 -14.84 42.71 8.74
C VAL D 111 -16.11 42.27 8.02
N ARG D 112 -16.21 40.97 7.76
CA ARG D 112 -17.37 40.44 7.05
C ARG D 112 -18.51 40.12 8.01
N GLN D 113 -19.70 40.60 7.65
CA GLN D 113 -20.90 40.39 8.43
C GLN D 113 -21.35 38.92 8.40
N GLN D 114 -21.02 38.25 7.30
CA GLN D 114 -21.34 36.84 7.07
C GLN D 114 -22.82 36.63 6.77
N GLU D 115 -23.70 37.07 7.66
CA GLU D 115 -25.14 36.94 7.39
C GLU D 115 -25.84 38.26 7.63
N PRO D 116 -26.73 38.64 6.72
CA PRO D 116 -27.49 39.89 6.80
C PRO D 116 -28.56 39.90 7.87
N MET D 117 -28.16 40.25 9.08
CA MET D 117 -29.06 40.28 10.21
C MET D 117 -29.43 41.68 10.72
N GLY D 118 -29.24 42.70 9.89
CA GLY D 118 -29.60 44.03 10.31
C GLY D 118 -28.52 44.91 10.91
N LEU D 119 -28.90 46.15 11.16
CA LEU D 119 -28.01 47.17 11.71
C LEU D 119 -27.34 46.84 13.04
N GLY D 120 -28.12 46.36 14.01
CA GLY D 120 -27.52 46.03 15.30
C GLY D 120 -26.43 45.01 15.15
N HIS D 121 -26.74 43.92 14.46
CA HIS D 121 -25.79 42.85 14.24
C HIS D 121 -24.53 43.39 13.57
N ALA D 122 -24.72 44.24 12.57
CA ALA D 122 -23.60 44.82 11.84
C ALA D 122 -22.67 45.57 12.78
N VAL D 123 -23.23 46.48 13.57
CA VAL D 123 -22.41 47.25 14.49
C VAL D 123 -21.73 46.32 15.47
N TRP D 124 -22.44 45.29 15.89
CA TRP D 124 -21.91 44.31 16.83
C TRP D 124 -20.62 43.69 16.30
N CYS D 125 -20.55 43.50 14.98
CA CYS D 125 -19.38 42.90 14.33
C CYS D 125 -18.07 43.69 14.56
N ALA D 126 -18.18 44.97 14.88
CA ALA D 126 -17.01 45.81 15.11
C ALA D 126 -16.59 45.87 16.57
N ARG D 127 -17.28 45.10 17.40
CA ARG D 127 -17.02 45.08 18.83
C ARG D 127 -15.56 45.05 19.28
N ASP D 128 -14.77 44.14 18.75
CA ASP D 128 -13.38 44.06 19.17
C ASP D 128 -12.46 45.11 18.57
N ILE D 129 -12.93 45.78 17.52
CA ILE D 129 -12.14 46.82 16.88
C ILE D 129 -12.34 48.13 17.65
N VAL D 130 -13.56 48.33 18.13
CA VAL D 130 -13.92 49.52 18.89
C VAL D 130 -13.41 49.36 20.31
N GLY D 131 -13.82 48.29 20.97
CA GLY D 131 -13.34 47.98 22.30
C GLY D 131 -14.01 48.73 23.41
N ASP D 132 -13.22 49.50 24.14
CA ASP D 132 -13.72 50.28 25.25
C ASP D 132 -13.52 51.75 24.88
N GLU D 133 -14.29 52.21 23.90
CA GLU D 133 -14.16 53.57 23.41
C GLU D 133 -15.41 53.96 22.67
N PRO D 134 -15.71 55.26 22.64
CA PRO D 134 -16.90 55.73 21.94
C PRO D 134 -16.70 55.55 20.45
N PHE D 135 -17.80 55.41 19.72
CA PHE D 135 -17.69 55.22 18.29
C PHE D 135 -18.83 55.86 17.53
N ALA D 136 -18.57 56.20 16.27
CA ALA D 136 -19.59 56.80 15.42
C ALA D 136 -20.16 55.72 14.49
N VAL D 137 -21.30 56.01 13.90
CA VAL D 137 -21.97 55.09 12.98
C VAL D 137 -22.54 55.92 11.85
N LEU D 138 -22.19 55.61 10.62
CA LEU D 138 -22.72 56.36 9.50
C LEU D 138 -23.35 55.45 8.45
N LEU D 139 -24.58 55.77 8.05
CA LEU D 139 -25.26 55.00 7.03
C LEU D 139 -25.16 55.85 5.76
N PRO D 140 -24.27 55.45 4.85
CA PRO D 140 -24.08 56.21 3.60
C PRO D 140 -25.31 56.51 2.75
N ASP D 141 -26.40 55.77 2.91
CA ASP D 141 -27.59 56.06 2.12
C ASP D 141 -28.16 57.42 2.49
N ASP D 142 -27.89 57.85 3.72
CA ASP D 142 -28.34 59.14 4.17
C ASP D 142 -27.29 60.17 3.78
N PHE D 143 -27.47 60.74 2.59
CA PHE D 143 -26.58 61.74 2.05
C PHE D 143 -26.82 63.06 2.79
N MET D 144 -25.84 63.49 3.57
CA MET D 144 -25.94 64.73 4.34
C MET D 144 -25.22 65.87 3.67
N PHE D 145 -25.98 66.70 2.96
CA PHE D 145 -25.39 67.83 2.24
C PHE D 145 -25.40 69.13 3.03
N GLY D 146 -24.21 69.63 3.31
CA GLY D 146 -24.09 70.86 4.07
C GLY D 146 -22.74 70.97 4.72
N GLN D 147 -22.54 72.00 5.54
CA GLN D 147 -21.27 72.15 6.22
C GLN D 147 -21.38 73.02 7.46
N PRO D 148 -20.47 72.82 8.41
CA PRO D 148 -19.36 71.87 8.37
C PRO D 148 -19.68 70.49 7.76
N GLY D 149 -20.71 69.83 8.26
CA GLY D 149 -21.03 68.52 7.76
C GLY D 149 -21.61 67.81 8.97
N CYS D 150 -22.57 66.93 8.75
CA CYS D 150 -23.23 66.29 9.86
C CYS D 150 -22.36 65.78 11.01
N LEU D 151 -21.48 64.82 10.75
CA LEU D 151 -20.66 64.29 11.83
C LEU D 151 -19.84 65.36 12.57
N LYS D 152 -19.35 66.35 11.82
CA LYS D 152 -18.58 67.45 12.41
C LYS D 152 -19.46 68.23 13.38
N GLN D 153 -20.62 68.66 12.88
CA GLN D 153 -21.55 69.40 13.71
C GLN D 153 -21.87 68.59 14.97
N MET D 154 -22.07 67.30 14.80
CA MET D 154 -22.38 66.42 15.93
C MET D 154 -21.24 66.31 16.93
N VAL D 155 -20.02 66.11 16.42
CA VAL D 155 -18.87 65.97 17.29
C VAL D 155 -18.64 67.27 18.08
N ASP D 156 -18.97 68.40 17.46
CA ASP D 156 -18.83 69.69 18.13
C ASP D 156 -19.70 69.69 19.38
N ALA D 157 -20.93 69.19 19.24
CA ALA D 157 -21.85 69.11 20.36
C ALA D 157 -21.41 68.05 21.33
N TYR D 158 -20.85 66.97 20.80
CA TYR D 158 -20.37 65.88 21.65
C TYR D 158 -19.30 66.38 22.61
N ASN D 159 -18.37 67.17 22.09
CA ASN D 159 -17.27 67.70 22.90
C ASN D 159 -17.73 68.55 24.07
N LYS D 160 -19.00 68.96 24.08
CA LYS D 160 -19.45 69.72 25.23
C LYS D 160 -20.47 68.99 26.09
N VAL D 161 -21.26 68.13 25.49
CA VAL D 161 -22.28 67.38 26.24
C VAL D 161 -21.91 65.92 26.50
N GLY D 162 -21.13 65.33 25.61
CA GLY D 162 -20.74 63.95 25.79
C GLY D 162 -21.90 62.99 25.67
N GLY D 163 -21.71 61.77 26.17
CA GLY D 163 -22.78 60.78 26.10
C GLY D 163 -23.05 60.25 24.71
N ASN D 164 -24.32 60.11 24.37
CA ASN D 164 -24.73 59.59 23.07
C ASN D 164 -25.54 60.60 22.30
N LEU D 165 -25.30 60.66 21.00
CA LEU D 165 -26.01 61.60 20.15
C LEU D 165 -26.42 60.95 18.85
N ILE D 166 -27.49 61.45 18.27
CA ILE D 166 -27.98 60.95 17.00
C ILE D 166 -28.56 62.12 16.23
N CYS D 167 -28.55 62.03 14.91
CA CYS D 167 -29.08 63.10 14.09
C CYS D 167 -30.60 62.95 14.08
N ALA D 168 -31.30 64.05 14.31
CA ALA D 168 -32.74 64.04 14.33
C ALA D 168 -33.28 64.94 13.24
N GLU D 169 -34.42 64.53 12.66
CA GLU D 169 -35.05 65.28 11.58
C GLU D 169 -36.57 65.10 11.57
N GLU D 170 -37.27 66.23 11.48
CA GLU D 170 -38.72 66.20 11.44
C GLU D 170 -39.15 65.53 10.14
N VAL D 171 -40.01 64.54 10.25
CA VAL D 171 -40.49 63.81 9.08
C VAL D 171 -42.02 63.85 9.02
N PRO D 172 -42.59 63.80 7.81
CA PRO D 172 -44.05 63.82 7.62
C PRO D 172 -44.72 62.69 8.39
N ASP D 173 -45.97 62.88 8.78
CA ASP D 173 -46.70 61.88 9.55
C ASP D 173 -46.83 60.51 8.89
N ASP D 174 -47.08 60.46 7.58
CA ASP D 174 -47.21 59.16 6.94
C ASP D 174 -45.87 58.50 6.63
N GLN D 175 -44.79 59.09 7.16
CA GLN D 175 -43.44 58.60 6.93
C GLN D 175 -42.81 58.07 8.23
N THR D 176 -43.49 58.33 9.34
CA THR D 176 -43.01 57.93 10.66
C THR D 176 -42.81 56.44 10.93
N HIS D 177 -43.61 55.60 10.27
CA HIS D 177 -43.53 54.16 10.44
C HIS D 177 -42.27 53.53 9.86
N ARG D 178 -41.45 54.34 9.20
CA ARG D 178 -40.22 53.85 8.58
C ARG D 178 -38.95 54.15 9.34
N TYR D 179 -39.06 54.98 10.37
CA TYR D 179 -37.87 55.34 11.15
C TYR D 179 -38.05 55.01 12.61
N GLY D 180 -36.96 55.24 13.36
CA GLY D 180 -36.99 55.06 14.79
C GLY D 180 -37.46 56.43 15.20
N ILE D 181 -38.44 56.51 16.11
CA ILE D 181 -38.93 57.81 16.51
C ILE D 181 -38.50 58.19 17.91
N ILE D 182 -38.22 59.48 18.09
CA ILE D 182 -37.77 59.99 19.38
C ILE D 182 -38.86 60.69 20.16
N THR D 183 -38.83 60.51 21.48
CA THR D 183 -39.75 61.17 22.39
C THR D 183 -38.90 62.33 22.89
N PRO D 184 -39.12 63.54 22.34
CA PRO D 184 -38.37 64.75 22.70
C PRO D 184 -38.57 65.34 24.09
N GLY D 185 -37.49 65.95 24.58
CA GLY D 185 -37.49 66.60 25.87
C GLY D 185 -37.14 68.05 25.64
N THR D 186 -36.24 68.59 26.46
CA THR D 186 -35.85 69.98 26.34
C THR D 186 -35.01 70.26 25.10
N GLN D 187 -35.27 71.39 24.46
CA GLN D 187 -34.51 71.80 23.29
C GLN D 187 -33.56 72.90 23.72
N ASP D 188 -32.30 72.78 23.31
CA ASP D 188 -31.28 73.77 23.64
C ASP D 188 -30.60 74.17 22.32
N GLY D 189 -31.33 74.88 21.48
CA GLY D 189 -30.78 75.28 20.20
C GLY D 189 -30.84 74.17 19.17
N VAL D 190 -29.71 73.52 18.95
CA VAL D 190 -29.63 72.44 17.97
C VAL D 190 -29.87 71.08 18.61
N LEU D 191 -29.66 71.00 19.92
CA LEU D 191 -29.86 69.77 20.65
C LEU D 191 -31.29 69.64 21.18
N THR D 192 -31.68 68.41 21.48
CA THR D 192 -32.99 68.12 22.03
C THR D 192 -32.93 66.76 22.70
N GLU D 193 -33.18 66.75 24.02
CA GLU D 193 -33.12 65.51 24.81
C GLU D 193 -34.03 64.43 24.29
N VAL D 194 -33.52 63.20 24.27
CA VAL D 194 -34.30 62.05 23.85
C VAL D 194 -34.75 61.33 25.13
N LYS D 195 -36.05 61.35 25.38
CA LYS D 195 -36.60 60.73 26.57
C LYS D 195 -37.00 59.29 26.28
N GLY D 196 -37.04 58.96 25.00
CA GLY D 196 -37.41 57.62 24.62
C GLY D 196 -37.41 57.49 23.11
N LEU D 197 -37.46 56.26 22.62
CA LEU D 197 -37.49 56.04 21.19
C LEU D 197 -37.98 54.65 20.85
N VAL D 198 -38.76 54.57 19.78
CA VAL D 198 -39.31 53.31 19.31
C VAL D 198 -38.94 53.10 17.86
N GLU D 199 -38.50 51.89 17.55
CA GLU D 199 -38.11 51.56 16.19
C GLU D 199 -39.40 51.44 15.36
N LYS D 200 -39.48 52.04 14.18
CA LYS D 200 -40.68 51.96 13.35
C LYS D 200 -42.05 51.73 14.02
N PRO D 201 -42.60 52.76 14.68
CA PRO D 201 -43.90 52.61 15.33
C PRO D 201 -44.99 52.40 14.30
N ALA D 202 -46.15 51.90 14.72
CA ALA D 202 -47.25 51.68 13.80
C ALA D 202 -47.86 53.05 13.49
N PRO D 203 -48.53 53.18 12.34
CA PRO D 203 -49.15 54.46 11.95
C PRO D 203 -50.28 54.90 12.88
N GLY D 204 -50.02 55.80 13.80
CA GLY D 204 -51.08 56.25 14.70
C GLY D 204 -50.54 56.11 16.10
N THR D 205 -49.38 55.47 16.18
CA THR D 205 -48.68 55.19 17.42
C THR D 205 -47.43 56.06 17.62
N ALA D 206 -47.14 56.92 16.65
CA ALA D 206 -45.94 57.76 16.74
C ALA D 206 -45.93 58.79 17.86
N PRO D 207 -44.98 58.66 18.80
CA PRO D 207 -44.83 59.57 19.93
C PRO D 207 -44.58 61.00 19.48
N SER D 208 -44.03 61.13 18.28
CA SER D 208 -43.69 62.44 17.72
C SER D 208 -43.34 62.29 16.24
N ASN D 209 -42.62 63.29 15.72
CA ASN D 209 -42.23 63.28 14.32
C ASN D 209 -40.73 63.29 14.09
N LEU D 210 -39.93 63.57 15.12
CA LEU D 210 -38.51 63.59 14.89
C LEU D 210 -37.93 62.16 14.93
N SER D 211 -37.50 61.75 13.74
CA SER D 211 -36.93 60.44 13.50
C SER D 211 -35.42 60.41 13.67
N VAL D 212 -34.89 59.19 13.74
CA VAL D 212 -33.47 58.97 13.90
C VAL D 212 -32.84 58.90 12.51
N ILE D 213 -31.77 59.64 12.30
CA ILE D 213 -31.12 59.63 11.00
C ILE D 213 -29.80 58.89 11.11
N GLY D 214 -29.39 58.26 10.01
CA GLY D 214 -28.17 57.48 9.97
C GLY D 214 -26.84 58.07 10.42
N ARG D 215 -26.83 58.81 11.52
CA ARG D 215 -25.60 59.40 12.04
C ARG D 215 -25.64 59.25 13.55
N TYR D 216 -24.73 58.43 14.09
CA TYR D 216 -24.70 58.17 15.52
C TYR D 216 -23.32 58.35 16.16
N ILE D 217 -23.34 58.67 17.45
CA ILE D 217 -22.14 58.80 18.25
C ILE D 217 -22.55 58.05 19.51
N LEU D 218 -21.96 56.88 19.74
CA LEU D 218 -22.35 56.06 20.88
C LEU D 218 -21.22 55.72 21.84
N GLN D 219 -21.60 55.44 23.08
CA GLN D 219 -20.65 55.08 24.13
C GLN D 219 -20.43 53.58 24.11
N PRO D 220 -19.24 53.13 24.54
CA PRO D 220 -18.90 51.71 24.57
C PRO D 220 -19.92 50.81 25.27
N GLU D 221 -20.66 51.37 26.22
CA GLU D 221 -21.66 50.56 26.92
C GLU D 221 -22.71 50.02 25.97
N VAL D 222 -22.90 50.71 24.84
CA VAL D 222 -23.88 50.28 23.87
C VAL D 222 -23.42 48.99 23.20
N MET D 223 -22.11 48.85 22.99
CA MET D 223 -21.57 47.64 22.38
C MET D 223 -21.85 46.50 23.37
N ARG D 224 -21.52 46.77 24.63
CA ARG D 224 -21.71 45.81 25.71
C ARG D 224 -23.11 45.25 25.70
N ILE D 225 -24.09 46.14 25.56
CA ILE D 225 -25.48 45.73 25.59
C ILE D 225 -25.82 44.91 24.36
N LEU D 226 -25.14 45.17 23.25
CA LEU D 226 -25.38 44.45 22.01
C LEU D 226 -24.81 43.05 22.10
N GLU D 227 -23.61 42.96 22.66
CA GLU D 227 -22.95 41.67 22.84
C GLU D 227 -23.85 40.79 23.71
N ASN D 228 -24.37 41.38 24.78
CA ASN D 228 -25.24 40.68 25.72
C ASN D 228 -26.51 40.17 25.07
N GLN D 229 -27.18 41.04 24.32
CA GLN D 229 -28.41 40.65 23.68
C GLN D 229 -28.21 39.61 22.59
N GLY D 230 -27.04 38.98 22.58
CA GLY D 230 -26.77 37.95 21.58
C GLY D 230 -27.21 36.58 22.06
N GLN D 238 -30.63 43.86 18.75
CA GLN D 238 -30.78 45.06 17.94
C GLN D 238 -30.28 46.42 18.49
N LEU D 239 -30.11 47.36 17.56
CA LEU D 239 -29.60 48.70 17.81
C LEU D 239 -30.50 49.61 18.61
N THR D 240 -31.56 50.04 17.93
CA THR D 240 -32.53 50.92 18.53
C THR D 240 -32.77 50.51 19.97
N ASP D 241 -33.32 49.33 20.11
CA ASP D 241 -33.67 48.82 21.42
C ASP D 241 -32.56 48.81 22.41
N ALA D 242 -31.34 49.09 21.99
CA ALA D 242 -30.23 49.04 22.93
C ALA D 242 -29.88 50.43 23.41
N MET D 243 -29.99 51.40 22.53
CA MET D 243 -29.72 52.78 22.88
C MET D 243 -30.69 53.17 24.00
N GLN D 244 -31.90 52.60 23.93
CA GLN D 244 -32.95 52.81 24.91
C GLN D 244 -32.45 52.57 26.33
N ARG D 245 -31.88 51.39 26.55
CA ARG D 245 -31.39 51.04 27.87
C ARG D 245 -30.33 51.99 28.37
N MET D 246 -30.06 53.03 27.60
CA MET D 246 -29.04 54.02 27.95
C MET D 246 -29.63 55.40 28.09
N ILE D 247 -30.84 55.49 28.60
CA ILE D 247 -31.50 56.77 28.74
C ILE D 247 -31.31 57.39 30.10
N GLY D 248 -31.59 56.62 31.13
CA GLY D 248 -31.46 57.13 32.47
C GLY D 248 -30.07 57.10 33.06
N ASP D 249 -29.03 57.39 32.30
CA ASP D 249 -27.72 57.44 32.95
C ASP D 249 -26.57 57.90 32.12
N GLN D 250 -26.90 58.35 30.93
CA GLN D 250 -25.92 58.90 30.03
C GLN D 250 -26.63 59.95 29.22
N PRO D 251 -26.03 61.14 29.11
CA PRO D 251 -26.66 62.21 28.33
C PRO D 251 -26.95 61.70 26.92
N PHE D 252 -28.21 61.83 26.52
CA PHE D 252 -28.62 61.36 25.20
C PHE D 252 -29.38 62.48 24.48
N HIS D 253 -28.77 63.03 23.44
CA HIS D 253 -29.37 64.11 22.69
C HIS D 253 -29.53 63.85 21.20
N GLY D 254 -30.51 64.53 20.62
CA GLY D 254 -30.76 64.44 19.19
C GLY D 254 -30.19 65.72 18.61
N VAL D 255 -29.49 65.62 17.49
CA VAL D 255 -28.90 66.80 16.88
C VAL D 255 -29.56 67.13 15.54
N THR D 256 -29.85 68.41 15.33
CA THR D 256 -30.48 68.83 14.07
C THR D 256 -29.36 69.28 13.14
N PHE D 257 -29.39 68.76 11.92
CA PHE D 257 -28.38 69.07 10.92
C PHE D 257 -28.59 70.41 10.23
N GLN D 258 -27.52 71.21 10.18
CA GLN D 258 -27.57 72.50 9.52
C GLN D 258 -27.23 72.27 8.05
N GLY D 259 -28.23 71.79 7.33
CA GLY D 259 -28.06 71.51 5.92
C GLY D 259 -29.23 70.63 5.54
N THR D 260 -29.22 70.05 4.34
CA THR D 260 -30.32 69.20 3.92
C THR D 260 -29.86 67.75 3.72
N ARG D 261 -30.73 66.81 4.06
CA ARG D 261 -30.41 65.40 3.91
C ARG D 261 -31.23 64.78 2.80
N TYR D 262 -30.58 63.96 1.98
CA TYR D 262 -31.24 63.28 0.89
C TYR D 262 -31.23 61.78 1.13
N ASP D 263 -32.40 61.16 1.07
CA ASP D 263 -32.55 59.72 1.28
C ASP D 263 -32.20 58.98 0.00
N CYS D 264 -30.92 58.73 -0.20
CA CYS D 264 -30.51 58.01 -1.40
C CYS D 264 -30.90 56.56 -1.27
N GLY D 265 -31.73 56.28 -0.26
CA GLY D 265 -32.22 54.94 -0.04
C GLY D 265 -33.29 54.67 -1.07
N ASP D 266 -33.95 55.72 -1.55
CA ASP D 266 -34.97 55.53 -2.57
C ASP D 266 -34.61 56.34 -3.82
N LYS D 267 -35.01 55.81 -4.96
CA LYS D 267 -34.70 56.41 -6.24
C LYS D 267 -34.88 57.91 -6.39
N ALA D 268 -36.01 58.45 -5.94
CA ALA D 268 -36.25 59.89 -6.07
C ALA D 268 -35.19 60.68 -5.30
N GLY D 269 -34.84 60.20 -4.13
CA GLY D 269 -33.85 60.90 -3.32
C GLY D 269 -32.50 60.92 -4.01
N PHE D 270 -32.10 59.78 -4.53
CA PHE D 270 -30.83 59.65 -5.23
C PHE D 270 -30.74 60.70 -6.35
N ILE D 271 -31.82 60.82 -7.11
CA ILE D 271 -31.89 61.76 -8.21
C ILE D 271 -31.83 63.19 -7.70
N GLN D 272 -32.61 63.48 -6.67
CA GLN D 272 -32.62 64.81 -6.09
C GLN D 272 -31.21 65.20 -5.62
N ALA D 273 -30.54 64.29 -4.92
CA ALA D 273 -29.20 64.55 -4.41
C ALA D 273 -28.23 64.89 -5.54
N ASN D 274 -28.33 64.15 -6.64
CA ASN D 274 -27.49 64.37 -7.80
C ASN D 274 -27.69 65.74 -8.41
N LEU D 275 -28.95 66.18 -8.46
CA LEU D 275 -29.27 67.47 -9.04
C LEU D 275 -28.79 68.59 -8.14
N ALA D 276 -28.98 68.41 -6.83
CA ALA D 276 -28.58 69.40 -5.84
C ALA D 276 -27.09 69.68 -5.90
N VAL D 277 -26.31 68.61 -5.84
CA VAL D 277 -24.86 68.74 -5.90
C VAL D 277 -24.41 69.33 -7.23
N ALA D 278 -25.02 68.87 -8.31
CA ALA D 278 -24.69 69.37 -9.63
C ALA D 278 -24.86 70.87 -9.72
N LEU D 279 -25.96 71.39 -9.16
CA LEU D 279 -26.23 72.82 -9.19
C LEU D 279 -25.28 73.63 -8.31
N SER D 280 -24.60 72.96 -7.39
CA SER D 280 -23.65 73.65 -6.54
C SER D 280 -22.24 73.63 -7.15
N ARG D 281 -22.09 72.97 -8.29
CA ARG D 281 -20.81 72.87 -8.99
C ARG D 281 -20.71 73.94 -10.07
N PRO D 282 -19.77 74.89 -9.92
CA PRO D 282 -19.57 75.97 -10.90
C PRO D 282 -19.46 75.51 -12.34
N ASP D 283 -18.82 74.36 -12.55
CA ASP D 283 -18.60 73.83 -13.89
C ASP D 283 -19.78 73.09 -14.48
N LEU D 284 -20.71 72.69 -13.63
CA LEU D 284 -21.87 71.94 -14.10
C LEU D 284 -23.16 72.71 -14.06
N GLU D 285 -23.31 73.59 -13.07
CA GLU D 285 -24.54 74.36 -12.91
C GLU D 285 -25.12 75.03 -14.17
N PRO D 286 -24.30 75.78 -14.91
CA PRO D 286 -24.86 76.42 -16.11
C PRO D 286 -25.59 75.42 -17.02
N ALA D 287 -24.88 74.40 -17.49
CA ALA D 287 -25.46 73.40 -18.38
C ALA D 287 -26.63 72.64 -17.76
N VAL D 288 -26.48 72.26 -16.49
CA VAL D 288 -27.51 71.52 -15.76
C VAL D 288 -28.77 72.36 -15.57
N ARG D 289 -28.61 73.58 -15.09
CA ARG D 289 -29.75 74.46 -14.88
C ARG D 289 -30.48 74.69 -16.20
N ALA D 290 -29.74 75.06 -17.23
CA ALA D 290 -30.30 75.30 -18.55
C ALA D 290 -31.19 74.14 -18.98
N PHE D 291 -30.67 72.92 -18.82
CA PHE D 291 -31.42 71.72 -19.19
C PHE D 291 -32.63 71.56 -18.31
N ALA D 292 -32.39 71.60 -17.01
CA ALA D 292 -33.44 71.44 -16.03
C ALA D 292 -34.71 72.22 -16.37
N VAL D 293 -34.57 73.53 -16.56
CA VAL D 293 -35.75 74.31 -16.88
C VAL D 293 -36.44 73.90 -18.17
N LYS D 294 -35.68 73.78 -19.26
CA LYS D 294 -36.28 73.38 -20.53
C LYS D 294 -37.07 72.07 -20.39
N ALA D 295 -36.43 71.03 -19.91
CA ALA D 295 -37.09 69.73 -19.79
C ALA D 295 -38.22 69.70 -18.77
N LEU D 296 -38.45 70.83 -18.11
CA LEU D 296 -39.48 70.88 -17.08
C LEU D 296 -40.79 71.57 -17.49
N GLY D 297 -40.88 72.03 -18.73
CA GLY D 297 -42.10 72.70 -19.17
C GLY D 297 -42.06 74.17 -18.86
N THR E 10 34.98 -9.93 36.25
CA THR E 10 33.96 -11.01 36.14
C THR E 10 34.25 -11.94 34.96
N ILE E 11 33.92 -13.21 35.14
CA ILE E 11 34.14 -14.23 34.12
C ILE E 11 32.89 -15.10 34.06
N LYS E 12 31.99 -14.80 33.12
CA LYS E 12 30.76 -15.57 33.00
C LYS E 12 31.05 -17.07 32.88
N PRO E 13 30.36 -17.89 33.69
CA PRO E 13 30.56 -19.35 33.67
C PRO E 13 30.20 -19.97 32.31
N LEU E 14 30.93 -21.01 31.92
CA LEU E 14 30.72 -21.68 30.63
C LEU E 14 29.78 -22.87 30.76
N ARG E 15 28.59 -22.76 30.19
CA ARG E 15 27.61 -23.84 30.28
C ARG E 15 27.01 -24.23 28.93
N LYS E 16 27.57 -23.74 27.84
CA LYS E 16 27.05 -24.05 26.52
C LYS E 16 28.14 -24.42 25.53
N ALA E 17 27.85 -25.42 24.71
CA ALA E 17 28.80 -25.88 23.70
C ALA E 17 28.12 -26.03 22.35
N VAL E 18 28.82 -25.62 21.29
CA VAL E 18 28.31 -25.71 19.93
C VAL E 18 29.07 -26.78 19.15
N PHE E 19 28.33 -27.68 18.51
CA PHE E 19 28.95 -28.75 17.73
C PHE E 19 28.58 -28.66 16.25
N PRO E 20 29.52 -28.24 15.39
CA PRO E 20 29.21 -28.16 13.96
C PRO E 20 29.22 -29.58 13.41
N VAL E 21 28.05 -30.11 13.10
CA VAL E 21 27.94 -31.46 12.59
C VAL E 21 27.16 -31.52 11.27
N ALA E 22 27.44 -30.60 10.35
CA ALA E 22 26.70 -30.61 9.10
C ALA E 22 27.58 -30.84 7.87
N GLY E 23 28.76 -31.42 8.07
CA GLY E 23 29.63 -31.66 6.94
C GLY E 23 29.24 -32.90 6.16
N LEU E 24 29.58 -32.93 4.87
CA LEU E 24 29.29 -34.08 4.01
C LEU E 24 30.45 -35.07 3.99
N GLY E 25 31.43 -34.86 4.87
CA GLY E 25 32.59 -35.73 4.98
C GLY E 25 33.07 -36.47 3.74
N THR E 26 33.01 -35.80 2.59
CA THR E 26 33.41 -36.38 1.30
C THR E 26 34.74 -37.14 1.31
N ARG E 27 35.57 -36.85 2.30
CA ARG E 27 36.87 -37.49 2.43
C ARG E 27 36.79 -38.97 2.78
N PHE E 28 35.71 -39.36 3.43
CA PHE E 28 35.54 -40.75 3.84
C PHE E 28 34.59 -41.56 2.98
N LEU E 29 34.32 -41.11 1.77
CA LEU E 29 33.43 -41.85 0.89
C LEU E 29 34.07 -43.17 0.51
N PRO E 30 33.27 -44.20 0.25
CA PRO E 30 31.80 -44.15 0.33
C PRO E 30 31.18 -44.44 1.69
N ALA E 31 32.00 -44.62 2.73
CA ALA E 31 31.43 -44.90 4.05
C ALA E 31 30.49 -43.79 4.53
N THR E 32 30.80 -42.54 4.17
CA THR E 32 29.97 -41.44 4.61
C THR E 32 28.92 -41.06 3.58
N LYS E 33 28.63 -41.96 2.65
CA LYS E 33 27.66 -41.65 1.60
C LYS E 33 26.26 -41.41 2.16
N ALA E 34 25.89 -42.19 3.16
CA ALA E 34 24.59 -42.04 3.79
C ALA E 34 24.69 -42.15 5.30
N MET E 35 25.90 -42.02 5.84
CA MET E 35 26.11 -42.06 7.29
C MET E 35 26.87 -40.80 7.67
N PRO E 36 26.43 -40.09 8.71
CA PRO E 36 27.13 -38.88 9.14
C PRO E 36 28.54 -39.22 9.57
N LYS E 37 29.49 -38.45 9.07
CA LYS E 37 30.89 -38.68 9.41
C LYS E 37 31.09 -38.70 10.90
N GLU E 38 30.32 -37.86 11.59
CA GLU E 38 30.45 -37.74 13.03
C GLU E 38 30.02 -39.01 13.73
N MET E 39 29.38 -39.93 13.02
CA MET E 39 28.94 -41.17 13.61
C MET E 39 29.95 -42.29 13.44
N LEU E 40 31.04 -42.02 12.74
CA LEU E 40 32.05 -43.04 12.53
C LEU E 40 32.61 -43.39 13.89
N PRO E 41 32.68 -44.68 14.19
CA PRO E 41 33.18 -45.17 15.49
C PRO E 41 34.71 -45.31 15.68
N VAL E 42 35.18 -45.01 16.87
CA VAL E 42 36.58 -45.22 17.11
C VAL E 42 36.44 -46.26 18.17
N VAL E 43 36.47 -47.50 17.70
CA VAL E 43 36.37 -48.67 18.51
C VAL E 43 34.96 -48.99 18.89
N ASP E 44 34.49 -48.24 19.86
CA ASP E 44 33.21 -48.41 20.50
C ASP E 44 32.10 -47.33 20.41
N ARG E 45 32.52 -46.08 20.25
CA ARG E 45 31.61 -44.95 20.27
C ARG E 45 31.86 -44.03 19.11
N PRO E 46 30.83 -43.31 18.66
CA PRO E 46 30.93 -42.36 17.56
C PRO E 46 31.69 -41.10 17.95
N LEU E 47 32.37 -40.50 16.99
CA LEU E 47 33.12 -39.29 17.23
C LEU E 47 32.37 -38.25 18.08
N ILE E 48 31.10 -37.96 17.78
CA ILE E 48 30.36 -36.97 18.58
C ILE E 48 30.24 -37.39 20.04
N GLN E 49 30.01 -38.68 20.28
CA GLN E 49 29.88 -39.18 21.64
C GLN E 49 31.11 -38.75 22.46
N TYR E 50 32.30 -39.01 21.95
CA TYR E 50 33.51 -38.61 22.66
C TYR E 50 33.49 -37.11 22.91
N ALA E 51 33.09 -36.36 21.88
CA ALA E 51 33.05 -34.91 21.97
C ALA E 51 32.07 -34.40 23.03
N VAL E 52 30.91 -35.05 23.14
CA VAL E 52 29.90 -34.64 24.10
C VAL E 52 30.35 -35.06 25.50
N ASP E 53 30.95 -36.25 25.61
CA ASP E 53 31.44 -36.73 26.89
C ASP E 53 32.42 -35.70 27.41
N GLU E 54 33.29 -35.25 26.53
CA GLU E 54 34.31 -34.27 26.84
C GLU E 54 33.69 -33.01 27.43
N ALA E 55 32.64 -32.53 26.78
CA ALA E 55 31.95 -31.33 27.22
C ALA E 55 31.32 -31.51 28.60
N VAL E 56 30.67 -32.65 28.82
CA VAL E 56 30.05 -32.93 30.10
C VAL E 56 31.11 -32.88 31.21
N GLU E 57 32.25 -33.50 30.96
CA GLU E 57 33.31 -33.51 31.93
C GLU E 57 33.73 -32.07 32.25
N ALA E 58 33.66 -31.19 31.26
CA ALA E 58 34.06 -29.80 31.44
C ALA E 58 32.99 -28.93 32.10
N GLY E 59 31.90 -29.56 32.52
CA GLY E 59 30.84 -28.82 33.18
C GLY E 59 29.86 -28.13 32.25
N ILE E 60 29.84 -28.53 30.98
CA ILE E 60 28.91 -27.93 30.02
C ILE E 60 27.54 -28.55 30.26
N GLU E 61 26.50 -27.71 30.20
CA GLU E 61 25.12 -28.12 30.46
C GLU E 61 24.16 -28.05 29.28
N GLN E 62 24.61 -27.44 28.18
CA GLN E 62 23.75 -27.27 27.03
C GLN E 62 24.48 -27.56 25.72
N MET E 63 24.17 -28.70 25.10
CA MET E 63 24.79 -29.07 23.84
C MET E 63 23.93 -28.53 22.69
N ILE E 64 24.55 -27.81 21.77
CA ILE E 64 23.86 -27.24 20.62
C ILE E 64 24.44 -27.82 19.33
N PHE E 65 23.70 -28.72 18.69
CA PHE E 65 24.12 -29.35 17.44
C PHE E 65 23.58 -28.59 16.23
N VAL E 66 24.46 -28.13 15.36
CA VAL E 66 23.99 -27.46 14.14
C VAL E 66 24.25 -28.53 13.06
N THR E 67 23.17 -29.12 12.60
CA THR E 67 23.22 -30.22 11.66
C THR E 67 22.87 -29.92 10.23
N GLY E 68 22.90 -30.97 9.41
CA GLY E 68 22.55 -30.85 8.00
C GLY E 68 21.39 -31.77 7.71
N ARG E 69 21.10 -32.02 6.42
CA ARG E 69 20.00 -32.94 6.08
C ARG E 69 20.52 -34.35 6.36
N GLY E 70 19.98 -35.43 5.82
CA GLY E 70 20.53 -36.73 6.16
C GLY E 70 21.30 -37.06 7.44
N LYS E 71 21.05 -36.38 8.57
CA LYS E 71 21.77 -36.69 9.81
C LYS E 71 20.90 -37.03 11.01
N SER E 72 19.86 -37.81 10.78
CA SER E 72 18.95 -38.18 11.86
C SER E 72 19.59 -39.10 12.88
N ALA E 73 20.60 -39.86 12.46
CA ALA E 73 21.28 -40.78 13.36
C ALA E 73 21.88 -40.03 14.54
N LEU E 74 22.42 -38.84 14.29
CA LEU E 74 22.99 -38.06 15.39
C LEU E 74 21.91 -37.72 16.40
N GLU E 75 20.69 -37.49 15.92
CA GLU E 75 19.58 -37.16 16.79
C GLU E 75 19.09 -38.39 17.55
N ASP E 76 18.90 -39.49 16.84
CA ASP E 76 18.43 -40.72 17.47
C ASP E 76 19.43 -41.25 18.49
N HIS E 77 20.71 -41.10 18.22
CA HIS E 77 21.74 -41.58 19.12
C HIS E 77 21.65 -40.96 20.52
N PHE E 78 21.17 -39.74 20.62
CA PHE E 78 21.08 -39.10 21.93
C PHE E 78 19.69 -39.05 22.54
N ASP E 79 18.86 -40.01 22.15
CA ASP E 79 17.51 -40.10 22.66
C ASP E 79 17.35 -41.53 23.13
N ILE E 80 16.19 -41.88 23.65
CA ILE E 80 15.97 -43.24 24.11
C ILE E 80 15.79 -44.15 22.91
N ALA E 81 16.51 -45.27 22.91
CA ALA E 81 16.39 -46.25 21.83
C ALA E 81 15.41 -47.25 22.38
N TYR E 82 14.13 -46.89 22.32
CA TYR E 82 13.07 -47.71 22.87
C TYR E 82 13.16 -49.22 22.65
N GLU E 83 13.02 -49.68 21.41
CA GLU E 83 13.05 -51.12 21.15
C GLU E 83 14.33 -51.79 21.62
N LEU E 84 15.47 -51.13 21.46
CA LEU E 84 16.73 -51.69 21.88
C LEU E 84 16.76 -51.95 23.37
N GLU E 85 16.41 -50.93 24.15
CA GLU E 85 16.41 -51.04 25.61
C GLU E 85 15.48 -52.13 26.08
N ALA E 86 14.40 -52.32 25.33
CA ALA E 86 13.44 -53.36 25.66
C ALA E 86 14.05 -54.72 25.38
N THR E 87 14.71 -54.84 24.24
CA THR E 87 15.34 -56.10 23.85
C THR E 87 16.40 -56.53 24.86
N MET E 88 17.18 -55.56 25.31
CA MET E 88 18.23 -55.83 26.26
C MET E 88 17.63 -56.29 27.56
N ALA E 89 16.61 -55.58 28.02
CA ALA E 89 15.94 -55.94 29.27
C ALA E 89 15.47 -57.38 29.15
N ALA E 90 14.99 -57.74 27.96
CA ALA E 90 14.49 -59.08 27.65
C ALA E 90 15.59 -60.12 27.73
N ARG E 91 16.81 -59.68 27.92
CA ARG E 91 17.95 -60.59 27.98
C ARG E 91 18.80 -60.34 29.21
N GLY E 92 18.24 -59.62 30.17
CA GLY E 92 19.01 -59.33 31.37
C GLY E 92 20.33 -58.64 31.09
N LYS E 93 20.46 -57.97 29.95
CA LYS E 93 21.67 -57.23 29.60
C LYS E 93 21.57 -55.83 30.18
N SER E 94 22.61 -55.42 30.91
CA SER E 94 22.66 -54.11 31.54
C SER E 94 22.70 -52.95 30.56
N LEU E 95 22.02 -51.86 30.90
CA LEU E 95 21.98 -50.67 30.05
C LEU E 95 23.13 -49.73 30.37
N ASP E 96 24.00 -50.16 31.28
CA ASP E 96 25.16 -49.37 31.67
C ASP E 96 25.99 -48.92 30.46
N VAL E 97 26.09 -49.80 29.48
CA VAL E 97 26.86 -49.53 28.29
C VAL E 97 26.36 -48.29 27.53
N LEU E 98 25.14 -47.83 27.85
CA LEU E 98 24.56 -46.66 27.20
C LEU E 98 24.68 -45.41 28.07
N ASP E 99 25.33 -45.55 29.22
CA ASP E 99 25.49 -44.43 30.12
C ASP E 99 26.21 -43.29 29.44
N GLY E 100 25.58 -42.11 29.42
CA GLY E 100 26.19 -40.95 28.81
C GLY E 100 25.68 -40.75 27.39
N THR E 101 24.81 -41.66 26.96
CA THR E 101 24.26 -41.57 25.63
C THR E 101 23.09 -40.61 25.59
N ARG E 102 22.45 -40.39 26.72
CA ARG E 102 21.38 -39.44 26.69
C ARG E 102 21.39 -38.55 27.90
N LEU E 103 21.19 -37.27 27.63
CA LEU E 103 21.18 -36.24 28.64
C LEU E 103 19.77 -35.89 29.07
N LYS E 104 19.65 -34.94 29.99
CA LYS E 104 18.35 -34.53 30.44
C LYS E 104 17.63 -33.83 29.31
N PRO E 105 16.31 -34.05 29.21
CA PRO E 105 15.52 -33.43 28.14
C PRO E 105 15.74 -31.92 27.98
N GLY E 106 15.90 -31.48 26.73
CA GLY E 106 16.20 -30.07 26.47
C GLY E 106 17.63 -29.69 26.42
N ASN E 107 18.46 -30.58 26.95
CA ASN E 107 19.95 -30.35 27.02
C ASN E 107 20.77 -30.51 25.78
N ILE E 108 20.11 -30.96 24.78
CA ILE E 108 20.64 -31.15 23.43
C ILE E 108 19.64 -30.52 22.47
N ALA E 109 20.08 -29.45 21.85
CA ALA E 109 19.24 -28.74 20.90
C ALA E 109 19.81 -28.87 19.51
N TYR E 110 18.92 -28.97 18.52
CA TYR E 110 19.33 -29.11 17.12
C TYR E 110 18.82 -27.97 16.25
N VAL E 111 19.69 -27.46 15.39
CA VAL E 111 19.32 -26.40 14.46
C VAL E 111 19.90 -26.75 13.10
N ARG E 112 19.10 -26.61 12.04
CA ARG E 112 19.55 -26.94 10.70
C ARG E 112 20.32 -25.80 10.06
N GLN E 113 21.52 -26.10 9.57
CA GLN E 113 22.36 -25.09 8.95
C GLN E 113 21.78 -24.66 7.60
N GLN E 114 21.00 -25.54 6.98
CA GLN E 114 20.36 -25.30 5.69
C GLN E 114 21.32 -25.29 4.50
N GLU E 115 22.37 -24.47 4.57
CA GLU E 115 23.36 -24.42 3.49
C GLU E 115 24.75 -24.57 4.06
N PRO E 116 25.57 -25.42 3.44
CA PRO E 116 26.94 -25.62 3.93
C PRO E 116 27.88 -24.47 3.56
N MET E 117 27.93 -23.48 4.43
CA MET E 117 28.77 -22.32 4.20
C MET E 117 29.98 -22.20 5.12
N GLY E 118 30.40 -23.30 5.74
CA GLY E 118 31.56 -23.23 6.61
C GLY E 118 31.34 -23.09 8.11
N LEU E 119 32.44 -23.17 8.85
CA LEU E 119 32.44 -23.09 10.31
C LEU E 119 31.87 -21.82 10.93
N GLY E 120 32.25 -20.66 10.41
CA GLY E 120 31.74 -19.41 10.96
C GLY E 120 30.23 -19.36 10.86
N HIS E 121 29.73 -19.67 9.66
CA HIS E 121 28.30 -19.68 9.39
C HIS E 121 27.59 -20.64 10.34
N ALA E 122 28.18 -21.82 10.52
CA ALA E 122 27.60 -22.84 11.39
C ALA E 122 27.48 -22.35 12.83
N VAL E 123 28.56 -21.79 13.36
CA VAL E 123 28.55 -21.28 14.72
C VAL E 123 27.50 -20.18 14.81
N TRP E 124 27.43 -19.34 13.77
CA TRP E 124 26.46 -18.25 13.71
C TRP E 124 25.03 -18.76 13.88
N CYS E 125 24.76 -19.97 13.40
CA CYS E 125 23.43 -20.55 13.48
C CYS E 125 22.92 -20.74 14.91
N ALA E 126 23.84 -20.77 15.88
CA ALA E 126 23.44 -20.98 17.27
C ALA E 126 23.29 -19.66 18.06
N ARG E 127 23.45 -18.53 17.38
CA ARG E 127 23.39 -17.21 18.02
C ARG E 127 22.29 -17.02 19.04
N ASP E 128 21.05 -17.31 18.66
CA ASP E 128 19.96 -17.12 19.60
C ASP E 128 19.86 -18.13 20.73
N ILE E 129 20.52 -19.26 20.61
CA ILE E 129 20.47 -20.25 21.68
C ILE E 129 21.58 -19.91 22.68
N VAL E 130 22.65 -19.34 22.17
CA VAL E 130 23.79 -18.95 23.01
C VAL E 130 23.44 -17.65 23.70
N GLY E 131 23.04 -16.66 22.92
CA GLY E 131 22.67 -15.38 23.50
C GLY E 131 23.87 -14.60 24.00
N ASP E 132 23.70 -13.90 25.11
CA ASP E 132 24.78 -13.13 25.67
C ASP E 132 25.53 -13.96 26.71
N GLU E 133 26.19 -15.01 26.24
CA GLU E 133 26.92 -15.91 27.12
C GLU E 133 28.16 -16.45 26.41
N PRO E 134 29.15 -16.92 27.19
CA PRO E 134 30.34 -17.46 26.56
C PRO E 134 29.95 -18.87 26.08
N PHE E 135 30.61 -19.34 25.04
CA PHE E 135 30.28 -20.67 24.50
C PHE E 135 31.51 -21.42 24.04
N ALA E 136 31.39 -22.75 24.03
CA ALA E 136 32.47 -23.62 23.57
C ALA E 136 32.14 -24.10 22.15
N VAL E 137 33.18 -24.53 21.42
CA VAL E 137 33.02 -25.06 20.08
C VAL E 137 33.89 -26.30 19.96
N LEU E 138 33.30 -27.42 19.53
CA LEU E 138 34.06 -28.65 19.39
C LEU E 138 33.87 -29.31 18.03
N LEU E 139 34.97 -29.54 17.31
CA LEU E 139 34.92 -30.19 16.01
C LEU E 139 35.28 -31.66 16.31
N PRO E 140 34.29 -32.54 16.33
CA PRO E 140 34.56 -33.94 16.62
C PRO E 140 35.59 -34.68 15.77
N ASP E 141 35.96 -34.13 14.62
CA ASP E 141 36.96 -34.80 13.78
C ASP E 141 38.30 -34.80 14.51
N ASP E 142 38.50 -33.81 15.37
CA ASP E 142 39.71 -33.74 16.16
C ASP E 142 39.48 -34.59 17.39
N PHE E 143 39.90 -35.83 17.32
CA PHE E 143 39.76 -36.77 18.41
C PHE E 143 40.86 -36.45 19.44
N MET E 144 40.45 -35.99 20.61
CA MET E 144 41.39 -35.61 21.67
C MET E 144 41.49 -36.70 22.72
N PHE E 145 42.58 -37.47 22.68
CA PHE E 145 42.76 -38.56 23.62
C PHE E 145 43.65 -38.20 24.79
N GLY E 146 43.07 -38.26 25.98
CA GLY E 146 43.80 -37.92 27.19
C GLY E 146 42.88 -37.62 28.36
N GLN E 147 43.43 -37.61 29.56
CA GLN E 147 42.65 -37.28 30.74
C GLN E 147 43.42 -36.35 31.68
N PRO E 148 42.74 -35.37 32.26
CA PRO E 148 41.32 -35.03 32.15
C PRO E 148 40.65 -35.26 30.80
N GLY E 149 40.64 -34.21 29.98
CA GLY E 149 39.97 -34.25 28.70
C GLY E 149 40.02 -32.82 28.19
N CYS E 150 40.47 -32.64 26.97
CA CYS E 150 40.72 -31.31 26.42
C CYS E 150 39.88 -30.14 26.87
N LEU E 151 38.57 -30.23 26.71
CA LEU E 151 37.72 -29.12 27.11
C LEU E 151 37.85 -28.85 28.60
N LYS E 152 38.01 -29.89 29.41
CA LYS E 152 38.17 -29.73 30.85
C LYS E 152 39.47 -28.97 31.13
N GLN E 153 40.58 -29.45 30.57
CA GLN E 153 41.85 -28.78 30.77
C GLN E 153 41.68 -27.30 30.38
N MET E 154 40.96 -27.06 29.28
CA MET E 154 40.75 -25.69 28.79
C MET E 154 39.89 -24.83 29.74
N VAL E 155 38.80 -25.40 30.24
CA VAL E 155 37.94 -24.65 31.13
C VAL E 155 38.67 -24.38 32.44
N ASP E 156 39.58 -25.25 32.82
CA ASP E 156 40.33 -25.04 34.05
C ASP E 156 41.15 -23.75 33.89
N ALA E 157 41.71 -23.55 32.70
CA ALA E 157 42.50 -22.35 32.42
C ALA E 157 41.57 -21.16 32.22
N TYR E 158 40.35 -21.44 31.77
CA TYR E 158 39.36 -20.38 31.55
C TYR E 158 39.00 -19.73 32.88
N ASN E 159 38.67 -20.57 33.85
CA ASN E 159 38.28 -20.09 35.18
C ASN E 159 39.36 -19.23 35.84
N LYS E 160 40.54 -19.15 35.25
CA LYS E 160 41.61 -18.34 35.83
C LYS E 160 41.88 -17.09 35.02
N VAL E 161 41.97 -17.24 33.70
CA VAL E 161 42.28 -16.10 32.85
C VAL E 161 41.09 -15.51 32.09
N GLY E 162 40.04 -16.30 31.92
CA GLY E 162 38.88 -15.80 31.20
C GLY E 162 39.17 -15.46 29.75
N GLY E 163 38.28 -14.67 29.14
CA GLY E 163 38.44 -14.28 27.76
C GLY E 163 38.21 -15.42 26.78
N ASN E 164 39.02 -15.50 25.74
CA ASN E 164 38.88 -16.57 24.77
C ASN E 164 40.10 -17.48 24.74
N LEU E 165 39.85 -18.78 24.53
CA LEU E 165 40.92 -19.75 24.47
C LEU E 165 40.67 -20.73 23.33
N ILE E 166 41.76 -21.27 22.80
CA ILE E 166 41.74 -22.25 21.71
C ILE E 166 42.83 -23.27 21.96
N CYS E 167 42.62 -24.49 21.47
CA CYS E 167 43.63 -25.51 21.64
C CYS E 167 44.71 -25.24 20.60
N ALA E 168 45.97 -25.27 21.04
CA ALA E 168 47.10 -25.02 20.17
C ALA E 168 48.02 -26.24 20.12
N GLU E 169 48.65 -26.46 18.98
CA GLU E 169 49.53 -27.60 18.83
C GLU E 169 50.64 -27.34 17.81
N GLU E 170 51.87 -27.63 18.21
CA GLU E 170 53.02 -27.46 17.34
C GLU E 170 52.85 -28.42 16.17
N VAL E 171 52.95 -27.90 14.95
CA VAL E 171 52.77 -28.71 13.77
C VAL E 171 53.98 -28.57 12.84
N PRO E 172 54.31 -29.63 12.06
CA PRO E 172 55.44 -29.63 11.13
C PRO E 172 55.36 -28.46 10.15
N ASP E 173 56.51 -28.01 9.66
CA ASP E 173 56.52 -26.87 8.75
C ASP E 173 55.70 -27.04 7.46
N ASP E 174 55.76 -28.20 6.83
CA ASP E 174 54.99 -28.43 5.61
C ASP E 174 53.50 -28.67 5.84
N GLN E 175 53.06 -28.55 7.10
CA GLN E 175 51.66 -28.78 7.46
C GLN E 175 50.97 -27.47 7.86
N THR E 176 51.77 -26.43 8.07
CA THR E 176 51.30 -25.11 8.49
C THR E 176 50.21 -24.48 7.61
N HIS E 177 50.29 -24.71 6.32
CA HIS E 177 49.34 -24.14 5.36
C HIS E 177 47.93 -24.72 5.45
N ARG E 178 47.73 -25.67 6.36
CA ARG E 178 46.42 -26.30 6.50
C ARG E 178 45.68 -25.86 7.75
N TYR E 179 46.36 -25.10 8.60
CA TYR E 179 45.74 -24.65 9.84
C TYR E 179 45.74 -23.14 9.97
N GLY E 180 45.07 -22.67 11.01
CA GLY E 180 45.08 -21.25 11.32
C GLY E 180 46.34 -21.21 12.17
N ILE E 181 47.20 -20.22 11.96
CA ILE E 181 48.44 -20.15 12.72
C ILE E 181 48.44 -19.02 13.73
N ILE E 182 49.04 -19.30 14.89
CA ILE E 182 49.11 -18.33 15.97
C ILE E 182 50.46 -17.62 16.07
N THR E 183 50.40 -16.32 16.36
CA THR E 183 51.62 -15.52 16.56
C THR E 183 51.68 -15.52 18.07
N PRO E 184 52.59 -16.31 18.65
CA PRO E 184 52.74 -16.43 20.10
C PRO E 184 53.40 -15.29 20.86
N GLY E 185 52.92 -15.11 22.09
CA GLY E 185 53.46 -14.11 22.98
C GLY E 185 54.05 -14.83 24.18
N THR E 186 53.73 -14.34 25.38
CA THR E 186 54.23 -14.93 26.61
C THR E 186 53.69 -16.33 26.88
N GLN E 187 54.57 -17.21 27.35
CA GLN E 187 54.16 -18.56 27.70
C GLN E 187 54.15 -18.63 29.21
N ASP E 188 53.06 -19.16 29.77
CA ASP E 188 52.94 -19.30 31.20
C ASP E 188 52.48 -20.74 31.47
N GLY E 189 53.41 -21.66 31.33
CA GLY E 189 53.11 -23.06 31.56
C GLY E 189 52.42 -23.66 30.36
N VAL E 190 51.11 -23.84 30.48
CA VAL E 190 50.34 -24.45 29.40
C VAL E 190 49.69 -23.42 28.49
N LEU E 191 49.62 -22.18 28.95
CA LEU E 191 49.04 -21.12 28.13
C LEU E 191 50.10 -20.40 27.35
N THR E 192 49.68 -19.72 26.29
CA THR E 192 50.58 -18.94 25.46
C THR E 192 49.73 -17.89 24.77
N GLU E 193 50.06 -16.62 25.00
CA GLU E 193 49.33 -15.51 24.40
C GLU E 193 49.30 -15.53 22.87
N VAL E 194 48.13 -15.29 22.32
CA VAL E 194 47.98 -15.23 20.87
C VAL E 194 47.96 -13.74 20.52
N LYS E 195 48.99 -13.31 19.79
CA LYS E 195 49.12 -11.91 19.39
C LYS E 195 48.52 -11.69 18.03
N GLY E 196 48.24 -12.78 17.33
CA GLY E 196 47.65 -12.69 16.02
C GLY E 196 47.45 -14.07 15.48
N LEU E 197 46.68 -14.17 14.41
CA LEU E 197 46.43 -15.45 13.78
C LEU E 197 46.00 -15.26 12.35
N VAL E 198 46.49 -16.13 11.49
CA VAL E 198 46.18 -16.11 10.08
C VAL E 198 45.66 -17.48 9.68
N GLU E 199 44.51 -17.52 9.00
CA GLU E 199 43.93 -18.77 8.58
C GLU E 199 44.75 -19.30 7.43
N LYS E 200 45.13 -20.56 7.42
CA LYS E 200 45.90 -21.11 6.30
C LYS E 200 46.94 -20.24 5.57
N PRO E 201 48.02 -19.82 6.24
CA PRO E 201 49.00 -19.01 5.54
C PRO E 201 49.69 -19.76 4.40
N ALA E 202 50.32 -19.04 3.48
CA ALA E 202 51.03 -19.66 2.35
C ALA E 202 52.28 -20.33 2.88
N PRO E 203 52.81 -21.31 2.15
CA PRO E 203 54.03 -22.02 2.59
C PRO E 203 55.30 -21.20 2.56
N GLY E 204 55.57 -20.40 3.57
CA GLY E 204 56.79 -19.62 3.56
C GLY E 204 56.45 -18.34 4.27
N THR E 205 55.15 -18.18 4.55
CA THR E 205 54.65 -17.00 5.23
C THR E 205 54.13 -17.30 6.64
N ALA E 206 54.33 -18.52 7.13
CA ALA E 206 53.84 -18.88 8.46
C ALA E 206 54.61 -18.17 9.57
N PRO E 207 53.91 -17.34 10.36
CA PRO E 207 54.52 -16.61 11.48
C PRO E 207 55.08 -17.52 12.57
N SER E 208 54.65 -18.78 12.57
CA SER E 208 55.13 -19.75 13.56
C SER E 208 54.63 -21.15 13.17
N ASN E 209 54.63 -22.07 14.14
CA ASN E 209 54.18 -23.44 13.90
C ASN E 209 53.02 -23.83 14.79
N LEU E 210 52.67 -22.97 15.72
CA LEU E 210 51.59 -23.22 16.67
C LEU E 210 50.23 -23.02 15.97
N SER E 211 49.57 -24.13 15.63
CA SER E 211 48.29 -24.08 14.93
C SER E 211 47.06 -24.12 15.85
N VAL E 212 45.90 -23.83 15.26
CA VAL E 212 44.65 -23.82 15.97
C VAL E 212 44.00 -25.19 15.83
N ILE E 213 43.52 -25.76 16.94
CA ILE E 213 42.87 -27.06 16.93
C ILE E 213 41.37 -26.88 17.23
N GLY E 214 40.55 -27.81 16.74
CA GLY E 214 39.10 -27.75 16.91
C GLY E 214 38.45 -27.74 18.29
N ARG E 215 38.99 -26.94 19.20
CA ARG E 215 38.46 -26.78 20.54
C ARG E 215 38.51 -25.28 20.86
N TYR E 216 37.36 -24.67 21.09
CA TYR E 216 37.29 -23.24 21.38
C TYR E 216 36.38 -22.88 22.55
N ILE E 217 36.71 -21.78 23.20
CA ILE E 217 35.93 -21.22 24.29
C ILE E 217 35.95 -19.75 23.94
N LEU E 218 34.80 -19.25 23.51
CA LEU E 218 34.69 -17.86 23.07
C LEU E 218 33.68 -17.00 23.83
N GLN E 219 33.92 -15.69 23.81
CA GLN E 219 33.04 -14.73 24.46
C GLN E 219 31.90 -14.37 23.52
N PRO E 220 30.73 -14.01 24.07
CA PRO E 220 29.58 -13.65 23.24
C PRO E 220 29.83 -12.53 22.25
N GLU E 221 30.88 -11.74 22.47
CA GLU E 221 31.15 -10.65 21.54
C GLU E 221 31.54 -11.22 20.17
N VAL E 222 31.99 -12.47 20.15
CA VAL E 222 32.37 -13.13 18.90
C VAL E 222 31.13 -13.45 18.06
N MET E 223 30.04 -13.79 18.74
CA MET E 223 28.79 -14.08 18.02
C MET E 223 28.36 -12.80 17.37
N ARG E 224 28.37 -11.71 18.14
CA ARG E 224 27.98 -10.40 17.65
C ARG E 224 28.73 -10.01 16.40
N ILE E 225 30.04 -10.24 16.41
CA ILE E 225 30.88 -9.89 15.27
C ILE E 225 30.53 -10.75 14.06
N LEU E 226 30.06 -11.97 14.31
CA LEU E 226 29.68 -12.88 13.22
C LEU E 226 28.34 -12.44 12.65
N GLU E 227 27.42 -12.06 13.53
CA GLU E 227 26.09 -11.62 13.10
C GLU E 227 26.26 -10.42 12.17
N ASN E 228 27.09 -9.48 12.58
CA ASN E 228 27.32 -8.28 11.81
C ASN E 228 28.04 -8.54 10.50
N GLN E 229 29.00 -9.44 10.52
CA GLN E 229 29.70 -9.75 9.29
C GLN E 229 29.00 -10.77 8.45
N GLN E 238 33.49 -13.60 9.73
CA GLN E 238 33.29 -14.97 9.52
C GLN E 238 34.50 -15.82 9.96
N LEU E 239 34.26 -16.19 11.24
CA LEU E 239 35.06 -16.92 12.31
C LEU E 239 36.60 -16.72 12.55
N THR E 240 37.45 -17.48 11.90
CA THR E 240 38.88 -17.25 12.30
C THR E 240 39.12 -15.77 12.44
N ASP E 241 38.88 -15.07 11.35
CA ASP E 241 39.10 -13.67 11.43
C ASP E 241 37.97 -12.89 12.03
N ALA E 242 37.34 -13.48 13.04
CA ALA E 242 36.29 -12.81 13.74
C ALA E 242 37.04 -12.67 14.99
N MET E 243 37.61 -13.78 15.43
CA MET E 243 38.43 -13.78 16.61
C MET E 243 39.57 -12.76 16.65
N GLN E 244 40.30 -12.57 15.55
CA GLN E 244 41.35 -11.56 15.51
C GLN E 244 40.81 -10.25 16.06
N ARG E 245 39.67 -9.82 15.54
CA ARG E 245 39.04 -8.58 15.98
C ARG E 245 38.88 -8.49 17.49
N MET E 246 39.21 -9.56 18.19
CA MET E 246 39.07 -9.61 19.64
C MET E 246 40.41 -9.83 20.31
N ILE E 247 41.46 -9.23 19.79
CA ILE E 247 42.77 -9.43 20.38
C ILE E 247 43.22 -8.33 21.30
N GLY E 248 43.05 -7.09 20.91
CA GLY E 248 43.48 -6.02 21.79
C GLY E 248 42.47 -5.75 22.90
N ASP E 249 41.33 -6.41 22.87
CA ASP E 249 40.29 -6.13 23.84
C ASP E 249 40.05 -7.18 24.91
N GLN E 250 40.39 -8.43 24.61
CA GLN E 250 40.15 -9.51 25.55
C GLN E 250 41.29 -10.48 25.68
N PRO E 251 41.41 -11.13 26.85
CA PRO E 251 42.48 -12.11 27.07
C PRO E 251 42.30 -13.21 26.03
N PHE E 252 43.34 -13.48 25.26
CA PHE E 252 43.25 -14.53 24.24
C PHE E 252 44.47 -15.44 24.36
N HIS E 253 44.24 -16.68 24.77
CA HIS E 253 45.32 -17.62 24.96
C HIS E 253 45.19 -18.94 24.20
N GLY E 254 46.33 -19.54 23.88
CA GLY E 254 46.33 -20.81 23.21
C GLY E 254 46.64 -21.83 24.27
N VAL E 255 45.93 -22.95 24.27
CA VAL E 255 46.16 -23.97 25.27
C VAL E 255 46.72 -25.24 24.64
N THR E 256 47.78 -25.78 25.23
CA THR E 256 48.37 -27.00 24.74
C THR E 256 47.77 -28.14 25.53
N PHE E 257 47.27 -29.13 24.79
CA PHE E 257 46.60 -30.29 25.36
C PHE E 257 47.54 -31.35 25.95
N GLN E 258 47.22 -31.79 27.17
CA GLN E 258 47.99 -32.82 27.86
C GLN E 258 47.45 -34.17 27.39
N GLY E 259 47.87 -34.59 26.21
CA GLY E 259 47.42 -35.85 25.65
C GLY E 259 47.72 -35.79 24.18
N THR E 260 47.20 -36.74 23.41
CA THR E 260 47.46 -36.75 21.98
C THR E 260 46.19 -36.58 21.17
N ARG E 261 46.30 -35.81 20.10
CA ARG E 261 45.18 -35.57 19.21
C ARG E 261 45.33 -36.39 17.93
N TYR E 262 44.24 -36.99 17.48
CA TYR E 262 44.27 -37.76 16.24
C TYR E 262 43.33 -37.10 15.27
N ASP E 263 43.85 -36.75 14.09
CA ASP E 263 43.03 -36.11 13.08
C ASP E 263 42.19 -37.14 12.35
N CYS E 264 41.00 -37.42 12.86
CA CYS E 264 40.12 -38.36 12.20
C CYS E 264 39.47 -37.74 10.99
N GLY E 265 40.06 -36.62 10.56
CA GLY E 265 39.59 -35.92 9.38
C GLY E 265 40.17 -36.65 8.19
N ASP E 266 41.31 -37.31 8.38
CA ASP E 266 41.91 -38.07 7.30
C ASP E 266 42.02 -39.56 7.70
N LYS E 267 41.79 -40.44 6.74
CA LYS E 267 41.78 -41.87 6.98
C LYS E 267 42.89 -42.45 7.85
N ALA E 268 44.12 -42.04 7.63
CA ALA E 268 45.22 -42.55 8.43
C ALA E 268 44.97 -42.24 9.92
N GLY E 269 44.62 -40.99 10.22
CA GLY E 269 44.35 -40.60 11.59
C GLY E 269 43.26 -41.44 12.25
N PHE E 270 42.17 -41.66 11.52
CA PHE E 270 41.03 -42.44 12.00
C PHE E 270 41.48 -43.84 12.42
N ILE E 271 42.31 -44.46 11.59
CA ILE E 271 42.81 -45.79 11.87
C ILE E 271 43.75 -45.77 13.06
N GLN E 272 44.63 -44.79 13.09
CA GLN E 272 45.55 -44.66 14.21
C GLN E 272 44.79 -44.49 15.52
N ALA E 273 43.75 -43.64 15.52
CA ALA E 273 42.95 -43.42 16.74
C ALA E 273 42.32 -44.71 17.21
N ASN E 274 41.80 -45.48 16.27
CA ASN E 274 41.17 -46.74 16.62
C ASN E 274 42.12 -47.73 17.22
N LEU E 275 43.35 -47.74 16.75
CA LEU E 275 44.36 -48.66 17.28
C LEU E 275 44.82 -48.23 18.68
N ALA E 276 45.06 -46.92 18.84
CA ALA E 276 45.48 -46.37 20.11
C ALA E 276 44.45 -46.66 21.21
N VAL E 277 43.19 -46.39 20.93
CA VAL E 277 42.17 -46.65 21.92
C VAL E 277 42.00 -48.14 22.20
N ALA E 278 42.13 -48.97 21.18
CA ALA E 278 41.98 -50.40 21.39
C ALA E 278 43.10 -50.93 22.28
N LEU E 279 44.31 -50.38 22.13
CA LEU E 279 45.44 -50.83 22.93
C LEU E 279 45.30 -50.33 24.38
N SER E 280 44.45 -49.34 24.59
CA SER E 280 44.23 -48.84 25.95
C SER E 280 43.10 -49.59 26.65
N ARG E 281 42.42 -50.49 25.93
CA ARG E 281 41.32 -51.27 26.50
C ARG E 281 41.81 -52.64 26.96
N PRO E 282 41.72 -52.91 28.26
CA PRO E 282 42.15 -54.17 28.86
C PRO E 282 41.63 -55.43 28.16
N ASP E 283 40.39 -55.39 27.68
CA ASP E 283 39.77 -56.55 27.01
C ASP E 283 40.15 -56.70 25.55
N LEU E 284 40.74 -55.67 24.97
CA LEU E 284 41.09 -55.73 23.58
C LEU E 284 42.59 -55.73 23.29
N GLU E 285 43.36 -55.06 24.12
CA GLU E 285 44.81 -54.99 23.90
C GLU E 285 45.49 -56.33 23.60
N PRO E 286 45.26 -57.36 24.43
CA PRO E 286 45.88 -58.66 24.19
C PRO E 286 45.84 -59.07 22.73
N ALA E 287 44.62 -59.32 22.25
CA ALA E 287 44.41 -59.76 20.87
C ALA E 287 44.86 -58.75 19.81
N VAL E 288 44.56 -57.48 20.04
CA VAL E 288 44.95 -56.46 19.07
C VAL E 288 46.47 -56.37 18.95
N ARG E 289 47.17 -56.30 20.08
CA ARG E 289 48.63 -56.22 20.08
C ARG E 289 49.18 -57.45 19.35
N ALA E 290 48.72 -58.63 19.75
CA ALA E 290 49.19 -59.88 19.14
C ALA E 290 49.12 -59.80 17.64
N PHE E 291 47.97 -59.35 17.16
CA PHE E 291 47.73 -59.22 15.73
C PHE E 291 48.63 -58.15 15.11
N ALA E 292 48.65 -56.96 15.70
CA ALA E 292 49.46 -55.87 15.16
C ALA E 292 50.89 -56.34 14.92
N VAL E 293 51.46 -56.98 15.93
CA VAL E 293 52.83 -57.49 15.84
C VAL E 293 53.05 -58.31 14.59
N LYS E 294 52.33 -59.42 14.52
CA LYS E 294 52.41 -60.32 13.40
C LYS E 294 52.22 -59.63 12.05
N ALA E 295 51.12 -58.90 11.91
CA ALA E 295 50.81 -58.19 10.68
C ALA E 295 51.85 -57.16 10.22
N LEU E 296 52.71 -56.67 11.12
CA LEU E 296 53.74 -55.71 10.74
C LEU E 296 54.85 -56.54 10.13
N GLY E 297 56.08 -56.56 10.56
CA GLY E 297 56.97 -57.47 9.86
C GLY E 297 57.63 -58.19 10.99
N THR F 10 7.65 -1.42 29.78
CA THR F 10 7.88 -2.45 30.81
C THR F 10 6.78 -3.50 30.97
N ILE F 11 6.64 -4.34 29.94
CA ILE F 11 5.83 -5.58 29.92
C ILE F 11 6.66 -6.10 28.76
N LYS F 12 7.27 -7.24 28.95
CA LYS F 12 8.17 -7.78 27.94
C LYS F 12 7.55 -8.28 26.67
N PRO F 13 8.22 -8.04 25.56
CA PRO F 13 7.77 -8.48 24.24
C PRO F 13 7.97 -10.00 24.11
N LEU F 14 7.12 -10.60 23.28
CA LEU F 14 7.06 -12.04 23.06
C LEU F 14 8.31 -12.72 22.48
N ARG F 15 8.29 -12.89 21.16
CA ARG F 15 9.39 -13.47 20.37
C ARG F 15 9.60 -14.99 20.28
N LYS F 16 9.12 -15.76 21.24
CA LYS F 16 9.30 -17.20 21.20
C LYS F 16 8.02 -17.99 21.32
N ALA F 17 7.95 -19.12 20.63
CA ALA F 17 6.77 -19.95 20.69
C ALA F 17 7.20 -21.40 20.82
N VAL F 18 6.46 -22.17 21.63
CA VAL F 18 6.76 -23.57 21.85
C VAL F 18 5.66 -24.41 21.25
N PHE F 19 6.06 -25.40 20.46
CA PHE F 19 5.12 -26.29 19.79
C PHE F 19 5.27 -27.74 20.26
N PRO F 20 4.34 -28.21 21.10
CA PRO F 20 4.41 -29.59 21.58
C PRO F 20 4.00 -30.51 20.42
N VAL F 21 4.97 -31.21 19.86
CA VAL F 21 4.72 -32.08 18.72
C VAL F 21 5.27 -33.49 18.94
N ALA F 22 5.01 -34.07 20.11
CA ALA F 22 5.51 -35.39 20.42
C ALA F 22 4.44 -36.43 20.71
N GLY F 23 3.21 -36.17 20.31
CA GLY F 23 2.17 -37.14 20.57
C GLY F 23 2.13 -38.26 19.56
N LEU F 24 1.65 -39.42 19.98
CA LEU F 24 1.53 -40.53 19.06
C LEU F 24 0.07 -40.58 18.63
N GLY F 25 -0.45 -39.50 18.04
CA GLY F 25 -1.85 -39.48 17.61
C GLY F 25 -2.73 -40.74 17.56
N THR F 26 -2.68 -41.57 18.59
CA THR F 26 -3.46 -42.81 18.68
C THR F 26 -4.90 -42.74 18.15
N ARG F 27 -5.49 -41.55 18.21
CA ARG F 27 -6.86 -41.37 17.76
C ARG F 27 -7.04 -41.47 16.25
N PHE F 28 -5.99 -41.18 15.49
CA PHE F 28 -6.06 -41.24 14.03
C PHE F 28 -5.46 -42.47 13.40
N LEU F 29 -5.32 -43.53 14.18
CA LEU F 29 -4.77 -44.77 13.65
C LEU F 29 -5.72 -45.32 12.60
N PRO F 30 -5.19 -46.00 11.57
CA PRO F 30 -3.77 -46.27 11.37
C PRO F 30 -3.01 -45.18 10.61
N ALA F 31 -3.68 -44.09 10.26
CA ALA F 31 -3.06 -43.00 9.52
C ALA F 31 -1.81 -42.48 10.20
N THR F 32 -1.86 -42.41 11.52
CA THR F 32 -0.75 -41.88 12.29
C THR F 32 0.17 -42.96 12.83
N LYS F 33 0.09 -44.16 12.26
CA LYS F 33 0.93 -45.23 12.73
C LYS F 33 2.41 -44.95 12.49
N ALA F 34 2.75 -44.36 11.34
CA ALA F 34 4.13 -44.07 11.01
C ALA F 34 4.30 -42.65 10.53
N MET F 35 3.25 -41.86 10.68
CA MET F 35 3.32 -40.46 10.26
C MET F 35 2.88 -39.58 11.44
N PRO F 36 3.60 -38.47 11.67
CA PRO F 36 3.23 -37.58 12.78
C PRO F 36 1.88 -36.93 12.52
N LYS F 37 0.98 -37.00 13.50
CA LYS F 37 -0.34 -36.43 13.35
C LYS F 37 -0.28 -34.96 13.01
N GLU F 38 0.79 -34.30 13.48
CA GLU F 38 0.97 -32.89 13.21
C GLU F 38 1.22 -32.65 11.73
N MET F 39 1.45 -33.73 10.99
CA MET F 39 1.71 -33.62 9.56
C MET F 39 0.47 -33.86 8.73
N LEU F 40 -0.64 -34.21 9.39
CA LEU F 40 -1.88 -34.40 8.66
C LEU F 40 -2.20 -33.06 8.01
N PRO F 41 -2.58 -33.11 6.70
CA PRO F 41 -2.92 -31.92 5.92
C PRO F 41 -4.37 -31.46 6.00
N VAL F 42 -4.46 -30.14 5.99
CA VAL F 42 -5.74 -29.48 5.87
C VAL F 42 -5.74 -28.93 4.48
N VAL F 43 -6.04 -29.89 3.63
CA VAL F 43 -6.25 -29.75 2.21
C VAL F 43 -4.86 -29.71 1.54
N ASP F 44 -4.19 -28.70 1.99
CA ASP F 44 -2.90 -28.23 1.42
C ASP F 44 -1.44 -28.25 2.10
N ARG F 45 -1.60 -28.00 3.38
CA ARG F 45 -0.56 -27.90 4.32
C ARG F 45 -0.84 -28.68 5.56
N PRO F 46 0.25 -29.08 6.23
CA PRO F 46 0.08 -29.84 7.46
C PRO F 46 -0.24 -28.92 8.61
N LEU F 47 -0.93 -29.46 9.62
CA LEU F 47 -1.32 -28.71 10.80
C LEU F 47 -0.22 -27.80 11.38
N ILE F 48 1.00 -28.29 11.53
CA ILE F 48 2.07 -27.44 12.08
C ILE F 48 2.37 -26.25 11.21
N GLN F 49 2.22 -26.40 9.90
CA GLN F 49 2.48 -25.31 8.97
C GLN F 49 1.54 -24.15 9.31
N TYR F 50 0.26 -24.47 9.46
CA TYR F 50 -0.71 -23.44 9.80
C TYR F 50 -0.30 -22.80 11.12
N ALA F 51 0.07 -23.64 12.09
CA ALA F 51 0.48 -23.15 13.41
C ALA F 51 1.69 -22.23 13.37
N VAL F 52 2.71 -22.58 12.59
CA VAL F 52 3.89 -21.70 12.53
C VAL F 52 3.56 -20.43 11.75
N ASP F 53 2.72 -20.55 10.72
CA ASP F 53 2.34 -19.38 9.93
C ASP F 53 1.74 -18.39 10.88
N GLU F 54 0.82 -18.90 11.70
CA GLU F 54 0.13 -18.12 12.69
C GLU F 54 1.13 -17.40 13.59
N ALA F 55 2.15 -18.12 14.04
CA ALA F 55 3.17 -17.53 14.91
C ALA F 55 3.96 -16.41 14.24
N VAL F 56 4.37 -16.62 13.01
CA VAL F 56 5.13 -15.60 12.32
C VAL F 56 4.29 -14.33 12.16
N GLU F 57 3.01 -14.50 11.83
CA GLU F 57 2.15 -13.34 11.68
C GLU F 57 2.05 -12.57 12.99
N ALA F 58 2.12 -13.29 14.11
CA ALA F 58 2.04 -12.67 15.43
C ALA F 58 3.37 -12.04 15.87
N GLY F 59 4.35 -12.05 14.97
CA GLY F 59 5.64 -11.45 15.29
C GLY F 59 6.63 -12.31 16.05
N ILE F 60 6.40 -13.61 16.10
CA ILE F 60 7.31 -14.48 16.80
C ILE F 60 8.47 -14.86 15.89
N GLU F 61 9.68 -14.84 16.44
CA GLU F 61 10.88 -15.10 15.67
C GLU F 61 11.67 -16.33 16.05
N GLN F 62 11.18 -17.13 16.99
CA GLN F 62 11.91 -18.32 17.39
C GLN F 62 10.93 -19.44 17.68
N MET F 63 10.88 -20.42 16.79
CA MET F 63 9.99 -21.56 16.97
C MET F 63 10.80 -22.66 17.65
N ILE F 64 10.26 -23.22 18.72
CA ILE F 64 10.93 -24.31 19.40
C ILE F 64 9.99 -25.52 19.46
N PHE F 65 10.35 -26.53 18.69
CA PHE F 65 9.58 -27.78 18.61
C PHE F 65 10.10 -28.81 19.59
N VAL F 66 9.22 -29.36 20.41
CA VAL F 66 9.66 -30.40 21.31
C VAL F 66 9.03 -31.65 20.68
N THR F 67 9.89 -32.47 20.07
CA THR F 67 9.46 -33.67 19.36
C THR F 67 9.59 -35.01 20.05
N GLY F 68 9.14 -36.03 19.31
CA GLY F 68 9.17 -37.41 19.78
C GLY F 68 10.08 -38.20 18.88
N ARG F 69 9.97 -39.52 18.93
CA ARG F 69 10.85 -40.36 18.14
C ARG F 69 10.60 -40.49 16.64
N GLY F 70 9.46 -40.95 16.17
CA GLY F 70 9.32 -41.06 14.72
C GLY F 70 8.88 -39.77 14.02
N LYS F 71 9.47 -38.64 14.39
CA LYS F 71 9.08 -37.33 13.83
C LYS F 71 10.06 -36.62 12.88
N SER F 72 10.77 -37.34 12.04
CA SER F 72 11.73 -36.71 11.12
C SER F 72 11.10 -35.79 10.10
N ALA F 73 9.92 -36.17 9.62
CA ALA F 73 9.21 -35.37 8.63
C ALA F 73 8.98 -33.92 9.09
N LEU F 74 8.73 -33.76 10.38
CA LEU F 74 8.51 -32.43 10.92
C LEU F 74 9.73 -31.56 10.73
N GLU F 75 10.91 -32.17 10.83
CA GLU F 75 12.15 -31.44 10.69
C GLU F 75 12.47 -31.16 9.23
N ASP F 76 12.26 -32.18 8.40
CA ASP F 76 12.53 -32.04 6.99
C ASP F 76 11.63 -31.00 6.35
N HIS F 77 10.36 -31.00 6.75
CA HIS F 77 9.41 -30.05 6.21
C HIS F 77 9.90 -28.61 6.29
N PHE F 78 10.59 -28.27 7.37
CA PHE F 78 11.06 -26.90 7.55
C PHE F 78 12.49 -26.64 7.14
N ASP F 79 13.00 -27.49 6.27
CA ASP F 79 14.36 -27.30 5.78
C ASP F 79 14.26 -27.28 4.26
N ILE F 80 15.39 -27.08 3.58
CA ILE F 80 15.37 -27.08 2.14
C ILE F 80 15.16 -28.51 1.65
N ALA F 81 14.22 -28.70 0.73
CA ALA F 81 13.96 -30.01 0.15
C ALA F 81 14.78 -30.01 -1.13
N TYR F 82 16.09 -30.18 -0.96
CA TYR F 82 17.05 -30.13 -2.06
C TYR F 82 16.64 -30.71 -3.42
N GLU F 83 16.39 -32.02 -3.48
CA GLU F 83 16.04 -32.64 -4.74
C GLU F 83 14.73 -32.15 -5.32
N LEU F 84 13.76 -31.83 -4.46
CA LEU F 84 12.49 -31.33 -4.94
C LEU F 84 12.64 -29.98 -5.63
N GLU F 85 13.34 -29.05 -4.97
CA GLU F 85 13.56 -27.72 -5.52
C GLU F 85 14.24 -27.79 -6.87
N ALA F 86 15.13 -28.76 -7.01
CA ALA F 86 15.88 -28.94 -8.25
C ALA F 86 14.96 -29.47 -9.33
N THR F 87 14.12 -30.43 -8.95
CA THR F 87 13.16 -31.03 -9.86
C THR F 87 12.19 -29.99 -10.41
N MET F 88 11.74 -29.10 -9.54
CA MET F 88 10.81 -28.08 -9.94
C MET F 88 11.49 -27.10 -10.87
N ALA F 89 12.70 -26.69 -10.51
CA ALA F 89 13.45 -25.75 -11.34
C ALA F 89 13.58 -26.34 -12.74
N ALA F 90 13.76 -27.66 -12.78
CA ALA F 90 13.91 -28.38 -14.03
C ALA F 90 12.62 -28.42 -14.82
N ARG F 91 11.56 -27.84 -14.25
CA ARG F 91 10.26 -27.82 -14.91
C ARG F 91 9.70 -26.42 -14.95
N GLY F 92 10.54 -25.43 -14.71
CA GLY F 92 10.08 -24.06 -14.73
C GLY F 92 8.95 -23.81 -13.74
N LYS F 93 8.81 -24.68 -12.73
CA LYS F 93 7.76 -24.51 -11.72
C LYS F 93 8.28 -23.59 -10.64
N SER F 94 7.51 -22.57 -10.29
CA SER F 94 7.96 -21.64 -9.27
C SER F 94 7.90 -22.23 -7.87
N LEU F 95 8.84 -21.79 -7.03
CA LEU F 95 8.93 -22.26 -5.65
C LEU F 95 8.02 -21.50 -4.71
N ASP F 96 7.26 -20.55 -5.25
CA ASP F 96 6.33 -19.75 -4.45
C ASP F 96 5.47 -20.64 -3.56
N VAL F 97 5.12 -21.79 -4.11
CA VAL F 97 4.30 -22.78 -3.42
C VAL F 97 4.83 -23.12 -2.04
N LEU F 98 6.13 -22.98 -1.83
CA LEU F 98 6.62 -23.30 -0.51
C LEU F 98 7.16 -22.12 0.27
N ASP F 99 6.66 -20.93 -0.04
CA ASP F 99 7.07 -19.75 0.71
C ASP F 99 6.46 -19.88 2.10
N GLY F 100 7.29 -19.71 3.12
CA GLY F 100 6.83 -19.82 4.48
C GLY F 100 7.13 -21.17 5.08
N THR F 101 7.64 -22.09 4.27
CA THR F 101 7.95 -23.42 4.79
C THR F 101 9.36 -23.49 5.32
N ARG F 102 10.14 -22.45 5.05
CA ARG F 102 11.52 -22.43 5.51
C ARG F 102 11.81 -21.07 6.14
N LEU F 103 12.30 -21.08 7.38
CA LEU F 103 12.63 -19.83 8.07
C LEU F 103 14.15 -19.64 8.07
N LYS F 104 14.61 -18.52 8.63
CA LYS F 104 16.06 -18.28 8.70
C LYS F 104 16.75 -19.33 9.55
N PRO F 105 17.98 -19.69 9.20
CA PRO F 105 18.70 -20.71 9.98
C PRO F 105 18.70 -20.36 11.47
N GLY F 106 18.35 -21.35 12.30
CA GLY F 106 18.34 -21.12 13.74
C GLY F 106 16.99 -20.73 14.32
N ASN F 107 16.10 -20.21 13.49
CA ASN F 107 14.80 -19.78 13.97
C ASN F 107 13.87 -20.92 14.36
N ILE F 108 14.29 -22.16 14.11
CA ILE F 108 13.49 -23.30 14.50
C ILE F 108 14.41 -24.29 15.18
N ALA F 109 14.17 -24.53 16.47
CA ALA F 109 15.02 -25.44 17.22
C ALA F 109 14.23 -26.64 17.67
N TYR F 110 14.92 -27.77 17.76
CA TYR F 110 14.28 -29.02 18.17
C TYR F 110 14.90 -29.61 19.42
N VAL F 111 14.05 -30.18 20.28
CA VAL F 111 14.49 -30.82 21.50
C VAL F 111 13.61 -32.05 21.67
N ARG F 112 14.23 -33.17 22.00
CA ARG F 112 13.49 -34.42 22.17
C ARG F 112 12.85 -34.48 23.56
N GLN F 113 11.58 -34.88 23.60
CA GLN F 113 10.88 -35.00 24.86
C GLN F 113 11.33 -36.25 25.60
N GLN F 114 11.83 -37.24 24.86
CA GLN F 114 12.32 -38.51 25.42
C GLN F 114 11.22 -39.41 25.97
N GLU F 115 10.41 -38.90 26.89
CA GLU F 115 9.31 -39.68 27.46
C GLU F 115 8.00 -38.92 27.32
N PRO F 116 6.95 -39.59 26.86
CA PRO F 116 5.64 -38.94 26.69
C PRO F 116 4.92 -38.73 28.03
N MET F 117 5.18 -37.60 28.67
CA MET F 117 4.60 -37.31 29.96
C MET F 117 3.65 -36.11 30.02
N GLY F 118 3.04 -35.79 28.89
CA GLY F 118 2.10 -34.69 28.87
C GLY F 118 2.60 -33.30 28.53
N LEU F 119 1.62 -32.41 28.38
CA LEU F 119 1.82 -31.02 28.02
C LEU F 119 2.77 -30.21 28.89
N GLY F 120 2.61 -30.30 30.22
CA GLY F 120 3.48 -29.54 31.10
C GLY F 120 4.93 -29.96 30.94
N HIS F 121 5.16 -31.27 30.97
CA HIS F 121 6.51 -31.80 30.81
C HIS F 121 7.10 -31.34 29.49
N ALA F 122 6.28 -31.36 28.44
CA ALA F 122 6.72 -30.94 27.12
C ALA F 122 7.19 -29.49 27.11
N VAL F 123 6.36 -28.58 27.61
CA VAL F 123 6.74 -27.16 27.65
C VAL F 123 7.99 -27.02 28.51
N TRP F 124 8.06 -27.84 29.57
CA TRP F 124 9.20 -27.83 30.47
C TRP F 124 10.51 -28.05 29.70
N CYS F 125 10.47 -28.90 28.69
CA CYS F 125 11.64 -29.23 27.87
C CYS F 125 12.26 -28.02 27.16
N ALA F 126 11.50 -26.95 26.99
CA ALA F 126 12.05 -25.79 26.30
C ALA F 126 12.59 -24.75 27.27
N ARG F 127 12.62 -25.09 28.55
CA ARG F 127 13.08 -24.15 29.58
C ARG F 127 14.31 -23.33 29.29
N ASP F 128 15.41 -23.98 28.90
CA ASP F 128 16.65 -23.27 28.63
C ASP F 128 16.66 -22.48 27.33
N ILE F 129 15.77 -22.83 26.41
CA ILE F 129 15.72 -22.13 25.13
C ILE F 129 14.92 -20.85 25.32
N VAL F 130 13.90 -20.91 26.18
CA VAL F 130 13.06 -19.76 26.46
C VAL F 130 13.78 -18.83 27.42
N GLY F 131 14.29 -19.39 28.51
CA GLY F 131 15.00 -18.58 29.48
C GLY F 131 14.09 -17.65 30.25
N ASP F 132 14.59 -16.45 30.54
CA ASP F 132 13.82 -15.48 31.29
C ASP F 132 13.06 -14.57 30.32
N GLU F 133 12.06 -15.12 29.66
CA GLU F 133 11.27 -14.36 28.69
C GLU F 133 9.90 -14.96 28.53
N PRO F 134 8.94 -14.14 28.06
CA PRO F 134 7.59 -14.68 27.86
C PRO F 134 7.60 -15.56 26.63
N PHE F 135 6.71 -16.54 26.59
CA PHE F 135 6.66 -17.44 25.45
C PHE F 135 5.25 -17.86 25.11
N ALA F 136 5.04 -18.25 23.86
CA ALA F 136 3.73 -18.69 23.39
C ALA F 136 3.74 -20.22 23.30
N VAL F 137 2.56 -20.80 23.27
CA VAL F 137 2.43 -22.25 23.14
C VAL F 137 1.27 -22.53 22.20
N LEU F 138 1.53 -23.34 21.16
CA LEU F 138 0.49 -23.64 20.20
C LEU F 138 0.31 -25.13 19.98
N LEU F 139 -0.90 -25.62 20.17
CA LEU F 139 -1.18 -27.03 19.95
C LEU F 139 -1.82 -27.09 18.56
N PRO F 140 -1.04 -27.52 17.55
CA PRO F 140 -1.55 -27.60 16.18
C PRO F 140 -2.83 -28.38 15.93
N ASP F 141 -3.23 -29.26 16.84
CA ASP F 141 -4.48 -29.99 16.64
C ASP F 141 -5.66 -29.03 16.63
N ASP F 142 -5.49 -27.89 17.31
CA ASP F 142 -6.52 -26.86 17.35
C ASP F 142 -6.32 -25.98 16.13
N PHE F 143 -7.03 -26.33 15.05
CA PHE F 143 -6.95 -25.59 13.81
C PHE F 143 -7.80 -24.33 13.97
N MET F 144 -7.12 -23.18 14.02
CA MET F 144 -7.77 -21.89 14.20
C MET F 144 -7.95 -21.18 12.86
N PHE F 145 -9.15 -21.23 12.34
CA PHE F 145 -9.45 -20.61 11.05
C PHE F 145 -10.06 -19.21 11.20
N GLY F 146 -9.35 -18.22 10.65
CA GLY F 146 -9.80 -16.86 10.71
C GLY F 146 -8.64 -15.90 10.51
N GLN F 147 -8.93 -14.62 10.35
CA GLN F 147 -7.86 -13.65 10.19
C GLN F 147 -8.25 -12.35 10.86
N PRO F 148 -7.27 -11.60 11.37
CA PRO F 148 -5.82 -11.84 11.37
C PRO F 148 -5.36 -13.28 11.59
N GLY F 149 -5.44 -13.75 12.83
CA GLY F 149 -4.99 -15.10 13.15
C GLY F 149 -4.90 -15.20 14.65
N CYS F 150 -5.47 -16.27 15.22
CA CYS F 150 -5.51 -16.43 16.67
C CYS F 150 -4.36 -15.85 17.49
N LEU F 151 -3.13 -16.27 17.23
CA LEU F 151 -1.99 -15.77 18.01
C LEU F 151 -1.83 -14.25 17.83
N LYS F 152 -2.07 -13.77 16.62
CA LYS F 152 -1.96 -12.34 16.36
C LYS F 152 -3.01 -11.58 17.17
N GLN F 153 -4.27 -12.01 17.11
CA GLN F 153 -5.31 -11.34 17.88
C GLN F 153 -4.87 -11.35 19.34
N MET F 154 -4.33 -12.48 19.79
CA MET F 154 -3.86 -12.63 21.15
C MET F 154 -2.73 -11.69 21.49
N VAL F 155 -1.73 -11.62 20.63
CA VAL F 155 -0.59 -10.75 20.89
C VAL F 155 -1.03 -9.29 20.94
N ASP F 156 -2.05 -8.95 20.15
CA ASP F 156 -2.55 -7.59 20.13
C ASP F 156 -3.05 -7.22 21.53
N ALA F 157 -3.76 -8.15 22.16
CA ALA F 157 -4.31 -7.94 23.49
C ALA F 157 -3.18 -7.97 24.50
N TYR F 158 -2.18 -8.81 24.24
CA TYR F 158 -1.05 -8.90 25.14
C TYR F 158 -0.33 -7.55 25.23
N ASN F 159 -0.08 -6.91 24.10
CA ASN F 159 0.63 -5.62 24.09
C ASN F 159 -0.10 -4.53 24.85
N LYS F 160 -1.33 -4.81 25.28
CA LYS F 160 -2.11 -3.84 26.04
C LYS F 160 -2.19 -4.19 27.53
N VAL F 161 -2.51 -5.45 27.81
CA VAL F 161 -2.66 -5.92 29.17
C VAL F 161 -1.46 -6.65 29.76
N GLY F 162 -0.66 -7.30 28.90
CA GLY F 162 0.50 -8.04 29.38
C GLY F 162 0.08 -9.26 30.17
N GLY F 163 0.99 -9.79 31.00
CA GLY F 163 0.69 -10.95 31.80
C GLY F 163 0.50 -12.24 31.00
N ASN F 164 -0.47 -13.07 31.40
CA ASN F 164 -0.74 -14.34 30.71
C ASN F 164 -2.09 -14.34 30.02
N LEU F 165 -2.13 -14.94 28.84
CA LEU F 165 -3.37 -15.03 28.07
C LEU F 165 -3.55 -16.43 27.50
N ILE F 166 -4.81 -16.82 27.35
CA ILE F 166 -5.14 -18.12 26.79
C ILE F 166 -6.39 -17.94 25.94
N CYS F 167 -6.56 -18.78 24.93
CA CYS F 167 -7.72 -18.69 24.08
C CYS F 167 -8.88 -19.36 24.81
N ALA F 168 -10.02 -18.68 24.86
CA ALA F 168 -11.19 -19.23 25.54
C ALA F 168 -12.32 -19.39 24.55
N GLU F 169 -13.14 -20.42 24.74
CA GLU F 169 -14.24 -20.70 23.84
C GLU F 169 -15.41 -21.38 24.53
N GLU F 170 -16.62 -20.90 24.27
CA GLU F 170 -17.81 -21.50 24.86
C GLU F 170 -18.03 -22.86 24.24
N VAL F 171 -18.15 -23.88 25.08
CA VAL F 171 -18.33 -25.25 24.62
C VAL F 171 -19.61 -25.87 25.19
N PRO F 172 -20.24 -26.80 24.45
CA PRO F 172 -21.47 -27.48 24.89
C PRO F 172 -21.29 -28.11 26.27
N ASP F 173 -22.38 -28.24 27.00
CA ASP F 173 -22.34 -28.81 28.35
C ASP F 173 -21.78 -30.22 28.44
N ASP F 174 -22.16 -31.10 27.52
CA ASP F 174 -21.66 -32.46 27.57
C ASP F 174 -20.25 -32.60 26.99
N GLN F 175 -19.61 -31.47 26.74
CA GLN F 175 -18.27 -31.47 26.19
C GLN F 175 -17.25 -30.88 27.15
N THR F 176 -17.75 -30.29 28.24
CA THR F 176 -16.92 -29.64 29.25
C THR F 176 -15.89 -30.52 29.96
N HIS F 177 -16.20 -31.81 30.10
CA HIS F 177 -15.30 -32.73 30.79
C HIS F 177 -14.05 -33.08 29.98
N ARG F 178 -13.92 -32.52 28.78
CA ARG F 178 -12.77 -32.79 27.92
C ARG F 178 -11.75 -31.65 27.85
N TYR F 179 -12.09 -30.50 28.43
CA TYR F 179 -11.18 -29.36 28.41
C TYR F 179 -10.88 -28.84 29.80
N GLY F 180 -10.00 -27.85 29.84
CA GLY F 180 -9.66 -27.19 31.08
C GLY F 180 -10.76 -26.15 31.11
N ILE F 181 -11.41 -25.96 32.24
CA ILE F 181 -12.50 -25.00 32.30
C ILE F 181 -12.15 -23.76 33.10
N ILE F 182 -12.58 -22.61 32.59
CA ILE F 182 -12.28 -21.34 33.24
C ILE F 182 -13.43 -20.81 34.08
N THR F 183 -13.07 -20.18 35.19
CA THR F 183 -14.04 -19.55 36.07
C THR F 183 -13.88 -18.06 35.69
N PRO F 184 -14.80 -17.54 34.86
CA PRO F 184 -14.82 -16.16 34.39
C PRO F 184 -15.05 -15.03 35.38
N GLY F 185 -14.39 -13.91 35.08
CA GLY F 185 -14.51 -12.71 35.89
C GLY F 185 -15.09 -11.66 34.97
N THR F 186 -14.60 -10.43 35.04
CA THR F 186 -15.14 -9.39 34.18
C THR F 186 -14.72 -9.49 32.72
N GLN F 187 -15.66 -9.17 31.85
CA GLN F 187 -15.42 -9.20 30.42
C GLN F 187 -15.16 -7.78 29.95
N ASP F 188 -14.17 -7.61 29.10
CA ASP F 188 -13.84 -6.31 28.54
C ASP F 188 -13.70 -6.50 27.03
N GLY F 189 -14.82 -6.76 26.37
CA GLY F 189 -14.80 -6.95 24.94
C GLY F 189 -14.44 -8.37 24.55
N VAL F 190 -13.20 -8.57 24.13
CA VAL F 190 -12.73 -9.90 23.73
C VAL F 190 -12.07 -10.61 24.89
N LEU F 191 -11.65 -9.84 25.89
CA LEU F 191 -10.99 -10.39 27.07
C LEU F 191 -12.00 -10.70 28.18
N THR F 192 -11.58 -11.57 29.10
CA THR F 192 -12.41 -11.96 30.22
C THR F 192 -11.47 -12.55 31.27
N GLU F 193 -11.44 -11.93 32.46
CA GLU F 193 -10.58 -12.37 33.54
C GLU F 193 -10.80 -13.82 33.93
N VAL F 194 -9.71 -14.52 34.18
CA VAL F 194 -9.78 -15.91 34.59
C VAL F 194 -9.50 -15.88 36.08
N LYS F 195 -10.51 -16.23 36.88
CA LYS F 195 -10.35 -16.22 38.32
C LYS F 195 -10.00 -17.61 38.84
N GLY F 196 -10.07 -18.60 37.96
CA GLY F 196 -9.76 -19.97 38.34
C GLY F 196 -9.87 -20.90 37.15
N LEU F 197 -9.38 -22.13 37.29
CA LEU F 197 -9.43 -23.09 36.20
C LEU F 197 -9.18 -24.50 36.68
N VAL F 198 -9.94 -25.46 36.16
CA VAL F 198 -9.78 -26.86 36.53
C VAL F 198 -9.59 -27.72 35.30
N GLU F 199 -8.63 -28.66 35.37
CA GLU F 199 -8.34 -29.54 34.24
C GLU F 199 -9.62 -30.17 33.73
N LYS F 200 -9.80 -31.46 33.61
CA LYS F 200 -11.09 -31.88 33.07
C LYS F 200 -12.14 -32.14 34.15
N PRO F 201 -12.98 -31.13 34.46
CA PRO F 201 -14.01 -31.31 35.50
C PRO F 201 -14.90 -32.50 35.23
N ALA F 202 -15.49 -33.03 36.30
CA ALA F 202 -16.40 -34.15 36.18
C ALA F 202 -17.73 -33.63 35.67
N PRO F 203 -18.56 -34.53 35.12
CA PRO F 203 -19.87 -34.22 34.59
C PRO F 203 -20.75 -33.17 35.24
N GLY F 204 -21.09 -33.16 36.50
CA GLY F 204 -21.95 -32.06 36.93
C GLY F 204 -21.19 -31.04 37.76
N THR F 205 -19.88 -30.98 37.54
CA THR F 205 -19.06 -30.09 38.33
C THR F 205 -18.36 -28.95 37.61
N ALA F 206 -18.75 -28.68 36.37
CA ALA F 206 -18.12 -27.59 35.61
C ALA F 206 -18.53 -26.19 36.06
N PRO F 207 -17.55 -25.38 36.47
CA PRO F 207 -17.71 -23.99 36.94
C PRO F 207 -18.40 -23.12 35.90
N SER F 208 -18.23 -23.48 34.63
CA SER F 208 -18.81 -22.72 33.53
C SER F 208 -18.67 -23.50 32.23
N ASN F 209 -18.71 -22.79 31.12
CA ASN F 209 -18.59 -23.40 29.80
C ASN F 209 -17.40 -22.94 28.97
N LEU F 210 -16.75 -21.84 29.33
CA LEU F 210 -15.63 -21.44 28.50
C LEU F 210 -14.38 -22.23 28.85
N SER F 211 -13.97 -23.04 27.88
CA SER F 211 -12.83 -23.91 28.01
C SER F 211 -11.54 -23.27 27.50
N VAL F 212 -10.43 -23.94 27.78
CA VAL F 212 -9.10 -23.49 27.37
C VAL F 212 -8.80 -24.07 25.99
N ILE F 213 -8.32 -23.23 25.10
CA ILE F 213 -7.98 -23.68 23.75
C ILE F 213 -6.47 -23.65 23.60
N GLY F 214 -5.96 -24.57 22.80
CA GLY F 214 -4.52 -24.68 22.58
C GLY F 214 -3.69 -23.49 22.12
N ARG F 215 -3.93 -22.32 22.68
CA ARG F 215 -3.15 -21.13 22.33
C ARG F 215 -2.84 -20.39 23.63
N TYR F 216 -1.56 -20.30 23.98
CA TYR F 216 -1.16 -19.66 25.22
C TYR F 216 -0.06 -18.63 25.03
N ILE F 217 0.00 -17.69 25.98
CA ILE F 217 1.03 -16.65 26.00
C ILE F 217 1.32 -16.63 27.50
N LEU F 218 2.50 -17.09 27.89
CA LEU F 218 2.84 -17.15 29.29
C LEU F 218 4.09 -16.41 29.71
N GLN F 219 4.14 -16.04 30.98
CA GLN F 219 5.27 -15.34 31.55
C GLN F 219 6.32 -16.33 32.00
N PRO F 220 7.60 -15.94 31.97
CA PRO F 220 8.68 -16.83 32.38
C PRO F 220 8.49 -17.47 33.74
N GLU F 221 7.72 -16.81 34.61
CA GLU F 221 7.48 -17.33 35.94
C GLU F 221 6.81 -18.70 35.91
N VAL F 222 6.08 -18.97 34.83
CA VAL F 222 5.39 -20.25 34.68
C VAL F 222 6.38 -21.38 34.40
N MET F 223 7.46 -21.05 33.71
CA MET F 223 8.49 -22.02 33.40
C MET F 223 9.10 -22.42 34.74
N ARG F 224 9.42 -21.41 35.54
CA ARG F 224 10.02 -21.64 36.85
C ARG F 224 9.23 -22.53 37.76
N ILE F 225 7.91 -22.32 37.79
CA ILE F 225 7.08 -23.14 38.66
C ILE F 225 7.02 -24.56 38.10
N LEU F 226 7.25 -24.71 36.81
CA LEU F 226 7.24 -26.03 36.18
C LEU F 226 8.53 -26.76 36.54
N GLU F 227 9.64 -26.02 36.54
CA GLU F 227 10.94 -26.58 36.88
C GLU F 227 10.93 -27.06 38.32
N ASN F 228 10.50 -26.17 39.23
CA ASN F 228 10.42 -26.48 40.66
C ASN F 228 9.54 -27.69 40.88
N GLN F 229 8.57 -27.83 39.99
CA GLN F 229 7.64 -28.93 40.02
C GLN F 229 8.46 -30.14 39.58
N GLY F 230 9.47 -29.88 38.78
CA GLY F 230 10.35 -30.95 38.30
C GLY F 230 11.49 -31.25 39.25
N LYS F 231 11.40 -30.70 40.46
CA LYS F 231 12.40 -30.89 41.51
C LYS F 231 13.77 -30.38 41.08
N GLN F 238 2.65 -31.16 35.24
CA GLN F 238 1.29 -30.69 34.98
C GLN F 238 1.27 -29.17 34.74
N LEU F 239 0.65 -28.77 33.63
CA LEU F 239 0.64 -27.37 33.18
C LEU F 239 -0.50 -26.50 33.64
N THR F 240 -1.70 -27.06 33.58
CA THR F 240 -2.87 -26.32 34.00
C THR F 240 -2.57 -25.82 35.43
N ASP F 241 -2.13 -26.73 36.28
CA ASP F 241 -1.76 -26.44 37.68
C ASP F 241 -0.78 -25.33 37.90
N ALA F 242 -0.06 -24.98 36.85
CA ALA F 242 0.99 -24.02 37.08
C ALA F 242 0.53 -22.67 36.73
N MET F 243 -0.31 -22.56 35.73
CA MET F 243 -0.98 -21.33 35.41
C MET F 243 -1.67 -20.79 36.67
N GLN F 244 -2.46 -21.64 37.32
CA GLN F 244 -3.17 -21.32 38.54
C GLN F 244 -2.35 -20.49 39.51
N ARG F 245 -1.25 -21.08 40.00
CA ARG F 245 -0.38 -20.42 40.97
C ARG F 245 0.01 -19.04 40.55
N MET F 246 -0.59 -18.58 39.45
CA MET F 246 -0.29 -17.30 38.87
C MET F 246 -1.43 -16.32 38.80
N ILE F 247 -2.55 -16.60 39.44
CA ILE F 247 -3.66 -15.66 39.28
C ILE F 247 -3.63 -14.41 40.14
N GLY F 248 -3.17 -14.49 41.39
CA GLY F 248 -3.17 -13.29 42.19
C GLY F 248 -1.97 -12.38 41.96
N ASP F 249 -1.06 -12.77 41.09
CA ASP F 249 0.15 -11.99 40.88
C ASP F 249 0.31 -11.30 39.55
N GLN F 250 -0.33 -11.86 38.53
CA GLN F 250 -0.20 -11.32 37.18
C GLN F 250 -1.51 -11.27 36.43
N PRO F 251 -1.64 -10.30 35.51
CA PRO F 251 -2.87 -10.14 34.71
C PRO F 251 -3.07 -11.45 33.93
N PHE F 252 -4.20 -12.11 34.15
CA PHE F 252 -4.48 -13.37 33.48
C PHE F 252 -5.84 -13.25 32.81
N HIS F 253 -5.84 -13.24 31.48
CA HIS F 253 -7.07 -13.08 30.71
C HIS F 253 -7.31 -14.19 29.70
N GLY F 254 -8.57 -14.40 29.37
CA GLY F 254 -8.94 -15.39 28.37
C GLY F 254 -9.36 -14.58 27.15
N VAL F 255 -8.91 -15.01 25.97
CA VAL F 255 -9.27 -14.30 24.75
C VAL F 255 -10.21 -15.11 23.88
N THR F 256 -11.22 -14.45 23.34
CA THR F 256 -12.19 -15.11 22.46
C THR F 256 -11.72 -14.85 21.04
N PHE F 257 -11.59 -15.92 20.27
CA PHE F 257 -11.10 -15.83 18.90
C PHE F 257 -12.13 -15.38 17.87
N GLN F 258 -11.73 -14.42 17.05
CA GLN F 258 -12.57 -13.90 15.97
C GLN F 258 -12.42 -14.82 14.76
N GLY F 259 -13.08 -15.97 14.84
CA GLY F 259 -13.02 -16.93 13.76
C GLY F 259 -13.55 -18.24 14.31
N THR F 260 -13.36 -19.32 13.56
CA THR F 260 -13.86 -20.61 14.03
C THR F 260 -12.70 -21.57 14.27
N ARG F 261 -12.83 -22.39 15.30
CA ARG F 261 -11.80 -23.34 15.62
C ARG F 261 -12.28 -24.76 15.33
N TYR F 262 -11.43 -25.55 14.70
CA TYR F 262 -11.78 -26.94 14.39
C TYR F 262 -10.89 -27.89 15.18
N ASP F 263 -11.53 -28.81 15.89
CA ASP F 263 -10.81 -29.78 16.71
C ASP F 263 -10.30 -30.92 15.85
N CYS F 264 -9.16 -30.72 15.21
CA CYS F 264 -8.59 -31.75 14.36
C CYS F 264 -8.06 -32.89 15.21
N GLY F 265 -8.40 -32.83 16.50
CA GLY F 265 -7.99 -33.86 17.45
C GLY F 265 -8.87 -35.06 17.23
N ASP F 266 -10.07 -34.83 16.71
CA ASP F 266 -10.98 -35.95 16.44
C ASP F 266 -11.37 -35.94 14.96
N LYS F 267 -11.52 -37.13 14.41
CA LYS F 267 -11.82 -37.34 13.00
C LYS F 267 -12.86 -36.42 12.37
N ALA F 268 -13.99 -36.25 13.05
CA ALA F 268 -15.05 -35.39 12.55
C ALA F 268 -14.56 -33.95 12.34
N GLY F 269 -13.80 -33.44 13.30
CA GLY F 269 -13.28 -32.09 13.19
C GLY F 269 -12.29 -31.93 12.04
N PHE F 270 -11.43 -32.93 11.87
CA PHE F 270 -10.44 -32.89 10.80
C PHE F 270 -11.12 -32.77 9.44
N ILE F 271 -12.16 -33.57 9.23
CA ILE F 271 -12.92 -33.54 7.99
C ILE F 271 -13.58 -32.18 7.79
N GLN F 272 -14.23 -31.71 8.85
CA GLN F 272 -14.91 -30.42 8.81
C GLN F 272 -13.94 -29.30 8.43
N ALA F 273 -12.76 -29.33 9.02
CA ALA F 273 -11.76 -28.31 8.74
C ALA F 273 -11.36 -28.31 7.27
N ASN F 274 -11.18 -29.52 6.72
CA ASN F 274 -10.79 -29.67 5.34
C ASN F 274 -11.86 -29.12 4.40
N LEU F 275 -13.12 -29.36 4.73
CA LEU F 275 -14.21 -28.87 3.89
C LEU F 275 -14.30 -27.36 3.97
N ALA F 276 -14.16 -26.84 5.17
CA ALA F 276 -14.23 -25.40 5.41
C ALA F 276 -13.20 -24.66 4.56
N VAL F 277 -11.95 -25.05 4.69
CA VAL F 277 -10.89 -24.41 3.94
C VAL F 277 -11.09 -24.60 2.44
N ALA F 278 -11.54 -25.79 2.06
CA ALA F 278 -11.76 -26.07 0.64
C ALA F 278 -12.78 -25.10 0.03
N LEU F 279 -13.85 -24.84 0.78
CA LEU F 279 -14.89 -23.94 0.31
C LEU F 279 -14.43 -22.50 0.25
N SER F 280 -13.34 -22.18 0.95
CA SER F 280 -12.83 -20.82 0.97
C SER F 280 -11.83 -20.62 -0.15
N ARG F 281 -11.55 -21.68 -0.89
CA ARG F 281 -10.59 -21.56 -1.98
C ARG F 281 -11.24 -21.46 -3.35
N PRO F 282 -10.97 -20.34 -4.03
CA PRO F 282 -11.48 -20.02 -5.36
C PRO F 282 -11.42 -21.17 -6.34
N ASP F 283 -10.27 -21.83 -6.38
CA ASP F 283 -10.06 -22.93 -7.31
C ASP F 283 -10.69 -24.25 -6.94
N LEU F 284 -11.11 -24.41 -5.68
CA LEU F 284 -11.69 -25.69 -5.26
C LEU F 284 -13.16 -25.63 -4.91
N GLU F 285 -13.60 -24.49 -4.40
CA GLU F 285 -14.98 -24.32 -3.99
C GLU F 285 -16.02 -24.81 -5.00
N PRO F 286 -15.93 -24.36 -6.27
CA PRO F 286 -16.89 -24.79 -7.28
C PRO F 286 -17.11 -26.31 -7.26
N ALA F 287 -16.05 -27.05 -7.58
CA ALA F 287 -16.14 -28.50 -7.62
C ALA F 287 -16.56 -29.12 -6.30
N VAL F 288 -15.97 -28.68 -5.20
CA VAL F 288 -16.32 -29.24 -3.90
C VAL F 288 -17.76 -28.97 -3.52
N ARG F 289 -18.20 -27.72 -3.67
CA ARG F 289 -19.57 -27.37 -3.35
C ARG F 289 -20.52 -28.25 -4.15
N ALA F 290 -20.32 -28.29 -5.46
CA ALA F 290 -21.15 -29.09 -6.34
C ALA F 290 -21.24 -30.54 -5.86
N PHE F 291 -20.10 -31.10 -5.47
CA PHE F 291 -20.06 -32.48 -4.98
C PHE F 291 -20.79 -32.63 -3.64
N ALA F 292 -20.44 -31.76 -2.70
CA ALA F 292 -21.03 -31.78 -1.37
C ALA F 292 -22.55 -31.85 -1.48
N VAL F 293 -23.11 -30.95 -2.28
CA VAL F 293 -24.53 -30.89 -2.49
C VAL F 293 -25.13 -32.26 -2.84
N LYS F 294 -24.74 -32.81 -3.98
CA LYS F 294 -25.28 -34.09 -4.40
C LYS F 294 -25.05 -35.21 -3.41
N ALA F 295 -23.84 -35.28 -2.87
CA ALA F 295 -23.50 -36.33 -1.92
C ALA F 295 -24.37 -36.32 -0.68
N LEU F 296 -24.98 -35.16 -0.38
CA LEU F 296 -25.82 -35.05 0.82
C LEU F 296 -27.31 -35.36 0.69
N GLY F 297 -27.79 -35.66 -0.51
CA GLY F 297 -29.21 -35.94 -0.66
C GLY F 297 -30.01 -34.67 -0.81
N THR G 10 -5.29 -72.65 -19.13
CA THR G 10 -5.56 -72.27 -17.72
C THR G 10 -4.96 -70.92 -17.39
N ILE G 11 -5.42 -70.36 -16.28
CA ILE G 11 -4.90 -69.09 -15.78
C ILE G 11 -3.72 -69.58 -14.96
N LYS G 12 -3.06 -68.64 -14.31
CA LYS G 12 -2.00 -68.94 -13.38
C LYS G 12 -2.55 -68.05 -12.28
N PRO G 13 -2.73 -68.59 -11.06
CA PRO G 13 -3.29 -67.77 -9.99
C PRO G 13 -2.58 -66.42 -9.77
N LEU G 14 -3.33 -65.44 -9.27
CA LEU G 14 -2.78 -64.10 -9.02
C LEU G 14 -2.47 -63.93 -7.53
N ARG G 15 -1.18 -63.86 -7.20
CA ARG G 15 -0.74 -63.71 -5.81
C ARG G 15 0.16 -62.50 -5.61
N LYS G 16 0.52 -61.83 -6.70
CA LYS G 16 1.40 -60.67 -6.59
C LYS G 16 0.80 -59.36 -7.09
N ALA G 17 1.17 -58.28 -6.40
CA ALA G 17 0.69 -56.95 -6.73
C ALA G 17 1.85 -55.95 -6.65
N VAL G 18 1.93 -55.06 -7.64
CA VAL G 18 2.96 -54.03 -7.73
C VAL G 18 2.35 -52.66 -7.41
N PHE G 19 2.98 -51.92 -6.51
CA PHE G 19 2.46 -50.60 -6.15
C PHE G 19 3.48 -49.49 -6.44
N PRO G 20 3.26 -48.72 -7.50
CA PRO G 20 4.19 -47.64 -7.83
C PRO G 20 4.01 -46.54 -6.78
N VAL G 21 4.97 -46.39 -5.87
CA VAL G 21 4.86 -45.36 -4.85
C VAL G 21 6.10 -44.46 -4.77
N ALA G 22 6.63 -44.04 -5.91
CA ALA G 22 7.82 -43.21 -5.88
C ALA G 22 7.62 -41.81 -6.45
N GLY G 23 6.38 -41.38 -6.53
CA GLY G 23 6.13 -40.05 -7.06
C GLY G 23 6.40 -38.93 -6.07
N LEU G 24 6.68 -37.74 -6.58
CA LEU G 24 6.96 -36.58 -5.75
C LEU G 24 5.70 -35.78 -5.45
N GLY G 25 4.55 -36.30 -5.88
CA GLY G 25 3.28 -35.64 -5.66
C GLY G 25 3.27 -34.11 -5.64
N THR G 26 4.05 -33.47 -6.51
CA THR G 26 4.13 -32.00 -6.57
C THR G 26 2.79 -31.26 -6.55
N ARG G 27 1.72 -31.94 -6.94
CA ARG G 27 0.41 -31.30 -6.94
C ARG G 27 -0.13 -30.93 -5.58
N PHE G 28 0.23 -31.68 -4.54
CA PHE G 28 -0.28 -31.39 -3.22
C PHE G 28 0.68 -30.60 -2.35
N LEU G 29 1.61 -29.89 -2.96
CA LEU G 29 2.55 -29.09 -2.19
C LEU G 29 1.78 -28.02 -1.46
N PRO G 30 2.25 -27.60 -0.27
CA PRO G 30 3.46 -28.11 0.38
C PRO G 30 3.26 -29.29 1.31
N ALA G 31 2.06 -29.83 1.36
CA ALA G 31 1.81 -30.97 2.24
C ALA G 31 2.71 -32.16 1.88
N THR G 32 3.01 -32.31 0.61
CA THR G 32 3.82 -33.42 0.17
C THR G 32 5.31 -33.10 0.09
N LYS G 33 5.72 -31.97 0.66
CA LYS G 33 7.11 -31.56 0.63
C LYS G 33 8.07 -32.56 1.28
N ALA G 34 7.64 -33.16 2.39
CA ALA G 34 8.51 -34.13 3.05
C ALA G 34 7.65 -35.27 3.54
N MET G 35 6.48 -35.38 2.92
CA MET G 35 5.48 -36.36 3.27
C MET G 35 5.08 -37.15 2.02
N PRO G 36 5.17 -38.47 2.06
CA PRO G 36 4.79 -39.28 0.88
C PRO G 36 3.32 -39.04 0.55
N LYS G 37 3.05 -38.68 -0.70
CA LYS G 37 1.69 -38.45 -1.17
C LYS G 37 0.80 -39.66 -0.86
N GLU G 38 1.37 -40.85 -0.97
CA GLU G 38 0.64 -42.10 -0.74
C GLU G 38 0.29 -42.27 0.74
N MET G 39 0.81 -41.38 1.56
CA MET G 39 0.57 -41.42 2.99
C MET G 39 -0.57 -40.48 3.37
N LEU G 40 -1.05 -39.66 2.43
CA LEU G 40 -2.17 -38.77 2.74
C LEU G 40 -3.34 -39.61 3.19
N PRO G 41 -4.01 -39.17 4.27
CA PRO G 41 -5.14 -39.88 4.84
C PRO G 41 -6.50 -39.54 4.25
N VAL G 42 -7.33 -40.55 4.04
CA VAL G 42 -8.70 -40.36 3.61
C VAL G 42 -9.43 -40.69 4.92
N VAL G 43 -9.50 -39.67 5.76
CA VAL G 43 -10.11 -39.72 7.07
C VAL G 43 -9.25 -40.37 8.13
N ASP G 44 -8.92 -41.61 7.86
CA ASP G 44 -8.39 -42.43 8.90
C ASP G 44 -7.18 -43.30 8.56
N ARG G 45 -7.09 -43.68 7.29
CA ARG G 45 -6.01 -44.49 6.78
C ARG G 45 -5.40 -43.82 5.57
N PRO G 46 -4.12 -44.09 5.30
CA PRO G 46 -3.44 -43.49 4.15
C PRO G 46 -3.81 -44.23 2.87
N LEU G 47 -3.70 -43.54 1.74
CA LEU G 47 -4.02 -44.13 0.45
C LEU G 47 -3.47 -45.55 0.23
N ILE G 48 -2.18 -45.81 0.48
CA ILE G 48 -1.68 -47.16 0.26
C ILE G 48 -2.37 -48.21 1.11
N GLN G 49 -2.77 -47.85 2.32
CA GLN G 49 -3.41 -48.83 3.18
C GLN G 49 -4.67 -49.33 2.47
N TYR G 50 -5.47 -48.40 1.95
CA TYR G 50 -6.68 -48.78 1.25
C TYR G 50 -6.34 -49.69 0.07
N ALA G 51 -5.28 -49.33 -0.65
CA ALA G 51 -4.84 -50.11 -1.79
C ALA G 51 -4.39 -51.54 -1.42
N VAL G 52 -3.66 -51.69 -0.33
CA VAL G 52 -3.22 -53.03 0.04
C VAL G 52 -4.38 -53.85 0.59
N ASP G 53 -5.29 -53.18 1.30
CA ASP G 53 -6.46 -53.88 1.84
C ASP G 53 -7.19 -54.52 0.65
N GLU G 54 -7.35 -53.72 -0.39
CA GLU G 54 -8.02 -54.15 -1.60
C GLU G 54 -7.32 -55.39 -2.16
N ALA G 55 -6.00 -55.32 -2.25
CA ALA G 55 -5.23 -56.44 -2.76
C ALA G 55 -5.42 -57.70 -1.92
N VAL G 56 -5.39 -57.55 -0.61
CA VAL G 56 -5.57 -58.69 0.29
C VAL G 56 -6.93 -59.33 0.03
N GLU G 57 -7.96 -58.51 -0.11
CA GLU G 57 -9.31 -59.00 -0.36
C GLU G 57 -9.39 -59.78 -1.67
N ALA G 58 -8.56 -59.39 -2.63
CA ALA G 58 -8.52 -60.03 -3.93
C ALA G 58 -7.68 -61.31 -3.94
N GLY G 59 -7.17 -61.71 -2.79
CA GLY G 59 -6.38 -62.93 -2.72
C GLY G 59 -4.90 -62.83 -3.03
N ILE G 60 -4.38 -61.61 -3.04
CA ILE G 60 -2.98 -61.40 -3.32
C ILE G 60 -2.15 -61.60 -2.04
N GLU G 61 -1.03 -62.30 -2.16
CA GLU G 61 -0.18 -62.60 -1.01
C GLU G 61 1.22 -62.00 -1.03
N GLN G 62 1.54 -61.22 -2.05
CA GLN G 62 2.88 -60.63 -2.13
C GLN G 62 2.77 -59.21 -2.67
N MET G 63 2.94 -58.23 -1.78
CA MET G 63 2.89 -56.83 -2.16
C MET G 63 4.31 -56.39 -2.47
N ILE G 64 4.51 -55.74 -3.61
CA ILE G 64 5.85 -55.27 -3.91
C ILE G 64 5.78 -53.78 -4.25
N PHE G 65 6.37 -52.99 -3.35
CA PHE G 65 6.41 -51.53 -3.45
C PHE G 65 7.68 -51.04 -4.12
N VAL G 66 7.52 -50.27 -5.19
CA VAL G 66 8.68 -49.71 -5.85
C VAL G 66 8.63 -48.25 -5.38
N THR G 67 9.51 -47.93 -4.41
CA THR G 67 9.58 -46.63 -3.79
C THR G 67 10.65 -45.66 -4.29
N GLY G 68 10.66 -44.48 -3.69
CA GLY G 68 11.60 -43.44 -4.03
C GLY G 68 12.44 -43.09 -2.82
N ARG G 69 13.05 -41.91 -2.85
CA ARG G 69 13.90 -41.51 -1.74
C ARG G 69 13.32 -41.10 -0.40
N GLY G 70 12.49 -40.07 -0.29
CA GLY G 70 12.03 -39.73 1.05
C GLY G 70 10.82 -40.50 1.57
N LYS G 71 10.73 -41.79 1.26
CA LYS G 71 9.55 -42.56 1.65
C LYS G 71 9.65 -43.63 2.73
N SER G 72 10.38 -43.35 3.80
CA SER G 72 10.54 -44.31 4.89
C SER G 72 9.21 -44.61 5.56
N ALA G 73 8.34 -43.60 5.61
CA ALA G 73 7.02 -43.75 6.23
C ALA G 73 6.26 -44.95 5.68
N LEU G 74 6.22 -45.11 4.36
CA LEU G 74 5.51 -46.24 3.78
C LEU G 74 6.08 -47.56 4.26
N GLU G 75 7.36 -47.58 4.59
CA GLU G 75 7.99 -48.80 5.04
C GLU G 75 7.68 -49.06 6.51
N ASP G 76 7.76 -48.01 7.32
CA ASP G 76 7.48 -48.16 8.73
C ASP G 76 6.01 -48.48 8.98
N HIS G 77 5.14 -47.92 8.16
CA HIS G 77 3.71 -48.15 8.33
C HIS G 77 3.33 -49.64 8.35
N PHE G 78 3.99 -50.44 7.52
CA PHE G 78 3.66 -51.85 7.45
C PHE G 78 4.56 -52.75 8.25
N ASP G 79 5.13 -52.21 9.33
CA ASP G 79 6.00 -52.99 10.18
C ASP G 79 5.44 -52.76 11.58
N ILE G 80 5.97 -53.45 12.57
CA ILE G 80 5.49 -53.27 13.92
C ILE G 80 5.93 -51.88 14.38
N ALA G 81 5.03 -51.12 15.00
CA ALA G 81 5.36 -49.79 15.53
C ALA G 81 5.61 -50.06 17.02
N TYR G 82 6.80 -50.55 17.29
CA TYR G 82 7.20 -50.94 18.62
C TYR G 82 6.72 -50.09 19.80
N GLU G 83 7.26 -48.88 19.92
CA GLU G 83 6.91 -48.03 21.04
C GLU G 83 5.42 -47.72 21.16
N LEU G 84 4.77 -47.52 20.01
CA LEU G 84 3.35 -47.23 19.99
C LEU G 84 2.51 -48.36 20.58
N GLU G 85 2.72 -49.57 20.08
CA GLU G 85 1.98 -50.74 20.55
C GLU G 85 2.24 -51.01 22.03
N ALA G 86 3.40 -50.61 22.50
CA ALA G 86 3.74 -50.79 23.90
C ALA G 86 3.02 -49.74 24.75
N THR G 87 2.95 -48.52 24.25
CA THR G 87 2.29 -47.46 24.97
C THR G 87 0.78 -47.71 25.02
N MET G 88 0.23 -48.29 23.96
CA MET G 88 -1.20 -48.58 23.91
C MET G 88 -1.54 -49.67 24.91
N ALA G 89 -0.68 -50.68 24.96
CA ALA G 89 -0.88 -51.78 25.88
C ALA G 89 -0.83 -51.26 27.31
N ALA G 90 -0.01 -50.24 27.54
CA ALA G 90 0.11 -49.65 28.87
C ALA G 90 -1.08 -48.75 29.19
N ARG G 91 -2.11 -48.82 28.36
CA ARG G 91 -3.28 -48.00 28.58
C ARG G 91 -4.52 -48.80 28.23
N GLY G 92 -4.34 -50.12 28.21
CA GLY G 92 -5.43 -51.04 27.91
C GLY G 92 -6.16 -50.74 26.60
N LYS G 93 -5.47 -50.05 25.69
CA LYS G 93 -6.05 -49.71 24.39
C LYS G 93 -5.86 -50.90 23.44
N SER G 94 -6.94 -51.32 22.80
CA SER G 94 -6.89 -52.45 21.88
C SER G 94 -6.08 -52.12 20.62
N LEU G 95 -5.32 -53.10 20.15
CA LEU G 95 -4.50 -52.92 18.96
C LEU G 95 -5.27 -53.30 17.68
N ASP G 96 -6.54 -53.65 17.85
CA ASP G 96 -7.39 -54.02 16.72
C ASP G 96 -7.45 -52.90 15.68
N VAL G 97 -7.26 -51.67 16.15
CA VAL G 97 -7.32 -50.52 15.26
C VAL G 97 -6.25 -50.58 14.17
N LEU G 98 -5.22 -51.40 14.35
CA LEU G 98 -4.25 -51.50 13.28
C LEU G 98 -4.16 -52.88 12.66
N ASP G 99 -5.26 -53.61 12.72
CA ASP G 99 -5.30 -54.92 12.11
C ASP G 99 -5.30 -54.65 10.60
N GLY G 100 -4.43 -55.35 9.89
CA GLY G 100 -4.34 -55.17 8.45
C GLY G 100 -3.22 -54.22 8.08
N THR G 101 -2.55 -53.71 9.11
CA THR G 101 -1.46 -52.78 8.94
C THR G 101 -0.14 -53.54 8.84
N ARG G 102 -0.20 -54.78 9.30
CA ARG G 102 0.95 -55.65 9.37
C ARG G 102 0.72 -56.95 8.66
N LEU G 103 1.49 -57.24 7.63
CA LEU G 103 1.35 -58.49 6.91
C LEU G 103 2.39 -59.49 7.42
N LYS G 104 2.35 -60.69 6.87
CA LYS G 104 3.30 -61.73 7.26
C LYS G 104 4.68 -61.30 6.78
N PRO G 105 5.73 -61.59 7.58
CA PRO G 105 7.09 -61.22 7.19
C PRO G 105 7.43 -61.72 5.79
N GLY G 106 7.94 -60.83 4.94
CA GLY G 106 8.29 -61.19 3.59
C GLY G 106 7.21 -60.89 2.57
N ASN G 107 5.96 -60.77 3.01
CA ASN G 107 4.86 -60.49 2.12
C ASN G 107 4.87 -59.09 1.52
N ILE G 108 5.75 -58.22 2.00
CA ILE G 108 5.86 -56.89 1.44
C ILE G 108 7.32 -56.64 1.15
N ALA G 109 7.65 -56.47 -0.12
CA ALA G 109 9.00 -56.25 -0.56
C ALA G 109 9.16 -54.86 -1.17
N TYR G 110 10.31 -54.23 -0.93
CA TYR G 110 10.58 -52.90 -1.46
C TYR G 110 11.79 -52.85 -2.38
N VAL G 111 11.70 -52.02 -3.41
CA VAL G 111 12.81 -51.82 -4.34
C VAL G 111 12.80 -50.36 -4.69
N ARG G 112 13.97 -49.74 -4.71
CA ARG G 112 14.07 -48.33 -5.03
C ARG G 112 14.06 -48.14 -6.55
N GLN G 113 13.29 -47.17 -7.00
CA GLN G 113 13.17 -46.87 -8.40
C GLN G 113 14.42 -46.13 -8.87
N GLN G 114 15.07 -45.45 -7.95
CA GLN G 114 16.30 -44.70 -8.19
C GLN G 114 16.12 -43.48 -9.05
N GLU G 115 15.49 -43.64 -10.20
CA GLU G 115 15.26 -42.54 -11.13
C GLU G 115 13.77 -42.42 -11.44
N PRO G 116 13.22 -41.21 -11.34
CA PRO G 116 11.81 -40.93 -11.61
C PRO G 116 11.49 -40.98 -13.12
N MET G 117 11.32 -42.19 -13.66
CA MET G 117 11.07 -42.33 -15.10
C MET G 117 9.71 -42.80 -15.55
N GLY G 118 8.70 -42.67 -14.72
CA GLY G 118 7.38 -43.09 -15.15
C GLY G 118 6.89 -44.45 -14.73
N LEU G 119 5.62 -44.71 -15.03
CA LEU G 119 4.95 -45.95 -14.67
C LEU G 119 5.51 -47.26 -15.25
N GLY G 120 5.85 -47.25 -16.54
CA GLY G 120 6.39 -48.45 -17.14
C GLY G 120 7.72 -48.83 -16.48
N HIS G 121 8.59 -47.83 -16.34
CA HIS G 121 9.88 -48.00 -15.72
C HIS G 121 9.69 -48.56 -14.29
N ALA G 122 8.72 -48.00 -13.57
CA ALA G 122 8.42 -48.42 -12.21
C ALA G 122 8.03 -49.90 -12.16
N VAL G 123 7.11 -50.30 -13.01
CA VAL G 123 6.67 -51.70 -13.05
C VAL G 123 7.86 -52.61 -13.40
N TRP G 124 8.69 -52.15 -14.32
CA TRP G 124 9.88 -52.88 -14.76
C TRP G 124 10.81 -53.21 -13.59
N CYS G 125 10.86 -52.33 -12.60
CA CYS G 125 11.72 -52.53 -11.45
C CYS G 125 11.35 -53.78 -10.64
N ALA G 126 10.13 -54.27 -10.78
CA ALA G 126 9.70 -55.45 -10.02
C ALA G 126 9.86 -56.75 -10.81
N ARG G 127 10.44 -56.64 -12.02
CA ARG G 127 10.63 -57.78 -12.91
C ARG G 127 11.12 -59.08 -12.30
N ASP G 128 12.20 -59.02 -11.51
CA ASP G 128 12.73 -60.24 -10.92
C ASP G 128 11.95 -60.76 -9.71
N ILE G 129 11.09 -59.91 -9.16
CA ILE G 129 10.29 -60.32 -8.00
C ILE G 129 9.02 -61.02 -8.52
N VAL G 130 8.52 -60.56 -9.67
CA VAL G 130 7.33 -61.14 -10.30
C VAL G 130 7.76 -62.41 -11.01
N GLY G 131 8.71 -62.25 -11.94
CA GLY G 131 9.25 -63.40 -12.62
C GLY G 131 8.43 -63.91 -13.76
N ASP G 132 7.93 -65.13 -13.59
CA ASP G 132 7.15 -65.77 -14.62
C ASP G 132 5.75 -66.01 -14.08
N GLU G 133 5.08 -64.93 -13.68
CA GLU G 133 3.75 -65.05 -13.12
C GLU G 133 2.96 -63.80 -13.42
N PRO G 134 1.63 -63.90 -13.33
CA PRO G 134 0.74 -62.76 -13.58
C PRO G 134 0.85 -61.82 -12.41
N PHE G 135 0.64 -60.54 -12.63
CA PHE G 135 0.75 -59.59 -11.53
C PHE G 135 -0.28 -58.48 -11.64
N ALA G 136 -0.60 -57.87 -10.50
CA ALA G 136 -1.54 -56.78 -10.48
C ALA G 136 -0.74 -55.50 -10.28
N VAL G 137 -1.35 -54.37 -10.61
CA VAL G 137 -0.72 -53.07 -10.46
C VAL G 137 -1.79 -52.15 -9.87
N LEU G 138 -1.47 -51.45 -8.80
CA LEU G 138 -2.42 -50.55 -8.17
C LEU G 138 -1.84 -49.17 -7.92
N LEU G 139 -2.49 -48.15 -8.45
CA LEU G 139 -2.05 -46.77 -8.24
C LEU G 139 -2.94 -46.22 -7.12
N PRO G 140 -2.39 -46.10 -5.90
CA PRO G 140 -3.17 -45.60 -4.78
C PRO G 140 -3.88 -44.25 -4.93
N ASP G 141 -3.43 -43.38 -5.83
CA ASP G 141 -4.12 -42.10 -6.01
C ASP G 141 -5.56 -42.32 -6.48
N ASP G 142 -5.79 -43.44 -7.15
CA ASP G 142 -7.12 -43.77 -7.59
C ASP G 142 -7.81 -44.50 -6.45
N PHE G 143 -8.53 -43.72 -5.64
CA PHE G 143 -9.26 -44.22 -4.49
C PHE G 143 -10.51 -44.92 -5.03
N MET G 144 -10.58 -46.24 -4.87
CA MET G 144 -11.73 -46.99 -5.37
C MET G 144 -12.66 -47.34 -4.22
N PHE G 145 -13.73 -46.57 -4.08
CA PHE G 145 -14.70 -46.77 -3.02
C PHE G 145 -15.86 -47.65 -3.43
N GLY G 146 -16.00 -48.78 -2.76
CA GLY G 146 -17.09 -49.66 -3.08
C GLY G 146 -16.77 -51.06 -2.64
N GLN G 147 -17.69 -51.98 -2.92
CA GLN G 147 -17.45 -53.33 -2.54
C GLN G 147 -18.23 -54.29 -3.38
N PRO G 148 -17.71 -55.51 -3.53
CA PRO G 148 -16.45 -56.01 -2.96
C PRO G 148 -15.25 -55.05 -2.85
N GLY G 149 -14.71 -54.61 -3.98
CA GLY G 149 -13.55 -53.73 -3.98
C GLY G 149 -12.95 -53.97 -5.34
N CYS G 150 -12.59 -52.91 -6.04
CA CYS G 150 -12.09 -53.02 -7.40
C CYS G 150 -11.22 -54.24 -7.77
N LEU G 151 -10.09 -54.45 -7.09
CA LEU G 151 -9.27 -55.59 -7.45
C LEU G 151 -10.02 -56.92 -7.30
N LYS G 152 -10.83 -57.07 -6.26
CA LYS G 152 -11.59 -58.32 -6.08
C LYS G 152 -12.56 -58.52 -7.26
N GLN G 153 -13.31 -57.48 -7.59
CA GLN G 153 -14.26 -57.56 -8.71
C GLN G 153 -13.48 -57.96 -9.96
N MET G 154 -12.30 -57.37 -10.15
CA MET G 154 -11.49 -57.69 -11.32
C MET G 154 -10.93 -59.10 -11.31
N VAL G 155 -10.44 -59.56 -10.16
CA VAL G 155 -9.90 -60.92 -10.13
C VAL G 155 -11.03 -61.96 -10.35
N ASP G 156 -12.25 -61.62 -9.96
CA ASP G 156 -13.37 -62.53 -10.17
C ASP G 156 -13.58 -62.70 -11.66
N ALA G 157 -13.38 -61.63 -12.42
CA ALA G 157 -13.51 -61.68 -13.87
C ALA G 157 -12.30 -62.40 -14.47
N TYR G 158 -11.15 -62.21 -13.84
CA TYR G 158 -9.90 -62.83 -14.28
C TYR G 158 -10.03 -64.35 -14.22
N ASN G 159 -10.52 -64.86 -13.10
CA ASN G 159 -10.68 -66.30 -12.94
C ASN G 159 -11.57 -66.94 -14.00
N LYS G 160 -12.25 -66.12 -14.81
CA LYS G 160 -13.13 -66.65 -15.85
C LYS G 160 -12.56 -66.45 -17.24
N VAL G 161 -12.06 -65.25 -17.49
CA VAL G 161 -11.53 -64.92 -18.80
C VAL G 161 -10.01 -65.03 -18.93
N GLY G 162 -9.30 -64.77 -17.83
CA GLY G 162 -7.86 -64.82 -17.86
C GLY G 162 -7.28 -63.66 -18.66
N GLY G 163 -6.02 -63.80 -19.07
CA GLY G 163 -5.38 -62.76 -19.86
C GLY G 163 -5.11 -61.47 -19.10
N ASN G 164 -5.31 -60.33 -19.76
CA ASN G 164 -5.08 -59.04 -19.13
C ASN G 164 -6.36 -58.27 -18.89
N LEU G 165 -6.41 -57.56 -17.76
CA LEU G 165 -7.57 -56.75 -17.43
C LEU G 165 -7.15 -55.41 -16.85
N ILE G 166 -7.98 -54.40 -17.06
CA ILE G 166 -7.72 -53.07 -16.55
C ILE G 166 -9.05 -52.47 -16.16
N CYS G 167 -9.07 -51.55 -15.20
CA CYS G 167 -10.32 -50.92 -14.82
C CYS G 167 -10.64 -49.85 -15.87
N ALA G 168 -11.89 -49.85 -16.33
CA ALA G 168 -12.33 -48.89 -17.34
C ALA G 168 -13.42 -48.00 -16.80
N GLU G 169 -13.43 -46.75 -17.25
CA GLU G 169 -14.41 -45.77 -16.80
C GLU G 169 -14.71 -44.74 -17.88
N GLU G 170 -16.01 -44.54 -18.15
CA GLU G 170 -16.47 -43.56 -19.13
C GLU G 170 -16.07 -42.18 -18.63
N VAL G 171 -15.38 -41.42 -19.47
CA VAL G 171 -14.91 -40.10 -19.07
C VAL G 171 -15.39 -39.02 -20.02
N PRO G 172 -15.57 -37.79 -19.52
CA PRO G 172 -16.03 -36.65 -20.33
C PRO G 172 -15.12 -36.42 -21.54
N ASP G 173 -15.67 -35.87 -22.62
CA ASP G 173 -14.89 -35.61 -23.82
C ASP G 173 -13.69 -34.69 -23.60
N ASP G 174 -13.84 -33.68 -22.76
CA ASP G 174 -12.74 -32.74 -22.47
C ASP G 174 -11.67 -33.36 -21.59
N GLN G 175 -11.92 -34.57 -21.09
CA GLN G 175 -10.98 -35.23 -20.20
C GLN G 175 -10.20 -36.38 -20.83
N THR G 176 -10.61 -36.79 -22.03
CA THR G 176 -9.97 -37.90 -22.73
C THR G 176 -8.46 -37.79 -22.99
N HIS G 177 -7.95 -36.57 -23.11
CA HIS G 177 -6.53 -36.35 -23.38
C HIS G 177 -5.61 -36.57 -22.18
N ARG G 178 -6.19 -36.91 -21.04
CA ARG G 178 -5.38 -37.12 -19.83
C ARG G 178 -5.28 -38.58 -19.46
N TYR G 179 -5.98 -39.44 -20.18
CA TYR G 179 -5.98 -40.84 -19.87
C TYR G 179 -5.57 -41.69 -21.06
N GLY G 180 -5.40 -42.99 -20.80
CA GLY G 180 -5.09 -43.92 -21.87
C GLY G 180 -6.50 -44.28 -22.30
N ILE G 181 -6.75 -44.27 -23.60
CA ILE G 181 -8.09 -44.59 -24.09
C ILE G 181 -8.21 -45.97 -24.73
N ILE G 182 -9.33 -46.62 -24.48
CA ILE G 182 -9.61 -47.95 -25.02
C ILE G 182 -10.46 -47.91 -26.29
N THR G 183 -10.16 -48.81 -27.21
CA THR G 183 -10.91 -48.99 -28.45
C THR G 183 -11.73 -50.22 -28.05
N PRO G 184 -13.00 -50.03 -27.68
CA PRO G 184 -13.84 -51.17 -27.27
C PRO G 184 -14.39 -52.12 -28.32
N GLY G 185 -14.57 -53.36 -27.88
CA GLY G 185 -15.13 -54.40 -28.72
C GLY G 185 -16.43 -54.85 -28.08
N THR G 186 -16.62 -56.17 -27.98
CA THR G 186 -17.83 -56.74 -27.41
C THR G 186 -17.97 -56.51 -25.91
N GLN G 187 -19.19 -56.19 -25.48
CA GLN G 187 -19.46 -56.01 -24.06
C GLN G 187 -20.16 -57.28 -23.58
N ASP G 188 -19.77 -57.78 -22.42
CA ASP G 188 -20.39 -58.95 -21.85
C ASP G 188 -20.64 -58.64 -20.38
N GLY G 189 -21.61 -57.74 -20.15
CA GLY G 189 -21.94 -57.33 -18.80
C GLY G 189 -21.03 -56.25 -18.29
N VAL G 190 -20.11 -56.63 -17.41
CA VAL G 190 -19.15 -55.70 -16.82
C VAL G 190 -17.85 -55.63 -17.63
N LEU G 191 -17.62 -56.65 -18.46
CA LEU G 191 -16.43 -56.68 -19.28
C LEU G 191 -16.68 -56.06 -20.65
N THR G 192 -15.60 -55.63 -21.27
CA THR G 192 -15.65 -55.03 -22.60
C THR G 192 -14.27 -55.22 -23.21
N GLU G 193 -14.20 -55.90 -24.35
CA GLU G 193 -12.93 -56.16 -25.02
C GLU G 193 -12.19 -54.90 -25.42
N VAL G 194 -10.88 -54.90 -25.19
CA VAL G 194 -10.07 -53.76 -25.59
C VAL G 194 -9.40 -54.19 -26.90
N LYS G 195 -9.75 -53.52 -27.98
CA LYS G 195 -9.21 -53.80 -29.31
C LYS G 195 -7.99 -52.94 -29.55
N GLY G 196 -7.81 -51.95 -28.70
CA GLY G 196 -6.67 -51.07 -28.84
C GLY G 196 -6.65 -50.03 -27.75
N LEU G 197 -5.53 -49.34 -27.60
CA LEU G 197 -5.42 -48.29 -26.61
C LEU G 197 -4.29 -47.34 -26.96
N VAL G 198 -4.54 -46.04 -26.74
CA VAL G 198 -3.55 -45.00 -27.02
C VAL G 198 -3.32 -44.22 -25.72
N GLU G 199 -2.06 -43.90 -25.43
CA GLU G 199 -1.71 -43.19 -24.19
C GLU G 199 -2.53 -41.94 -24.03
N LYS G 200 -2.14 -40.73 -24.34
CA LYS G 200 -3.12 -39.68 -24.10
C LYS G 200 -3.39 -39.08 -25.45
N PRO G 201 -4.45 -39.55 -26.13
CA PRO G 201 -4.73 -39.00 -27.45
C PRO G 201 -4.89 -37.49 -27.46
N ALA G 202 -4.77 -36.89 -28.63
CA ALA G 202 -4.92 -35.44 -28.79
C ALA G 202 -6.41 -35.17 -28.74
N PRO G 203 -6.81 -33.93 -28.42
CA PRO G 203 -8.24 -33.60 -28.34
C PRO G 203 -8.91 -33.63 -29.70
N GLY G 204 -9.49 -34.75 -30.09
CA GLY G 204 -10.14 -34.80 -31.38
C GLY G 204 -9.76 -36.10 -32.01
N THR G 205 -8.81 -36.78 -31.36
CA THR G 205 -8.28 -38.06 -31.81
C THR G 205 -8.78 -39.25 -30.99
N ALA G 206 -9.54 -38.98 -29.95
CA ALA G 206 -10.02 -40.06 -29.07
C ALA G 206 -10.89 -41.11 -29.72
N PRO G 207 -10.40 -42.36 -29.81
CA PRO G 207 -11.18 -43.44 -30.42
C PRO G 207 -12.47 -43.74 -29.65
N SER G 208 -12.54 -43.28 -28.40
CA SER G 208 -13.73 -43.47 -27.58
C SER G 208 -13.63 -42.68 -26.29
N ASN G 209 -14.46 -43.05 -25.32
CA ASN G 209 -14.49 -42.37 -24.03
C ASN G 209 -14.04 -43.20 -22.84
N LEU G 210 -14.00 -44.53 -22.95
CA LEU G 210 -13.59 -45.30 -21.80
C LEU G 210 -12.08 -45.33 -21.65
N SER G 211 -11.66 -44.71 -20.55
CA SER G 211 -10.26 -44.56 -20.19
C SER G 211 -9.78 -45.69 -19.28
N VAL G 212 -8.46 -45.73 -19.09
CA VAL G 212 -7.85 -46.73 -18.25
C VAL G 212 -7.73 -46.16 -16.84
N ILE G 213 -8.07 -46.96 -15.85
CA ILE G 213 -7.97 -46.52 -14.46
C ILE G 213 -6.84 -47.31 -13.76
N GLY G 214 -6.22 -46.69 -12.77
CA GLY G 214 -5.11 -47.30 -12.05
C GLY G 214 -5.24 -48.66 -11.40
N ARG G 215 -5.83 -49.62 -12.10
CA ARG G 215 -6.00 -50.99 -11.59
C ARG G 215 -5.74 -51.96 -12.73
N TYR G 216 -4.65 -52.72 -12.67
CA TYR G 216 -4.33 -53.66 -13.73
C TYR G 216 -4.01 -55.08 -13.25
N ILE G 217 -4.23 -56.04 -14.15
CA ILE G 217 -3.92 -57.45 -13.91
C ILE G 217 -3.23 -57.80 -15.23
N LEU G 218 -1.93 -58.04 -15.19
CA LEU G 218 -1.19 -58.32 -16.41
C LEU G 218 -0.46 -59.67 -16.42
N GLN G 219 -0.23 -60.16 -17.62
CA GLN G 219 0.47 -61.43 -17.79
C GLN G 219 1.96 -61.14 -17.83
N PRO G 220 2.79 -62.10 -17.39
CA PRO G 220 4.24 -61.89 -17.39
C PRO G 220 4.85 -61.52 -18.74
N GLU G 221 4.13 -61.75 -19.83
CA GLU G 221 4.67 -61.38 -21.14
C GLU G 221 4.84 -59.87 -21.20
N VAL G 222 4.05 -59.16 -20.39
CA VAL G 222 4.13 -57.71 -20.34
C VAL G 222 5.47 -57.24 -19.76
N MET G 223 5.98 -57.96 -18.76
CA MET G 223 7.26 -57.58 -18.16
C MET G 223 8.35 -57.79 -19.19
N ARG G 224 8.29 -58.93 -19.89
CA ARG G 224 9.27 -59.24 -20.93
C ARG G 224 9.34 -58.11 -21.94
N ILE G 225 8.18 -57.66 -22.39
CA ILE G 225 8.13 -56.60 -23.38
C ILE G 225 8.75 -55.32 -22.82
N LEU G 226 8.58 -55.09 -21.52
CA LEU G 226 9.14 -53.93 -20.85
C LEU G 226 10.64 -54.05 -20.72
N GLU G 227 11.11 -55.26 -20.40
CA GLU G 227 12.54 -55.51 -20.25
C GLU G 227 13.25 -55.08 -21.53
N ASN G 228 12.62 -55.28 -22.69
CA ASN G 228 13.21 -54.76 -23.91
C ASN G 228 14.33 -55.51 -24.61
N GLN G 229 14.88 -56.54 -23.97
CA GLN G 229 16.02 -57.30 -24.52
C GLN G 229 16.35 -57.09 -26.01
N GLY G 230 17.60 -56.67 -26.28
CA GLY G 230 18.03 -56.51 -27.66
C GLY G 230 17.71 -55.20 -28.35
N LYS G 231 16.56 -54.62 -28.02
CA LYS G 231 16.15 -53.37 -28.65
C LYS G 231 16.49 -52.07 -27.89
N GLY G 232 16.69 -52.16 -26.58
CA GLY G 232 16.94 -50.93 -25.83
C GLY G 232 17.44 -51.18 -24.43
N ALA G 233 17.49 -50.10 -23.65
CA ALA G 233 17.97 -50.19 -22.27
C ALA G 233 16.80 -50.56 -21.36
N GLY G 234 16.92 -51.71 -20.70
CA GLY G 234 15.86 -52.19 -19.83
C GLY G 234 14.93 -51.17 -19.19
N GLY G 235 13.65 -51.29 -19.53
CA GLY G 235 12.65 -50.42 -18.96
C GLY G 235 12.49 -49.02 -19.50
N GLU G 236 12.97 -48.74 -20.71
CA GLU G 236 12.81 -47.40 -21.28
C GLU G 236 11.38 -47.27 -21.83
N ILE G 237 10.76 -48.42 -22.05
CA ILE G 237 9.41 -48.51 -22.60
C ILE G 237 8.32 -47.97 -21.68
N GLN G 238 7.24 -47.48 -22.30
CA GLN G 238 6.09 -46.92 -21.61
C GLN G 238 5.01 -48.02 -21.44
N LEU G 239 4.48 -48.15 -20.23
CA LEU G 239 3.50 -49.19 -19.90
C LEU G 239 2.35 -49.42 -20.86
N THR G 240 1.73 -48.34 -21.31
CA THR G 240 0.61 -48.55 -22.18
C THR G 240 0.99 -49.13 -23.50
N ASP G 241 2.00 -48.58 -24.17
CA ASP G 241 2.29 -49.23 -25.42
C ASP G 241 3.10 -50.48 -25.26
N ALA G 242 2.86 -51.20 -24.18
CA ALA G 242 3.51 -52.48 -23.96
C ALA G 242 2.33 -53.42 -23.89
N MET G 243 1.24 -52.92 -23.30
CA MET G 243 0.02 -53.70 -23.19
C MET G 243 -0.57 -53.86 -24.59
N GLN G 244 -0.40 -52.83 -25.40
CA GLN G 244 -0.86 -52.79 -26.77
C GLN G 244 -0.35 -53.98 -27.58
N ARG G 245 0.95 -54.18 -27.54
CA ARG G 245 1.57 -55.28 -28.26
C ARG G 245 1.02 -56.62 -27.81
N MET G 246 0.01 -56.59 -26.95
CA MET G 246 -0.57 -57.81 -26.41
C MET G 246 -2.05 -57.96 -26.66
N ILE G 247 -2.55 -57.42 -27.75
CA ILE G 247 -3.97 -57.52 -27.95
C ILE G 247 -4.19 -58.29 -29.22
N GLY G 248 -4.02 -59.57 -29.26
CA GLY G 248 -4.22 -60.21 -30.53
C GLY G 248 -3.69 -61.56 -30.17
N ASP G 249 -3.02 -61.59 -29.04
CA ASP G 249 -2.41 -62.80 -28.51
C ASP G 249 -3.10 -63.27 -27.24
N GLN G 250 -3.58 -62.30 -26.47
CA GLN G 250 -4.20 -62.63 -25.19
C GLN G 250 -5.49 -61.90 -24.93
N PRO G 251 -6.40 -62.54 -24.16
CA PRO G 251 -7.69 -61.96 -23.80
C PRO G 251 -7.43 -60.64 -23.11
N PHE G 252 -7.94 -59.55 -23.64
CA PHE G 252 -7.73 -58.26 -23.01
C PHE G 252 -9.10 -57.58 -22.79
N HIS G 253 -9.45 -57.40 -21.53
CA HIS G 253 -10.74 -56.81 -21.21
C HIS G 253 -10.69 -55.64 -20.25
N GLY G 254 -11.66 -54.73 -20.40
CA GLY G 254 -11.76 -53.59 -19.53
C GLY G 254 -12.86 -53.95 -18.56
N VAL G 255 -12.66 -53.62 -17.29
CA VAL G 255 -13.68 -53.93 -16.29
C VAL G 255 -14.24 -52.63 -15.72
N THR G 256 -15.55 -52.57 -15.60
CA THR G 256 -16.18 -51.39 -15.02
C THR G 256 -16.45 -51.70 -13.55
N PHE G 257 -16.04 -50.76 -12.71
CA PHE G 257 -16.15 -50.89 -11.28
C PHE G 257 -17.52 -50.62 -10.67
N GLN G 258 -17.97 -51.55 -9.82
CA GLN G 258 -19.26 -51.40 -9.15
C GLN G 258 -19.01 -50.60 -7.88
N GLY G 259 -18.87 -49.29 -8.06
CA GLY G 259 -18.60 -48.38 -6.96
C GLY G 259 -18.17 -47.08 -7.58
N THR G 260 -17.70 -46.14 -6.77
CA THR G 260 -17.24 -44.88 -7.33
C THR G 260 -15.75 -44.67 -7.05
N ARG G 261 -15.09 -44.06 -8.02
CA ARG G 261 -13.67 -43.79 -7.94
C ARG G 261 -13.44 -42.32 -7.68
N TYR G 262 -12.54 -42.02 -6.76
CA TYR G 262 -12.20 -40.65 -6.44
C TYR G 262 -10.75 -40.42 -6.84
N ASP G 263 -10.52 -39.37 -7.61
CA ASP G 263 -9.18 -39.06 -8.05
C ASP G 263 -8.46 -38.21 -7.03
N CYS G 264 -7.84 -38.86 -6.05
CA CYS G 264 -7.10 -38.14 -5.03
C CYS G 264 -5.79 -37.64 -5.61
N GLY G 265 -5.70 -37.66 -6.94
CA GLY G 265 -4.53 -37.16 -7.60
C GLY G 265 -4.62 -35.65 -7.59
N ASP G 266 -5.84 -35.14 -7.50
CA ASP G 266 -6.05 -33.70 -7.45
C ASP G 266 -6.82 -33.34 -6.18
N LYS G 267 -6.54 -32.17 -5.65
CA LYS G 267 -7.13 -31.68 -4.40
C LYS G 267 -8.63 -31.85 -4.20
N ALA G 268 -9.43 -31.46 -5.18
CA ALA G 268 -10.87 -31.59 -5.03
C ALA G 268 -11.28 -33.05 -4.81
N GLY G 269 -10.65 -33.96 -5.54
CA GLY G 269 -10.99 -35.36 -5.40
C GLY G 269 -10.66 -35.89 -4.03
N PHE G 270 -9.52 -35.43 -3.50
CA PHE G 270 -9.05 -35.85 -2.17
C PHE G 270 -10.08 -35.45 -1.11
N ILE G 271 -10.56 -34.22 -1.21
CA ILE G 271 -11.54 -33.72 -0.28
C ILE G 271 -12.85 -34.48 -0.42
N GLN G 272 -13.28 -34.67 -1.65
CA GLN G 272 -14.51 -35.39 -1.93
C GLN G 272 -14.46 -36.80 -1.38
N ALA G 273 -13.31 -37.45 -1.51
CA ALA G 273 -13.17 -38.81 -1.01
C ALA G 273 -13.28 -38.82 0.51
N ASN G 274 -12.69 -37.83 1.16
CA ASN G 274 -12.74 -37.73 2.61
C ASN G 274 -14.16 -37.54 3.11
N LEU G 275 -14.92 -36.74 2.38
CA LEU G 275 -16.30 -36.46 2.73
C LEU G 275 -17.16 -37.71 2.57
N ALA G 276 -16.99 -38.40 1.44
CA ALA G 276 -17.75 -39.60 1.15
C ALA G 276 -17.55 -40.68 2.20
N VAL G 277 -16.30 -40.96 2.54
CA VAL G 277 -16.01 -41.99 3.53
C VAL G 277 -16.53 -41.57 4.91
N ALA G 278 -16.38 -40.29 5.24
CA ALA G 278 -16.87 -39.79 6.53
C ALA G 278 -18.38 -40.03 6.65
N LEU G 279 -19.10 -39.75 5.57
CA LEU G 279 -20.55 -39.91 5.55
C LEU G 279 -20.97 -41.37 5.68
N SER G 280 -20.06 -42.28 5.35
CA SER G 280 -20.37 -43.70 5.43
C SER G 280 -20.03 -44.26 6.82
N ARG G 281 -19.41 -43.44 7.66
CA ARG G 281 -19.04 -43.84 9.01
C ARG G 281 -20.08 -43.47 10.04
N PRO G 282 -20.69 -44.49 10.68
CA PRO G 282 -21.71 -44.31 11.72
C PRO G 282 -21.37 -43.28 12.79
N ASP G 283 -20.12 -43.30 13.25
CA ASP G 283 -19.67 -42.38 14.31
C ASP G 283 -19.36 -40.97 13.84
N LEU G 284 -19.22 -40.76 12.54
CA LEU G 284 -18.86 -39.43 12.07
C LEU G 284 -19.95 -38.75 11.24
N GLU G 285 -20.75 -39.55 10.55
CA GLU G 285 -21.80 -39.02 9.68
C GLU G 285 -22.68 -37.95 10.33
N PRO G 286 -23.22 -38.22 11.52
CA PRO G 286 -24.06 -37.22 12.19
C PRO G 286 -23.43 -35.84 12.19
N ALA G 287 -22.31 -35.69 12.90
CA ALA G 287 -21.62 -34.41 13.02
C ALA G 287 -21.18 -33.82 11.68
N VAL G 288 -20.63 -34.67 10.81
CA VAL G 288 -20.16 -34.25 9.51
C VAL G 288 -21.30 -33.72 8.65
N ARG G 289 -22.38 -34.49 8.54
CA ARG G 289 -23.53 -34.08 7.75
C ARG G 289 -24.08 -32.76 8.27
N ALA G 290 -24.29 -32.70 9.58
CA ALA G 290 -24.80 -31.50 10.21
C ALA G 290 -23.97 -30.27 9.80
N PHE G 291 -22.65 -30.41 9.87
CA PHE G 291 -21.77 -29.32 9.51
C PHE G 291 -21.85 -29.01 8.01
N ALA G 292 -21.77 -30.06 7.20
CA ALA G 292 -21.81 -29.90 5.77
C ALA G 292 -22.96 -28.99 5.35
N VAL G 293 -24.17 -29.31 5.85
CA VAL G 293 -25.37 -28.54 5.52
C VAL G 293 -25.20 -27.06 5.82
N LYS G 294 -24.98 -26.78 7.08
CA LYS G 294 -24.76 -25.44 7.59
C LYS G 294 -23.76 -24.70 6.68
N ALA G 295 -22.58 -25.29 6.55
CA ALA G 295 -21.49 -24.73 5.75
C ALA G 295 -21.84 -24.43 4.28
N LEU G 296 -22.83 -25.12 3.74
CA LEU G 296 -23.19 -24.93 2.33
C LEU G 296 -24.14 -23.79 2.00
N GLY G 297 -24.86 -23.26 2.99
CA GLY G 297 -25.80 -22.20 2.71
C GLY G 297 -27.20 -22.78 2.55
N THR H 10 21.49 -81.36 -13.97
CA THR H 10 22.56 -80.32 -14.03
C THR H 10 22.62 -79.53 -12.74
N ILE H 11 23.13 -78.30 -12.82
CA ILE H 11 23.26 -77.44 -11.65
C ILE H 11 22.75 -76.05 -11.97
N LYS H 12 21.60 -75.72 -11.37
CA LYS H 12 20.95 -74.43 -11.59
C LYS H 12 21.87 -73.26 -11.31
N PRO H 13 21.84 -72.24 -12.18
CA PRO H 13 22.68 -71.05 -12.02
C PRO H 13 22.38 -70.38 -10.67
N LEU H 14 23.36 -69.66 -10.14
CA LEU H 14 23.19 -68.97 -8.87
C LEU H 14 22.99 -67.52 -9.27
N ARG H 15 21.79 -66.99 -9.07
CA ARG H 15 21.51 -65.60 -9.43
C ARG H 15 21.09 -64.68 -8.30
N LYS H 16 20.87 -65.25 -7.11
CA LYS H 16 20.39 -64.46 -5.97
C LYS H 16 21.13 -64.67 -4.65
N ALA H 17 21.20 -63.59 -3.87
CA ALA H 17 21.86 -63.62 -2.57
C ALA H 17 20.97 -63.00 -1.49
N VAL H 18 20.96 -63.61 -0.31
CA VAL H 18 20.16 -63.12 0.81
C VAL H 18 21.07 -62.57 1.90
N PHE H 19 20.81 -61.33 2.31
CA PHE H 19 21.62 -60.69 3.35
C PHE H 19 20.83 -60.42 4.63
N PRO H 20 21.04 -61.23 5.68
CA PRO H 20 20.30 -60.99 6.93
C PRO H 20 20.94 -59.75 7.57
N VAL H 21 20.20 -58.65 7.62
CA VAL H 21 20.72 -57.43 8.16
C VAL H 21 19.73 -56.77 9.12
N ALA H 22 19.15 -57.57 10.00
CA ALA H 22 18.18 -57.06 10.96
C ALA H 22 18.62 -57.18 12.42
N GLY H 23 19.92 -57.40 12.65
CA GLY H 23 20.41 -57.53 14.01
C GLY H 23 20.53 -56.20 14.75
N LEU H 24 20.45 -56.25 16.08
CA LEU H 24 20.57 -55.05 16.88
C LEU H 24 22.00 -54.82 17.36
N GLY H 25 22.92 -55.64 16.84
CA GLY H 25 24.33 -55.52 17.20
C GLY H 25 24.68 -55.07 18.61
N THR H 26 23.91 -55.52 19.60
CA THR H 26 24.12 -55.15 20.99
C THR H 26 25.57 -55.23 21.46
N ARG H 27 26.37 -56.03 20.79
CA ARG H 27 27.76 -56.19 21.19
C ARG H 27 28.65 -55.00 20.88
N PHE H 28 28.18 -54.12 20.01
CA PHE H 28 28.95 -52.93 19.66
C PHE H 28 28.42 -51.63 20.24
N LEU H 29 27.59 -51.73 21.27
CA LEU H 29 27.04 -50.54 21.91
C LEU H 29 28.15 -49.75 22.57
N PRO H 30 28.01 -48.42 22.64
CA PRO H 30 26.89 -47.60 22.15
C PRO H 30 26.92 -47.21 20.67
N ALA H 31 27.98 -47.60 19.96
CA ALA H 31 28.13 -47.26 18.55
C ALA H 31 26.94 -47.71 17.72
N THR H 32 26.36 -48.86 18.06
CA THR H 32 25.25 -49.37 17.29
C THR H 32 23.90 -49.05 17.92
N LYS H 33 23.87 -48.02 18.76
CA LYS H 33 22.63 -47.62 19.41
C LYS H 33 21.58 -47.13 18.42
N ALA H 34 22.03 -46.35 17.43
CA ALA H 34 21.15 -45.78 16.42
C ALA H 34 21.73 -45.92 15.02
N MET H 35 22.78 -46.71 14.90
CA MET H 35 23.45 -46.93 13.63
C MET H 35 23.51 -48.44 13.36
N PRO H 36 23.13 -48.85 12.14
CA PRO H 36 23.16 -50.29 11.81
C PRO H 36 24.58 -50.85 11.94
N LYS H 37 24.74 -51.96 12.63
CA LYS H 37 26.07 -52.53 12.77
C LYS H 37 26.64 -52.86 11.39
N GLU H 38 25.76 -53.14 10.42
CA GLU H 38 26.20 -53.46 9.07
C GLU H 38 26.78 -52.23 8.39
N MET H 39 26.60 -51.07 9.00
CA MET H 39 27.13 -49.85 8.42
C MET H 39 28.49 -49.48 8.99
N LEU H 40 28.97 -50.26 9.97
CA LEU H 40 30.27 -49.99 10.56
C LEU H 40 31.27 -50.08 9.42
N PRO H 41 32.21 -49.10 9.37
CA PRO H 41 33.20 -49.16 8.32
C PRO H 41 34.54 -49.83 8.61
N VAL H 42 35.01 -50.45 7.54
CA VAL H 42 36.34 -50.99 7.49
C VAL H 42 37.11 -50.03 6.64
N VAL H 43 37.56 -49.03 7.33
CA VAL H 43 38.40 -47.94 6.87
C VAL H 43 37.58 -46.95 6.04
N ASP H 44 37.16 -47.52 4.94
CA ASP H 44 36.37 -46.75 3.87
C ASP H 44 34.87 -46.84 3.56
N ARG H 45 34.51 -48.09 3.63
CA ARG H 45 33.20 -48.55 3.34
C ARG H 45 32.70 -49.46 4.38
N PRO H 46 31.38 -49.57 4.41
CA PRO H 46 30.82 -50.43 5.43
C PRO H 46 30.68 -51.88 5.10
N LEU H 47 30.56 -52.66 6.16
CA LEU H 47 30.43 -54.09 6.04
C LEU H 47 29.52 -54.57 4.89
N ILE H 48 28.29 -54.08 4.76
CA ILE H 48 27.45 -54.56 3.66
C ILE H 48 28.01 -54.28 2.31
N GLN H 49 28.66 -53.14 2.15
CA GLN H 49 29.25 -52.78 0.87
C GLN H 49 30.25 -53.86 0.46
N TYR H 50 31.10 -54.29 1.39
CA TYR H 50 32.07 -55.33 1.06
C TYR H 50 31.33 -56.60 0.70
N ALA H 51 30.25 -56.88 1.43
CA ALA H 51 29.46 -58.07 1.22
C ALA H 51 28.76 -58.10 -0.14
N VAL H 52 28.25 -56.97 -0.62
CA VAL H 52 27.59 -57.01 -1.92
C VAL H 52 28.63 -56.96 -3.03
N ASP H 53 29.75 -56.30 -2.78
CA ASP H 53 30.80 -56.26 -3.79
C ASP H 53 31.17 -57.72 -4.06
N GLU H 54 31.30 -58.47 -2.98
CA GLU H 54 31.67 -59.86 -3.03
C GLU H 54 30.67 -60.62 -3.90
N ALA H 55 29.37 -60.41 -3.64
CA ALA H 55 28.33 -61.08 -4.40
C ALA H 55 28.33 -60.72 -5.87
N VAL H 56 28.58 -59.45 -6.18
CA VAL H 56 28.64 -58.99 -7.56
C VAL H 56 29.76 -59.73 -8.29
N GLU H 57 30.90 -59.85 -7.63
CA GLU H 57 32.06 -60.53 -8.21
C GLU H 57 31.73 -61.97 -8.52
N ALA H 58 30.91 -62.59 -7.67
CA ALA H 58 30.52 -63.98 -7.84
C ALA H 58 29.38 -64.19 -8.86
N GLY H 59 29.05 -63.15 -9.61
CA GLY H 59 28.00 -63.27 -10.62
C GLY H 59 26.56 -63.21 -10.17
N ILE H 60 26.33 -62.73 -8.95
CA ILE H 60 24.97 -62.60 -8.44
C ILE H 60 24.33 -61.29 -8.94
N GLU H 61 23.07 -61.36 -9.38
CA GLU H 61 22.40 -60.17 -9.90
C GLU H 61 21.13 -59.79 -9.17
N GLN H 62 21.02 -60.18 -7.91
CA GLN H 62 19.83 -59.81 -7.18
C GLN H 62 20.09 -59.96 -5.71
N MET H 63 20.25 -58.81 -5.05
CA MET H 63 20.50 -58.81 -3.63
C MET H 63 19.15 -58.69 -2.92
N ILE H 64 18.96 -59.50 -1.89
CA ILE H 64 17.72 -59.49 -1.11
C ILE H 64 18.10 -59.18 0.34
N PHE H 65 17.79 -57.96 0.78
CA PHE H 65 18.09 -57.53 2.14
C PHE H 65 16.89 -57.75 3.05
N VAL H 66 17.03 -58.56 4.09
CA VAL H 66 15.93 -58.73 5.02
C VAL H 66 16.36 -57.87 6.22
N THR H 67 15.75 -56.69 6.33
CA THR H 67 16.09 -55.74 7.39
C THR H 67 15.16 -55.61 8.58
N GLY H 68 15.50 -54.68 9.47
CA GLY H 68 14.71 -54.45 10.66
C GLY H 68 14.26 -53.02 10.69
N ARG H 69 13.76 -52.54 11.83
CA ARG H 69 13.30 -51.16 11.93
C ARG H 69 14.57 -50.32 12.00
N GLY H 70 14.59 -49.04 12.32
CA GLY H 70 15.86 -48.34 12.37
C GLY H 70 17.04 -48.59 11.41
N LYS H 71 16.81 -49.17 10.23
CA LYS H 71 17.92 -49.42 9.31
C LYS H 71 17.79 -48.76 7.94
N SER H 72 17.28 -47.54 7.89
CA SER H 72 17.11 -46.86 6.62
C SER H 72 18.43 -46.51 5.93
N ALA H 73 19.51 -46.42 6.70
CA ALA H 73 20.80 -46.09 6.12
C ALA H 73 21.21 -47.17 5.11
N LEU H 74 20.89 -48.41 5.40
CA LEU H 74 21.23 -49.50 4.49
C LEU H 74 20.55 -49.31 3.16
N GLU H 75 19.34 -48.75 3.22
CA GLU H 75 18.58 -48.53 1.99
C GLU H 75 19.07 -47.30 1.24
N ASP H 76 19.36 -46.22 1.96
CA ASP H 76 19.84 -45.03 1.30
C ASP H 76 21.23 -45.20 0.70
N HIS H 77 22.08 -45.98 1.36
CA HIS H 77 23.42 -46.19 0.87
C HIS H 77 23.44 -46.74 -0.55
N PHE H 78 22.50 -47.62 -0.88
CA PHE H 78 22.49 -48.20 -2.22
C PHE H 78 21.57 -47.51 -3.22
N ASP H 79 21.32 -46.22 -3.02
CA ASP H 79 20.46 -45.47 -3.93
C ASP H 79 21.25 -44.23 -4.30
N ILE H 80 20.69 -43.36 -5.12
CA ILE H 80 21.40 -42.15 -5.48
C ILE H 80 21.38 -41.18 -4.29
N ALA H 81 22.53 -40.64 -3.95
CA ALA H 81 22.59 -39.68 -2.86
C ALA H 81 22.55 -38.34 -3.57
N TYR H 82 21.35 -37.95 -3.97
CA TYR H 82 21.17 -36.73 -4.73
C TYR H 82 21.98 -35.48 -4.36
N GLU H 83 21.74 -34.94 -3.16
CA GLU H 83 22.44 -33.73 -2.76
C GLU H 83 23.94 -33.87 -2.77
N LEU H 84 24.42 -35.00 -2.28
CA LEU H 84 25.86 -35.25 -2.26
C LEU H 84 26.47 -35.20 -3.65
N GLU H 85 25.93 -36.01 -4.57
CA GLU H 85 26.46 -36.07 -5.92
C GLU H 85 26.41 -34.72 -6.60
N ALA H 86 25.43 -33.91 -6.24
CA ALA H 86 25.30 -32.58 -6.84
C ALA H 86 26.37 -31.65 -6.28
N THR H 87 26.63 -31.74 -4.98
CA THR H 87 27.63 -30.89 -4.36
C THR H 87 29.03 -31.27 -4.82
N MET H 88 29.26 -32.56 -5.06
CA MET H 88 30.58 -32.98 -5.50
C MET H 88 30.79 -32.48 -6.92
N ALA H 89 29.74 -32.56 -7.74
CA ALA H 89 29.82 -32.11 -9.11
C ALA H 89 30.13 -30.62 -9.10
N ALA H 90 29.58 -29.91 -8.14
CA ALA H 90 29.81 -28.48 -8.03
C ALA H 90 31.22 -28.17 -7.52
N ARG H 91 32.05 -29.21 -7.38
CA ARG H 91 33.41 -29.01 -6.90
C ARG H 91 34.38 -29.87 -7.72
N GLY H 92 33.92 -30.25 -8.91
CA GLY H 92 34.74 -31.05 -9.79
C GLY H 92 35.28 -32.31 -9.18
N LYS H 93 34.60 -32.83 -8.16
CA LYS H 93 35.02 -34.08 -7.52
C LYS H 93 34.42 -35.28 -8.25
N SER H 94 35.27 -36.24 -8.61
CA SER H 94 34.83 -37.43 -9.31
C SER H 94 33.90 -38.26 -8.45
N LEU H 95 32.89 -38.84 -9.07
CA LEU H 95 31.95 -39.66 -8.33
C LEU H 95 32.38 -41.11 -8.42
N ASP H 96 33.59 -41.33 -8.93
CA ASP H 96 34.10 -42.68 -9.08
C ASP H 96 34.23 -43.39 -7.74
N VAL H 97 34.43 -42.58 -6.69
CA VAL H 97 34.53 -43.07 -5.32
C VAL H 97 33.26 -43.81 -4.95
N LEU H 98 32.18 -43.54 -5.68
CA LEU H 98 30.90 -44.17 -5.41
C LEU H 98 30.55 -45.32 -6.32
N ASP H 99 31.45 -45.71 -7.20
CA ASP H 99 31.15 -46.82 -8.10
C ASP H 99 30.95 -48.14 -7.35
N GLY H 100 29.84 -48.81 -7.61
CA GLY H 100 29.55 -50.08 -6.98
C GLY H 100 28.63 -49.87 -5.81
N THR H 101 28.32 -48.60 -5.60
CA THR H 101 27.48 -48.15 -4.52
C THR H 101 26.00 -48.25 -4.89
N ARG H 102 25.73 -48.22 -6.18
CA ARG H 102 24.36 -48.38 -6.63
C ARG H 102 24.25 -49.34 -7.79
N LEU H 103 23.32 -50.25 -7.65
CA LEU H 103 23.09 -51.25 -8.67
C LEU H 103 21.92 -50.85 -9.56
N LYS H 104 21.60 -51.73 -10.50
CA LYS H 104 20.52 -51.51 -11.44
C LYS H 104 19.22 -51.52 -10.64
N PRO H 105 18.29 -50.61 -10.98
CA PRO H 105 17.00 -50.55 -10.28
C PRO H 105 16.35 -51.93 -10.19
N GLY H 106 15.91 -52.31 -9.00
CA GLY H 106 15.28 -53.61 -8.82
C GLY H 106 16.24 -54.69 -8.36
N ASN H 107 17.54 -54.47 -8.57
CA ASN H 107 18.53 -55.46 -8.18
C ASN H 107 18.71 -55.63 -6.68
N ILE H 108 18.20 -54.69 -5.90
CA ILE H 108 18.28 -54.81 -4.45
C ILE H 108 16.88 -54.67 -3.91
N ALA H 109 16.38 -55.73 -3.28
CA ALA H 109 15.04 -55.75 -2.73
C ALA H 109 15.11 -55.85 -1.20
N TYR H 110 14.16 -55.21 -0.53
CA TYR H 110 14.12 -55.21 0.92
C TYR H 110 12.80 -55.77 1.45
N VAL H 111 12.87 -56.51 2.54
CA VAL H 111 11.70 -57.06 3.19
C VAL H 111 11.99 -56.97 4.68
N ARG H 112 11.01 -56.53 5.47
CA ARG H 112 11.20 -56.39 6.90
C ARG H 112 10.97 -57.71 7.60
N GLN H 113 11.90 -58.05 8.50
CA GLN H 113 11.81 -59.29 9.26
C GLN H 113 10.69 -59.20 10.30
N GLN H 114 10.37 -57.98 10.73
CA GLN H 114 9.31 -57.71 11.70
C GLN H 114 9.64 -58.14 13.12
N GLU H 115 10.00 -59.41 13.27
CA GLU H 115 10.32 -60.03 14.56
C GLU H 115 11.73 -60.62 14.54
N PRO H 116 12.53 -60.32 15.57
CA PRO H 116 13.92 -60.79 15.71
C PRO H 116 13.96 -62.26 16.11
N MET H 117 13.77 -63.17 15.16
CA MET H 117 13.76 -64.59 15.48
C MET H 117 14.93 -65.44 14.99
N GLY H 118 16.04 -64.82 14.64
CA GLY H 118 17.17 -65.62 14.19
C GLY H 118 17.38 -65.78 12.70
N LEU H 119 18.51 -66.40 12.37
CA LEU H 119 18.94 -66.62 10.99
C LEU H 119 17.99 -67.42 10.10
N GLY H 120 17.48 -68.53 10.61
CA GLY H 120 16.58 -69.34 9.83
C GLY H 120 15.35 -68.53 9.43
N HIS H 121 14.74 -67.89 10.43
CA HIS H 121 13.55 -67.07 10.20
C HIS H 121 13.84 -66.01 9.14
N ALA H 122 14.96 -65.32 9.29
CA ALA H 122 15.35 -64.27 8.37
C ALA H 122 15.43 -64.79 6.94
N VAL H 123 16.13 -65.90 6.74
CA VAL H 123 16.28 -66.50 5.42
C VAL H 123 14.89 -66.86 4.86
N TRP H 124 14.06 -67.40 5.74
CA TRP H 124 12.69 -67.77 5.41
C TRP H 124 11.91 -66.57 4.86
N CYS H 125 12.26 -65.36 5.32
CA CYS H 125 11.56 -64.15 4.87
C CYS H 125 11.75 -63.85 3.38
N ALA H 126 12.77 -64.44 2.78
CA ALA H 126 13.03 -64.19 1.36
C ALA H 126 12.45 -65.28 0.46
N ARG H 127 11.74 -66.23 1.06
CA ARG H 127 11.15 -67.35 0.33
C ARG H 127 10.47 -67.04 -1.00
N ASP H 128 9.58 -66.06 -1.03
CA ASP H 128 8.91 -65.76 -2.27
C ASP H 128 9.74 -64.96 -3.28
N ILE H 129 10.84 -64.36 -2.84
CA ILE H 129 11.69 -63.59 -3.77
C ILE H 129 12.63 -64.58 -4.46
N VAL H 130 13.08 -65.57 -3.68
CA VAL H 130 13.97 -66.61 -4.17
C VAL H 130 13.20 -67.58 -5.06
N GLY H 131 12.10 -68.10 -4.52
CA GLY H 131 11.28 -69.01 -5.29
C GLY H 131 11.94 -70.36 -5.44
N ASP H 132 11.81 -70.96 -6.62
CA ASP H 132 12.41 -72.26 -6.86
C ASP H 132 13.74 -72.06 -7.54
N GLU H 133 14.72 -71.58 -6.78
CA GLU H 133 16.04 -71.32 -7.31
C GLU H 133 17.07 -71.43 -6.21
N PRO H 134 18.33 -71.68 -6.58
CA PRO H 134 19.35 -71.79 -5.54
C PRO H 134 19.71 -70.36 -5.12
N PHE H 135 20.13 -70.19 -3.87
CA PHE H 135 20.48 -68.85 -3.38
C PHE H 135 21.68 -68.84 -2.46
N ALA H 136 22.33 -67.69 -2.36
CA ALA H 136 23.47 -67.53 -1.47
C ALA H 136 23.01 -66.75 -0.23
N VAL H 137 23.81 -66.84 0.84
CA VAL H 137 23.51 -66.15 2.07
C VAL H 137 24.83 -65.59 2.60
N LEU H 138 24.86 -64.28 2.87
CA LEU H 138 26.07 -63.65 3.38
C LEU H 138 25.84 -62.88 4.65
N LEU H 139 26.61 -63.17 5.68
CA LEU H 139 26.49 -62.45 6.95
C LEU H 139 27.65 -61.47 6.92
N PRO H 140 27.36 -60.19 6.71
CA PRO H 140 28.42 -59.15 6.66
C PRO H 140 29.36 -59.00 7.85
N ASP H 141 29.01 -59.53 9.02
CA ASP H 141 29.93 -59.39 10.15
C ASP H 141 31.18 -60.19 9.89
N ASP H 142 31.07 -61.23 9.07
CA ASP H 142 32.21 -62.04 8.71
C ASP H 142 32.86 -61.36 7.52
N PHE H 143 33.84 -60.52 7.84
CA PHE H 143 34.57 -59.79 6.83
C PHE H 143 35.58 -60.77 6.23
N MET H 144 35.41 -61.09 4.94
CA MET H 144 36.28 -62.03 4.23
C MET H 144 37.28 -61.27 3.39
N PHE H 145 38.53 -61.25 3.85
CA PHE H 145 39.56 -60.54 3.13
C PHE H 145 40.37 -61.51 2.26
N GLY H 146 40.34 -61.28 0.94
CA GLY H 146 41.07 -62.13 0.03
C GLY H 146 40.74 -61.92 -1.43
N GLN H 147 41.56 -62.50 -2.30
CA GLN H 147 41.38 -62.36 -3.75
C GLN H 147 41.56 -63.76 -4.38
N PRO H 148 40.52 -64.28 -5.06
CA PRO H 148 39.21 -63.67 -5.31
C PRO H 148 38.33 -63.75 -4.05
N GLY H 149 37.28 -62.94 -4.01
CA GLY H 149 36.39 -62.94 -2.86
C GLY H 149 35.83 -64.30 -2.48
N CYS H 150 35.48 -64.47 -1.21
CA CYS H 150 34.93 -65.72 -0.73
C CYS H 150 33.82 -66.33 -1.58
N LEU H 151 32.80 -65.53 -1.87
CA LEU H 151 31.67 -66.02 -2.65
C LEU H 151 32.10 -66.50 -4.04
N LYS H 152 33.01 -65.76 -4.68
CA LYS H 152 33.48 -66.16 -6.00
C LYS H 152 34.17 -67.52 -5.92
N GLN H 153 35.06 -67.68 -4.96
CA GLN H 153 35.75 -68.94 -4.79
C GLN H 153 34.72 -70.04 -4.63
N MET H 154 33.70 -69.78 -3.81
CA MET H 154 32.63 -70.76 -3.57
C MET H 154 31.79 -71.08 -4.80
N VAL H 155 31.43 -70.05 -5.57
CA VAL H 155 30.63 -70.29 -6.75
C VAL H 155 31.45 -71.08 -7.77
N ASP H 156 32.76 -70.88 -7.77
CA ASP H 156 33.63 -71.59 -8.69
C ASP H 156 33.51 -73.08 -8.41
N ALA H 157 33.45 -73.42 -7.14
CA ALA H 157 33.31 -74.82 -6.72
C ALA H 157 31.90 -75.30 -6.99
N TYR H 158 30.94 -74.40 -6.90
CA TYR H 158 29.55 -74.74 -7.12
C TYR H 158 29.31 -75.20 -8.55
N ASN H 159 29.84 -74.43 -9.50
CA ASN H 159 29.68 -74.76 -10.91
C ASN H 159 30.29 -76.12 -11.28
N LYS H 160 30.97 -76.75 -10.34
CA LYS H 160 31.58 -78.05 -10.59
C LYS H 160 30.85 -79.16 -9.85
N VAL H 161 30.58 -78.94 -8.58
CA VAL H 161 29.92 -79.95 -7.75
C VAL H 161 28.44 -79.71 -7.50
N GLY H 162 27.98 -78.47 -7.62
CA GLY H 162 26.58 -78.17 -7.39
C GLY H 162 26.16 -78.46 -5.96
N GLY H 163 24.86 -78.59 -5.73
CA GLY H 163 24.37 -78.88 -4.39
C GLY H 163 24.47 -77.70 -3.43
N ASN H 164 24.80 -77.99 -2.18
CA ASN H 164 24.93 -76.99 -1.14
C ASN H 164 26.38 -76.82 -0.68
N LEU H 165 26.78 -75.59 -0.43
CA LEU H 165 28.14 -75.32 0.03
C LEU H 165 28.14 -74.24 1.11
N ILE H 166 29.10 -74.35 2.02
CA ILE H 166 29.25 -73.35 3.08
C ILE H 166 30.73 -73.16 3.29
N CYS H 167 31.09 -71.99 3.83
CA CYS H 167 32.49 -71.68 4.08
C CYS H 167 32.87 -72.33 5.41
N ALA H 168 34.01 -73.00 5.43
CA ALA H 168 34.44 -73.64 6.66
C ALA H 168 35.86 -73.24 7.03
N GLU H 169 36.17 -73.31 8.33
CA GLU H 169 37.50 -72.99 8.82
C GLU H 169 37.66 -73.42 10.28
N LEU H 191 37.86 -78.33 -0.91
CA LEU H 191 36.54 -78.86 -0.57
C LEU H 191 36.67 -80.03 0.40
N THR H 192 35.61 -80.26 1.16
CA THR H 192 35.57 -81.35 2.12
C THR H 192 34.11 -81.64 2.36
N GLU H 193 33.71 -82.91 2.19
CA GLU H 193 32.32 -83.31 2.36
C GLU H 193 31.82 -83.19 3.80
N VAL H 194 30.62 -82.65 3.96
CA VAL H 194 30.03 -82.50 5.29
C VAL H 194 29.05 -83.65 5.53
N LYS H 195 29.39 -84.51 6.49
CA LYS H 195 28.57 -85.67 6.82
C LYS H 195 27.56 -85.37 7.92
N GLY H 196 27.75 -84.25 8.60
CA GLY H 196 26.85 -83.90 9.68
C GLY H 196 27.18 -82.55 10.25
N LEU H 197 26.25 -82.00 11.03
CA LEU H 197 26.45 -80.68 11.62
C LEU H 197 25.50 -80.38 12.79
N VAL H 212 31.85 -73.50 10.75
CA VAL H 212 30.93 -72.87 9.79
C VAL H 212 31.00 -71.35 9.77
N ILE H 213 31.19 -70.77 8.59
CA ILE H 213 31.24 -69.33 8.47
C ILE H 213 30.07 -68.76 7.66
N GLY H 214 29.75 -67.49 7.94
CA GLY H 214 28.65 -66.81 7.27
C GLY H 214 28.60 -66.68 5.77
N ARG H 215 28.87 -67.76 5.05
CA ARG H 215 28.81 -67.75 3.60
C ARG H 215 28.18 -69.07 3.16
N TYR H 216 26.99 -68.99 2.54
CA TYR H 216 26.29 -70.19 2.10
C TYR H 216 25.80 -70.11 0.65
N ILE H 217 25.62 -71.28 0.05
CA ILE H 217 25.06 -71.43 -1.28
C ILE H 217 24.10 -72.60 -1.04
N LEU H 218 22.80 -72.33 -1.09
CA LEU H 218 21.84 -73.38 -0.82
C LEU H 218 20.85 -73.64 -1.95
N GLN H 219 20.31 -74.85 -1.96
CA GLN H 219 19.33 -75.27 -2.96
C GLN H 219 17.93 -74.90 -2.47
N PRO H 220 17.00 -74.64 -3.40
CA PRO H 220 15.62 -74.27 -3.08
C PRO H 220 14.92 -75.20 -2.10
N GLU H 221 15.35 -76.45 -2.06
CA GLU H 221 14.71 -77.39 -1.14
C GLU H 221 14.92 -76.97 0.31
N VAL H 222 15.94 -76.17 0.58
CA VAL H 222 16.20 -75.71 1.94
C VAL H 222 15.16 -74.70 2.35
N MET H 223 14.68 -73.91 1.38
CA MET H 223 13.64 -72.91 1.65
C MET H 223 12.39 -73.68 2.05
N ARG H 224 12.03 -74.67 1.22
CA ARG H 224 10.86 -75.50 1.45
C ARG H 224 10.86 -76.11 2.82
N ILE H 225 12.01 -76.62 3.25
CA ILE H 225 12.11 -77.25 4.53
C ILE H 225 11.95 -76.22 5.67
N LEU H 226 12.28 -74.96 5.38
CA LEU H 226 12.16 -73.89 6.36
C LEU H 226 10.70 -73.47 6.50
N GLU H 227 10.01 -73.37 5.37
CA GLU H 227 8.60 -72.99 5.37
C GLU H 227 7.80 -74.01 6.18
N ASN H 228 8.06 -75.28 5.92
CA ASN H 228 7.39 -76.38 6.60
C ASN H 228 7.57 -76.27 8.12
N GLN H 238 14.54 -72.93 11.97
CA GLN H 238 15.85 -73.38 12.44
C GLN H 238 16.74 -73.87 11.28
N LEU H 239 17.55 -72.94 10.77
CA LEU H 239 18.41 -73.14 9.62
C LEU H 239 19.34 -74.33 9.62
N THR H 240 20.27 -74.29 10.57
CA THR H 240 21.23 -75.37 10.64
C THR H 240 20.54 -76.68 10.52
N ASP H 241 19.66 -76.95 11.48
CA ASP H 241 19.02 -78.23 11.44
C ASP H 241 18.12 -78.41 10.27
N ALA H 242 18.26 -77.59 9.25
CA ALA H 242 17.41 -77.79 8.09
C ALA H 242 18.34 -78.19 6.99
N MET H 243 19.55 -77.63 7.05
CA MET H 243 20.58 -77.94 6.07
C MET H 243 20.90 -79.42 6.20
N GLN H 244 20.91 -79.93 7.42
CA GLN H 244 21.24 -81.33 7.65
C GLN H 244 20.25 -82.30 7.03
N ARG H 245 18.97 -81.96 7.03
CA ARG H 245 17.99 -82.84 6.40
C ARG H 245 18.31 -83.00 4.93
N MET H 246 19.39 -82.35 4.50
CA MET H 246 19.84 -82.39 3.11
C MET H 246 21.18 -83.09 2.98
N ILE H 247 21.41 -84.09 3.82
CA ILE H 247 22.65 -84.85 3.82
C ILE H 247 22.72 -85.93 2.74
N GLY H 248 21.89 -86.96 2.84
CA GLY H 248 21.86 -88.02 1.81
C GLY H 248 21.24 -87.18 0.72
N ASP H 249 20.69 -87.57 -0.39
CA ASP H 249 20.10 -86.54 -1.27
C ASP H 249 20.90 -85.53 -2.11
N GLN H 250 21.69 -84.65 -1.48
CA GLN H 250 22.42 -83.67 -2.30
C GLN H 250 23.87 -83.43 -1.90
N PRO H 251 24.74 -83.15 -2.89
CA PRO H 251 26.14 -82.91 -2.56
C PRO H 251 26.26 -81.70 -1.63
N PHE H 252 26.86 -81.94 -0.47
CA PHE H 252 27.04 -80.90 0.52
C PHE H 252 28.52 -80.82 0.88
N HIS H 253 29.16 -79.70 0.53
CA HIS H 253 30.58 -79.54 0.80
C HIS H 253 30.95 -78.28 1.56
N GLY H 254 32.07 -78.36 2.26
CA GLY H 254 32.58 -77.23 3.01
C GLY H 254 33.69 -76.65 2.16
N VAL H 255 33.75 -75.34 2.06
CA VAL H 255 34.78 -74.69 1.27
C VAL H 255 35.72 -73.90 2.17
N THR H 256 37.01 -74.04 1.95
CA THR H 256 37.95 -73.28 2.77
C THR H 256 38.37 -72.07 1.94
N PHE H 257 38.31 -70.92 2.58
CA PHE H 257 38.60 -69.63 1.96
C PHE H 257 40.09 -69.31 1.78
N GLN H 258 40.45 -68.94 0.57
CA GLN H 258 41.82 -68.59 0.28
C GLN H 258 41.99 -67.13 0.62
N GLY H 259 42.11 -66.88 1.91
CA GLY H 259 42.28 -65.54 2.40
C GLY H 259 42.03 -65.62 3.90
N THR H 260 41.94 -64.48 4.56
CA THR H 260 41.69 -64.47 5.99
C THR H 260 40.34 -63.82 6.32
N ARG H 261 39.69 -64.37 7.33
CA ARG H 261 38.40 -63.89 7.76
C ARG H 261 38.50 -63.16 9.10
N TYR H 262 37.79 -62.03 9.20
CA TYR H 262 37.78 -61.25 10.43
C TYR H 262 36.38 -61.19 10.98
N ASP H 263 36.26 -61.49 12.26
CA ASP H 263 34.96 -61.47 12.90
C ASP H 263 34.65 -60.07 13.35
N CYS H 264 34.10 -59.25 12.46
CA CYS H 264 33.80 -57.90 12.85
C CYS H 264 32.58 -57.92 13.74
N GLY H 265 32.30 -59.09 14.28
CA GLY H 265 31.18 -59.23 15.17
C GLY H 265 31.63 -58.85 16.57
N ASP H 266 32.91 -59.03 16.85
CA ASP H 266 33.44 -58.66 18.14
C ASP H 266 34.44 -57.52 17.90
N LYS H 267 34.51 -56.60 18.85
CA LYS H 267 35.38 -55.42 18.77
C LYS H 267 36.83 -55.65 18.35
N ALA H 268 37.48 -56.67 18.89
CA ALA H 268 38.86 -56.95 18.52
C ALA H 268 38.98 -57.24 17.02
N GLY H 269 38.05 -58.04 16.51
CA GLY H 269 38.05 -58.40 15.10
C GLY H 269 37.85 -57.20 14.20
N PHE H 270 36.94 -56.32 14.59
CA PHE H 270 36.66 -55.10 13.82
C PHE H 270 37.94 -54.26 13.68
N ILE H 271 38.64 -54.08 14.80
CA ILE H 271 39.86 -53.30 14.83
C ILE H 271 40.95 -53.96 13.98
N GLN H 272 41.10 -55.27 14.14
CA GLN H 272 42.08 -56.04 13.37
C GLN H 272 41.80 -55.91 11.86
N ALA H 273 40.53 -56.02 11.48
CA ALA H 273 40.16 -55.90 10.08
C ALA H 273 40.54 -54.53 9.55
N ASN H 274 40.32 -53.48 10.33
CA ASN H 274 40.65 -52.12 9.92
C ASN H 274 42.13 -51.94 9.71
N LEU H 275 42.93 -52.56 10.57
CA LEU H 275 44.37 -52.43 10.46
C LEU H 275 44.87 -53.16 9.22
N ALA H 276 44.35 -54.38 9.03
CA ALA H 276 44.71 -55.22 7.91
C ALA H 276 44.49 -54.50 6.58
N VAL H 277 43.27 -54.00 6.40
CA VAL H 277 42.93 -53.30 5.17
C VAL H 277 43.77 -52.03 5.01
N ALA H 278 43.98 -51.31 6.10
CA ALA H 278 44.75 -50.07 6.05
C ALA H 278 46.18 -50.34 5.59
N LEU H 279 46.75 -51.45 6.07
CA LEU H 279 48.10 -51.82 5.69
C LEU H 279 48.21 -52.25 4.24
N SER H 280 47.08 -52.62 3.63
CA SER H 280 47.08 -53.04 2.24
C SER H 280 46.82 -51.86 1.29
N ARG H 281 46.56 -50.67 1.84
CA ARG H 281 46.30 -49.49 1.03
C ARG H 281 47.56 -48.63 0.88
N PRO H 282 48.08 -48.54 -0.35
CA PRO H 282 49.28 -47.76 -0.67
C PRO H 282 49.33 -46.35 -0.07
N ASP H 283 48.19 -45.68 -0.01
CA ASP H 283 48.14 -44.33 0.51
C ASP H 283 48.04 -44.24 2.04
N LEU H 284 47.76 -45.36 2.68
CA LEU H 284 47.61 -45.36 4.13
C LEU H 284 48.71 -46.12 4.86
N GLU H 285 49.20 -47.21 4.26
CA GLU H 285 50.21 -48.03 4.90
C GLU H 285 51.39 -47.28 5.51
N PRO H 286 52.02 -46.38 4.76
CA PRO H 286 53.15 -45.64 5.31
C PRO H 286 52.86 -45.08 6.70
N ALA H 287 51.91 -44.15 6.77
CA ALA H 287 51.55 -43.51 8.03
C ALA H 287 51.04 -44.49 9.07
N VAL H 288 50.21 -45.44 8.65
CA VAL H 288 49.65 -46.41 9.59
C VAL H 288 50.71 -47.31 10.21
N ARG H 289 51.58 -47.87 9.38
CA ARG H 289 52.61 -48.75 9.91
C ARG H 289 53.57 -47.97 10.80
N ALA H 290 53.98 -46.79 10.37
CA ALA H 290 54.89 -45.98 11.19
C ALA H 290 54.28 -45.77 12.58
N PHE H 291 53.00 -45.43 12.64
CA PHE H 291 52.35 -45.23 13.93
C PHE H 291 52.22 -46.54 14.70
N ALA H 292 51.77 -47.58 14.02
CA ALA H 292 51.59 -48.86 14.70
C ALA H 292 52.85 -49.28 15.43
N VAL H 293 53.98 -49.25 14.76
CA VAL H 293 55.23 -49.68 15.41
C VAL H 293 55.54 -48.86 16.66
N LYS H 294 55.48 -47.55 16.52
CA LYS H 294 55.71 -46.62 17.61
C LYS H 294 54.79 -46.97 18.78
N ALA H 295 53.49 -47.00 18.48
CA ALA H 295 52.45 -47.27 19.46
C ALA H 295 52.56 -48.57 20.23
N LEU H 296 53.26 -49.56 19.71
CA LEU H 296 53.31 -50.75 20.54
C LEU H 296 54.60 -51.08 21.27
N GLY H 297 55.44 -50.09 21.51
CA GLY H 297 56.66 -50.32 22.25
C GLY H 297 57.78 -50.96 21.45
C1 G1P I . 10.64 36.26 6.85
C2 G1P I . 10.98 35.88 8.31
C3 G1P I . 12.01 34.75 8.32
C4 G1P I . 11.39 33.54 7.59
C5 G1P I . 11.07 33.98 6.14
C6 G1P I . 10.46 32.80 5.38
O1 G1P I . 11.80 36.82 6.20
O2 G1P I . 11.50 37.03 9.00
O3 G1P I . 12.32 34.39 9.67
O4 G1P I . 12.33 32.47 7.58
O5 G1P I . 10.13 35.09 6.14
O6 G1P I . 10.16 33.18 4.04
P G1P I . 11.29 37.87 5.07
O1P G1P I . 10.48 38.95 5.68
O2P G1P I . 12.56 38.52 4.32
O3P G1P I . 10.40 37.10 3.97
C1 G1P J . -15.16 58.52 -30.37
C2 G1P J . -15.08 58.29 -31.90
C3 G1P J . -15.77 59.48 -32.61
C4 G1P J . -17.24 59.51 -32.15
C5 G1P J . -17.27 59.68 -30.61
C6 G1P J . -18.73 59.70 -30.13
O1 G1P J . -14.49 59.78 -30.05
O2 G1P J . -13.71 58.24 -32.30
O3 G1P J . -15.70 59.30 -34.03
O4 G1P J . -17.90 60.61 -32.78
O5 G1P J . -16.57 58.57 -29.96
O6 G1P J . -18.75 59.85 -28.70
P G1P J . -14.11 59.81 -28.47
O1P G1P J . -13.21 58.68 -28.14
O2P G1P J . -13.37 61.20 -28.14
O3P G1P J . -15.45 59.71 -27.57
C1 G1P K . -16.36 13.14 -19.13
C2 G1P K . -16.98 12.34 -20.30
C3 G1P K . -16.56 10.86 -20.14
C4 G1P K . -15.05 10.79 -20.22
C5 G1P K . -14.46 11.65 -19.07
C6 G1P K . -12.92 11.62 -19.15
O1 G1P K . -16.89 12.66 -17.88
O2 G1P K . -18.41 12.45 -20.22
O3 G1P K . -17.12 10.10 -21.20
O4 G1P K . -14.62 9.44 -20.09
O5 G1P K . -14.91 13.03 -19.20
O6 G1P K . -12.36 12.40 -18.10
P G1P K . -16.41 13.60 -16.66
O1P G1P K . -16.83 15.01 -16.90
O2P G1P K . -17.04 13.05 -15.30
O3P G1P K . -14.80 13.55 -16.51
C1 G1P L . -32.15 52.84 10.71
C2 G1P L . -32.57 53.02 12.19
C3 G1P L . -33.87 53.84 12.22
C4 G1P L . -33.58 55.19 11.58
C5 G1P L . -33.11 54.96 10.11
C6 G1P L . -32.80 56.31 9.45
O1 G1P L . -33.20 52.15 9.99
O2 G1P L . -32.80 51.74 12.79
O3 G1P L . -34.28 54.03 13.58
O4 G1P L . -34.78 55.98 11.59
O5 G1P L . -31.91 54.15 10.10
O6 G1P L . -32.35 56.12 8.11
P G1P L . -32.62 51.61 8.57
O1P G1P L . -31.48 50.68 8.79
O2P G1P L . -33.80 50.82 7.80
O3P G1P L . -32.14 52.84 7.66
C1 G1P M . 39.42 -24.95 11.24
C2 G1P M . 40.08 -23.57 11.47
C3 G1P M . 41.61 -23.73 11.34
C4 G1P M . 42.07 -24.74 12.40
C5 G1P M . 41.34 -26.08 12.14
C6 G1P M . 41.78 -27.10 13.21
O1 G1P M . 39.73 -25.41 9.89
O2 G1P M . 39.62 -22.63 10.50
O3 G1P M . 42.24 -22.47 11.56
O4 G1P M . 43.49 -24.91 12.31
O5 G1P M . 39.91 -25.90 12.23
O6 G1P M . 41.12 -28.35 12.98
P G1P M . 38.84 -26.71 9.49
O1P G1P M . 37.39 -26.42 9.59
O2P G1P M . 39.22 -27.15 8.01
O3P G1P M . 39.19 -27.95 10.48
C1 G1P N . -5.17 -30.31 26.87
C2 G1P N . -4.10 -30.10 27.97
C3 G1P N . -4.76 -29.58 29.25
C4 G1P N . -5.47 -28.25 28.92
C5 G1P N . -6.55 -28.56 27.84
C6 G1P N . -7.31 -27.29 27.48
O1 G1P N . -6.06 -31.39 27.18
O2 G1P N . -3.41 -31.33 28.22
O3 G1P N . -3.74 -29.36 30.25
O4 G1P N . -6.11 -27.74 30.11
O5 G1P N . -5.91 -29.08 26.63
O6 G1P N . -8.28 -27.60 26.48
P G1P N . -5.93 -32.48 25.98
O1P G1P N . -4.54 -32.97 25.90
O2P G1P N . -6.92 -33.70 26.25
O3P G1P N . -6.31 -31.78 24.58
C1 G1P O . -2.04 -43.49 -15.52
C2 G1P O . -1.10 -44.56 -16.10
C3 G1P O . -1.13 -44.52 -17.64
C4 G1P O . -2.57 -44.78 -18.09
C5 G1P O . -3.47 -43.67 -17.49
C6 G1P O . -4.91 -43.91 -17.92
O1 G1P O . -1.59 -42.16 -15.85
O2 G1P O . 0.22 -44.32 -15.62
O3 G1P O . -0.26 -45.53 -18.18
O4 G1P O . -2.65 -44.74 -19.52
O5 G1P O . -3.41 -43.70 -16.02
O6 G1P O . -5.75 -42.91 -17.37
P G1P O . -1.03 -41.43 -14.49
O1P G1P O . 0.09 -42.24 -13.90
O2P G1P O . -0.51 -39.96 -14.85
O3P G1P O . -2.22 -41.32 -13.39
C1 G1P P . 25.85 -67.09 13.24
C2 G1P P . 25.23 -68.48 13.50
C3 G1P P . 26.36 -69.50 13.77
C4 G1P P . 27.27 -69.53 12.52
C5 G1P P . 27.85 -68.11 12.31
C6 G1P P . 28.75 -68.12 11.06
O1 G1P P . 26.55 -66.59 14.39
O2 G1P P . 24.37 -68.40 14.64
O3 G1P P . 25.80 -70.78 14.00
O4 G1P P . 28.32 -70.47 12.73
O5 G1P P . 26.76 -67.15 12.10
O6 G1P P . 29.28 -66.81 10.86
P G1P P . 25.94 -65.13 14.76
O1P G1P P . 24.49 -65.26 15.07
O2P G1P P . 26.70 -64.52 16.05
O3P G1P P . 26.13 -64.12 13.52
#